data_1PJW
#
_entry.id   1PJW
#
_entity_poly.entity_id   1
_entity_poly.type   'polypeptide(L)'
_entity_poly.pdbx_seq_one_letter_code
;DKLALKGTTYGMCTEKFSFAKNPADTGHGTVVIELSYSGSDGPCKIPIVSVASLNDMTPVGRLVTVNPFVATSSANSKVL
VEMEPPFGDSYIVVGMGDKQINHHWHKAGST
;
_entity_poly.pdbx_strand_id   A
#
# COMPACT_ATOMS: atom_id res chain seq x y z
N ASP A 1 -5.88 -9.26 19.34
CA ASP A 1 -6.06 -8.57 20.65
C ASP A 1 -4.86 -7.66 20.95
N LYS A 2 -3.69 -8.23 21.02
CA LYS A 2 -2.48 -7.40 21.32
C LYS A 2 -1.62 -7.28 20.05
N LEU A 3 -1.19 -6.08 19.74
CA LEU A 3 -0.35 -5.89 18.52
C LEU A 3 0.91 -5.09 18.87
N ALA A 4 2.02 -5.76 19.01
CA ALA A 4 3.28 -5.04 19.36
C ALA A 4 4.12 -4.82 18.09
N LEU A 5 4.43 -3.58 17.78
CA LEU A 5 5.25 -3.31 16.56
C LEU A 5 6.66 -2.87 16.96
N LYS A 6 7.62 -3.73 16.77
CA LYS A 6 9.02 -3.37 17.14
C LYS A 6 9.84 -3.07 15.88
N GLY A 7 10.96 -2.43 16.04
CA GLY A 7 11.80 -2.10 14.85
C GLY A 7 13.07 -2.96 14.88
N THR A 8 13.07 -4.03 15.63
CA THR A 8 14.27 -4.90 15.70
C THR A 8 14.66 -5.40 14.29
N THR A 9 15.82 -5.94 14.16
CA THR A 9 16.26 -6.44 12.82
C THR A 9 15.16 -7.27 12.17
N TYR A 10 14.52 -6.76 11.14
CA TYR A 10 13.44 -7.52 10.47
C TYR A 10 13.70 -7.60 8.96
N GLY A 11 12.98 -8.43 8.27
CA GLY A 11 13.18 -8.56 6.80
C GLY A 11 11.90 -8.18 6.06
N MET A 12 11.83 -6.99 5.54
CA MET A 12 10.61 -6.55 4.81
C MET A 12 10.57 -7.18 3.42
N CYS A 13 9.61 -8.03 3.16
CA CYS A 13 9.52 -8.67 1.82
C CYS A 13 8.06 -8.96 1.46
N THR A 14 7.51 -8.24 0.53
CA THR A 14 6.09 -8.49 0.15
C THR A 14 5.77 -7.86 -1.22
N GLU A 15 6.67 -7.99 -2.16
CA GLU A 15 6.41 -7.41 -3.50
C GLU A 15 5.32 -8.19 -4.22
N LYS A 16 4.85 -9.25 -3.62
CA LYS A 16 3.78 -10.06 -4.26
C LYS A 16 2.41 -9.40 -4.06
N PHE A 17 2.23 -8.22 -4.58
CA PHE A 17 0.93 -7.52 -4.42
C PHE A 17 0.10 -7.62 -5.70
N SER A 18 -1.18 -7.81 -5.57
CA SER A 18 -2.05 -7.91 -6.78
C SER A 18 -3.19 -6.90 -6.69
N PHE A 19 -3.27 -5.99 -7.62
CA PHE A 19 -4.36 -4.97 -7.57
C PHE A 19 -5.71 -5.61 -7.95
N ALA A 20 -6.58 -5.79 -6.99
CA ALA A 20 -7.90 -6.40 -7.30
C ALA A 20 -8.94 -5.31 -7.54
N LYS A 21 -8.82 -4.19 -6.86
CA LYS A 21 -9.80 -3.09 -7.07
C LYS A 21 -9.10 -1.74 -6.94
N ASN A 22 -9.59 -0.74 -7.63
CA ASN A 22 -8.95 0.61 -7.54
C ASN A 22 -9.18 1.21 -6.16
N PRO A 23 -8.43 2.24 -5.86
CA PRO A 23 -8.55 2.93 -4.56
C PRO A 23 -9.84 3.75 -4.50
N ALA A 24 -10.68 3.49 -3.54
CA ALA A 24 -11.96 4.25 -3.45
C ALA A 24 -12.06 4.94 -2.08
N ASP A 25 -12.58 6.13 -2.05
CA ASP A 25 -12.70 6.85 -0.75
C ASP A 25 -13.95 6.40 0.00
N THR A 26 -13.83 6.07 1.26
CA THR A 26 -15.01 5.61 2.03
C THR A 26 -15.20 6.51 3.27
N GLY A 27 -15.26 7.79 3.08
CA GLY A 27 -15.44 8.71 4.24
C GLY A 27 -14.77 10.06 3.94
N HIS A 28 -13.95 10.54 4.83
CA HIS A 28 -13.26 11.83 4.59
C HIS A 28 -11.74 11.62 4.51
N GLY A 29 -11.22 11.49 3.33
CA GLY A 29 -9.75 11.28 3.19
C GLY A 29 -9.40 9.82 3.47
N THR A 30 -10.36 8.94 3.33
CA THR A 30 -10.08 7.50 3.59
C THR A 30 -10.28 6.68 2.32
N VAL A 31 -9.22 6.21 1.72
CA VAL A 31 -9.35 5.41 0.48
C VAL A 31 -9.14 3.92 0.79
N VAL A 32 -9.94 3.06 0.23
CA VAL A 32 -9.78 1.61 0.49
C VAL A 32 -9.29 0.90 -0.77
N ILE A 33 -8.35 0.01 -0.61
CA ILE A 33 -7.81 -0.74 -1.79
C ILE A 33 -7.79 -2.24 -1.48
N GLU A 34 -8.05 -3.06 -2.46
CA GLU A 34 -8.05 -4.52 -2.21
C GLU A 34 -7.05 -5.23 -3.14
N LEU A 35 -5.94 -5.64 -2.61
CA LEU A 35 -4.93 -6.35 -3.45
C LEU A 35 -4.64 -7.73 -2.85
N SER A 36 -4.46 -8.73 -3.68
CA SER A 36 -4.18 -10.09 -3.14
C SER A 36 -2.68 -10.29 -3.02
N TYR A 37 -2.23 -10.71 -1.88
CA TYR A 37 -0.76 -10.92 -1.72
C TYR A 37 -0.40 -12.36 -2.09
N SER A 38 0.06 -12.58 -3.29
CA SER A 38 0.42 -13.96 -3.70
C SER A 38 1.87 -14.24 -3.34
N GLY A 39 2.16 -14.35 -2.08
CA GLY A 39 3.56 -14.62 -1.65
C GLY A 39 3.60 -15.88 -0.79
N SER A 40 4.34 -16.87 -1.22
CA SER A 40 4.43 -18.13 -0.43
C SER A 40 5.52 -18.02 0.64
N ASP A 41 5.92 -16.83 0.98
CA ASP A 41 6.98 -16.65 2.00
C ASP A 41 6.35 -16.38 3.37
N GLY A 42 5.05 -16.31 3.43
CA GLY A 42 4.38 -16.03 4.74
C GLY A 42 4.19 -14.53 4.91
N PRO A 43 4.05 -14.12 6.14
CA PRO A 43 3.86 -12.69 6.45
C PRO A 43 5.18 -11.93 6.27
N CYS A 44 5.11 -10.68 5.93
CA CYS A 44 6.36 -9.88 5.73
C CYS A 44 6.02 -8.40 5.59
N LYS A 45 6.97 -7.53 5.78
CA LYS A 45 6.67 -6.07 5.64
C LYS A 45 6.64 -5.67 4.16
N ILE A 46 5.49 -5.27 3.67
CA ILE A 46 5.40 -4.87 2.23
C ILE A 46 6.04 -3.50 2.02
N PRO A 47 7.11 -3.49 1.30
CA PRO A 47 7.83 -2.22 1.01
C PRO A 47 7.05 -1.40 -0.01
N ILE A 48 6.14 -0.57 0.44
CA ILE A 48 5.35 0.25 -0.52
C ILE A 48 5.44 1.74 -0.17
N VAL A 49 5.31 2.58 -1.15
CA VAL A 49 5.38 4.05 -0.89
C VAL A 49 4.21 4.74 -1.60
N SER A 50 3.59 5.68 -0.95
CA SER A 50 2.44 6.38 -1.60
C SER A 50 2.75 7.87 -1.78
N VAL A 51 2.97 8.28 -3.00
CA VAL A 51 3.28 9.72 -3.23
C VAL A 51 2.42 10.26 -4.37
N ALA A 52 2.25 11.56 -4.42
CA ALA A 52 1.42 12.15 -5.52
C ALA A 52 1.96 11.73 -6.89
N SER A 53 1.16 11.89 -7.91
CA SER A 53 1.62 11.49 -9.28
C SER A 53 2.83 12.33 -9.70
N LEU A 54 3.94 11.69 -9.97
CA LEU A 54 5.16 12.44 -10.40
C LEU A 54 5.90 13.02 -9.19
N ASN A 55 5.81 12.36 -8.06
CA ASN A 55 6.52 12.86 -6.85
C ASN A 55 7.18 11.70 -6.11
N ASP A 56 8.38 11.32 -6.52
CA ASP A 56 9.06 10.20 -5.83
C ASP A 56 10.20 10.73 -4.95
N MET A 57 10.24 12.02 -4.75
CA MET A 57 11.31 12.60 -3.90
C MET A 57 10.73 13.09 -2.58
N THR A 58 9.44 13.20 -2.49
CA THR A 58 8.80 13.67 -1.22
C THR A 58 7.58 12.80 -0.89
N PRO A 59 7.41 12.57 0.39
CA PRO A 59 6.27 11.74 0.85
C PRO A 59 4.96 12.53 0.73
N VAL A 60 3.92 11.90 0.27
CA VAL A 60 2.62 12.62 0.13
C VAL A 60 1.46 11.67 0.45
N GLY A 61 1.47 10.51 -0.13
CA GLY A 61 0.39 9.53 0.14
C GLY A 61 0.75 8.71 1.37
N ARG A 62 -0.22 8.31 2.15
CA ARG A 62 0.07 7.51 3.38
C ARG A 62 -0.92 6.37 3.54
N LEU A 63 -0.54 5.33 4.25
CA LEU A 63 -1.47 4.18 4.45
C LEU A 63 -2.28 4.38 5.73
N VAL A 64 -3.55 4.64 5.62
CA VAL A 64 -4.39 4.85 6.83
C VAL A 64 -4.30 3.65 7.77
N THR A 65 -4.33 2.46 7.23
CA THR A 65 -4.24 1.25 8.09
C THR A 65 -2.80 1.07 8.59
N VAL A 66 -2.60 0.17 9.53
CA VAL A 66 -1.22 -0.05 10.05
C VAL A 66 -0.22 -0.13 8.90
N ASN A 67 1.04 -0.13 9.20
CA ASN A 67 2.06 -0.21 8.12
C ASN A 67 1.69 -1.30 7.12
N PRO A 68 2.21 -1.18 5.93
CA PRO A 68 1.93 -2.17 4.87
C PRO A 68 2.68 -3.47 5.14
N PHE A 69 2.33 -4.17 6.19
CA PHE A 69 3.01 -5.45 6.50
C PHE A 69 1.99 -6.59 6.52
N VAL A 70 2.19 -7.60 5.70
CA VAL A 70 1.22 -8.74 5.69
C VAL A 70 1.52 -9.69 6.85
N ALA A 71 1.43 -9.21 8.06
CA ALA A 71 1.69 -10.08 9.23
C ALA A 71 0.44 -10.88 9.59
N THR A 72 -0.02 -11.70 8.68
CA THR A 72 -1.25 -12.51 8.97
C THR A 72 -1.12 -13.91 8.35
N SER A 73 -1.95 -14.82 8.77
CA SER A 73 -1.88 -16.20 8.21
C SER A 73 -2.86 -16.33 7.05
N SER A 74 -3.72 -15.37 6.86
CA SER A 74 -4.71 -15.45 5.75
C SER A 74 -4.54 -14.25 4.81
N ALA A 75 -3.41 -13.58 4.88
CA ALA A 75 -3.19 -12.41 3.98
C ALA A 75 -2.73 -12.88 2.60
N ASN A 76 -2.83 -14.16 2.34
CA ASN A 76 -2.40 -14.67 1.02
C ASN A 76 -3.56 -14.53 0.03
N SER A 77 -4.56 -13.75 0.37
CA SER A 77 -5.71 -13.58 -0.53
C SER A 77 -5.91 -12.10 -0.83
N LYS A 78 -6.98 -11.75 -1.48
CA LYS A 78 -7.23 -10.31 -1.78
C LYS A 78 -7.39 -9.55 -0.47
N VAL A 79 -6.30 -9.06 0.07
CA VAL A 79 -6.38 -8.32 1.34
C VAL A 79 -6.91 -6.91 1.08
N LEU A 80 -7.15 -6.14 2.11
CA LEU A 80 -7.68 -4.76 1.89
C LEU A 80 -7.00 -3.75 2.82
N VAL A 81 -6.33 -2.77 2.28
CA VAL A 81 -5.66 -1.75 3.13
C VAL A 81 -6.28 -0.38 2.90
N GLU A 82 -5.90 0.61 3.67
CA GLU A 82 -6.48 1.97 3.49
C GLU A 82 -5.36 2.97 3.19
N MET A 83 -5.70 4.05 2.52
CA MET A 83 -4.66 5.07 2.20
C MET A 83 -5.29 6.48 2.22
N GLU A 84 -4.57 7.44 2.73
CA GLU A 84 -5.12 8.82 2.79
C GLU A 84 -4.32 9.75 1.87
N PRO A 85 -4.37 9.46 0.59
CA PRO A 85 -3.65 10.29 -0.40
C PRO A 85 -4.36 11.63 -0.58
N PRO A 86 -3.58 12.64 -0.88
CA PRO A 86 -4.14 14.00 -1.09
C PRO A 86 -4.91 14.07 -2.41
N PHE A 87 -5.87 14.93 -2.51
CA PHE A 87 -6.67 15.04 -3.78
C PHE A 87 -5.72 15.23 -4.96
N GLY A 88 -5.93 14.50 -6.02
CA GLY A 88 -5.06 14.63 -7.22
C GLY A 88 -4.41 13.28 -7.53
N ASP A 89 -3.91 13.12 -8.73
CA ASP A 89 -3.26 11.82 -9.09
C ASP A 89 -2.19 11.46 -8.06
N SER A 90 -1.88 10.20 -7.93
CA SER A 90 -0.85 9.78 -6.95
C SER A 90 -0.02 8.62 -7.51
N TYR A 91 1.27 8.66 -7.31
CA TYR A 91 2.14 7.55 -7.83
C TYR A 91 2.51 6.60 -6.69
N ILE A 92 1.88 5.46 -6.63
CA ILE A 92 2.21 4.48 -5.55
C ILE A 92 3.11 3.37 -6.10
N VAL A 93 4.10 2.97 -5.35
CA VAL A 93 5.01 1.90 -5.84
C VAL A 93 5.09 0.74 -4.84
N VAL A 94 4.60 -0.40 -5.22
CA VAL A 94 4.65 -1.58 -4.30
C VAL A 94 5.78 -2.51 -4.71
N GLY A 95 6.95 -2.32 -4.16
CA GLY A 95 8.10 -3.20 -4.53
C GLY A 95 9.13 -3.22 -3.39
N MET A 96 10.06 -4.12 -3.45
CA MET A 96 11.10 -4.20 -2.38
C MET A 96 12.45 -3.70 -2.92
N GLY A 97 13.52 -4.21 -2.38
CA GLY A 97 14.87 -3.77 -2.86
C GLY A 97 15.15 -4.37 -4.24
N ASP A 98 14.86 -5.63 -4.41
CA ASP A 98 15.12 -6.28 -5.74
C ASP A 98 14.07 -5.84 -6.77
N LYS A 99 13.14 -6.69 -7.09
CA LYS A 99 12.10 -6.32 -8.09
C LYS A 99 11.01 -5.46 -7.42
N GLN A 100 10.60 -4.41 -8.08
CA GLN A 100 9.54 -3.53 -7.48
C GLN A 100 8.56 -3.09 -8.57
N ILE A 101 7.33 -2.85 -8.22
CA ILE A 101 6.34 -2.41 -9.23
C ILE A 101 5.84 -1.00 -8.91
N ASN A 102 5.54 -0.22 -9.92
CA ASN A 102 5.06 1.16 -9.68
C ASN A 102 3.77 1.44 -10.47
N HIS A 103 2.76 1.93 -9.82
CA HIS A 103 1.49 2.24 -10.53
C HIS A 103 0.95 3.61 -10.10
N HIS A 104 0.04 4.16 -10.85
CA HIS A 104 -0.51 5.49 -10.49
C HIS A 104 -2.04 5.48 -10.61
N TRP A 105 -2.69 6.46 -10.04
CA TRP A 105 -4.17 6.51 -10.11
C TRP A 105 -4.65 7.96 -10.22
N HIS A 106 -5.55 8.24 -11.12
CA HIS A 106 -6.05 9.62 -11.28
C HIS A 106 -7.56 9.66 -11.05
N LYS A 107 -8.03 10.60 -10.27
CA LYS A 107 -9.49 10.70 -10.00
C LYS A 107 -10.08 11.94 -10.67
N ALA A 108 -9.25 12.88 -11.04
CA ALA A 108 -9.76 14.11 -11.69
C ALA A 108 -8.60 15.05 -12.03
N GLY A 109 -8.76 15.86 -13.04
CA GLY A 109 -7.67 16.80 -13.42
C GLY A 109 -8.24 17.94 -14.26
N SER A 110 -9.35 18.50 -13.83
CA SER A 110 -9.96 19.62 -14.61
C SER A 110 -9.42 20.96 -14.11
N THR A 111 -9.75 22.03 -14.79
CA THR A 111 -9.25 23.37 -14.35
C THR A 111 -10.43 24.27 -13.97
N ASP A 1 -3.02 3.97 20.91
CA ASP A 1 -3.55 4.69 19.71
C ASP A 1 -2.39 5.20 18.85
N LYS A 2 -1.49 5.96 19.43
CA LYS A 2 -0.34 6.49 18.65
C LYS A 2 0.67 5.37 18.37
N LEU A 3 1.13 5.27 17.15
CA LEU A 3 2.13 4.21 16.82
C LEU A 3 3.54 4.66 17.21
N ALA A 4 4.31 3.78 17.80
CA ALA A 4 5.69 4.15 18.20
C ALA A 4 6.65 3.93 17.02
N LEU A 5 7.20 4.99 16.49
CA LEU A 5 8.14 4.85 15.36
C LEU A 5 9.58 5.11 15.81
N LYS A 6 10.34 4.07 16.05
CA LYS A 6 11.74 4.27 16.50
C LYS A 6 12.71 3.92 15.37
N GLY A 7 13.97 3.73 15.68
CA GLY A 7 14.95 3.39 14.61
C GLY A 7 15.27 1.89 14.67
N THR A 8 14.31 1.06 14.37
CA THR A 8 14.55 -0.41 14.41
C THR A 8 14.30 -1.03 13.03
N THR A 9 15.01 -2.07 12.70
CA THR A 9 14.81 -2.71 11.37
C THR A 9 14.12 -4.07 11.54
N TYR A 10 13.20 -4.40 10.67
CA TYR A 10 12.50 -5.71 10.78
C TYR A 10 12.48 -6.43 9.43
N GLY A 11 11.94 -7.62 9.39
CA GLY A 11 11.90 -8.36 8.10
C GLY A 11 10.74 -7.86 7.25
N MET A 12 11.02 -7.04 6.28
CA MET A 12 9.93 -6.51 5.41
C MET A 12 10.08 -7.05 3.99
N CYS A 13 9.26 -7.99 3.60
CA CYS A 13 9.36 -8.54 2.23
C CYS A 13 7.98 -8.98 1.71
N THR A 14 7.42 -8.24 0.78
CA THR A 14 6.09 -8.63 0.25
C THR A 14 5.83 -7.96 -1.09
N GLU A 15 6.82 -7.92 -1.95
CA GLU A 15 6.61 -7.27 -3.28
C GLU A 15 5.58 -8.06 -4.10
N LYS A 16 5.15 -9.19 -3.58
CA LYS A 16 4.15 -10.01 -4.33
C LYS A 16 2.73 -9.49 -4.06
N PHE A 17 2.45 -8.26 -4.42
CA PHE A 17 1.09 -7.71 -4.20
C PHE A 17 0.31 -7.72 -5.51
N SER A 18 -0.96 -8.01 -5.46
CA SER A 18 -1.76 -8.04 -6.71
C SER A 18 -3.00 -7.15 -6.57
N PHE A 19 -2.93 -5.94 -7.07
CA PHE A 19 -4.10 -5.03 -6.95
C PHE A 19 -5.29 -5.61 -7.73
N ALA A 20 -6.36 -5.90 -7.06
CA ALA A 20 -7.55 -6.46 -7.75
C ALA A 20 -8.61 -5.38 -7.96
N LYS A 21 -8.57 -4.34 -7.17
CA LYS A 21 -9.58 -3.25 -7.32
C LYS A 21 -8.90 -1.88 -7.19
N ASN A 22 -9.38 -0.90 -7.91
CA ASN A 22 -8.77 0.45 -7.83
C ASN A 22 -9.01 1.05 -6.44
N PRO A 23 -8.23 2.05 -6.13
CA PRO A 23 -8.36 2.73 -4.81
C PRO A 23 -9.65 3.57 -4.77
N ALA A 24 -10.57 3.21 -3.93
CA ALA A 24 -11.84 3.98 -3.83
C ALA A 24 -11.86 4.84 -2.57
N ASP A 25 -12.35 6.04 -2.66
CA ASP A 25 -12.40 6.93 -1.47
C ASP A 25 -13.71 6.74 -0.72
N THR A 26 -13.68 6.18 0.46
CA THR A 26 -14.93 5.97 1.24
C THR A 26 -15.25 7.22 2.07
N GLY A 27 -15.42 8.34 1.42
CA GLY A 27 -15.72 9.59 2.17
C GLY A 27 -14.75 10.69 1.74
N HIS A 28 -14.11 11.33 2.69
CA HIS A 28 -13.15 12.41 2.33
C HIS A 28 -11.85 12.23 3.11
N GLY A 29 -10.91 11.49 2.55
CA GLY A 29 -9.62 11.28 3.26
C GLY A 29 -9.49 9.80 3.65
N THR A 30 -10.06 8.92 2.88
CA THR A 30 -9.96 7.47 3.21
C THR A 30 -10.13 6.62 1.95
N VAL A 31 -9.08 5.97 1.52
CA VAL A 31 -9.17 5.13 0.30
C VAL A 31 -9.09 3.65 0.67
N VAL A 32 -9.75 2.81 -0.08
CA VAL A 32 -9.73 1.35 0.23
C VAL A 32 -9.26 0.56 -1.00
N ILE A 33 -8.16 -0.13 -0.88
CA ILE A 33 -7.65 -0.94 -2.04
C ILE A 33 -7.67 -2.43 -1.67
N GLU A 34 -7.87 -3.28 -2.64
CA GLU A 34 -7.90 -4.74 -2.34
C GLU A 34 -6.91 -5.50 -3.23
N LEU A 35 -5.80 -5.90 -2.68
CA LEU A 35 -4.80 -6.66 -3.50
C LEU A 35 -4.51 -8.00 -2.82
N SER A 36 -4.28 -9.03 -3.59
CA SER A 36 -4.01 -10.35 -2.98
C SER A 36 -2.50 -10.58 -2.87
N TYR A 37 -2.04 -11.03 -1.74
CA TYR A 37 -0.58 -11.25 -1.60
C TYR A 37 -0.25 -12.71 -1.93
N SER A 38 0.19 -12.98 -3.13
CA SER A 38 0.51 -14.37 -3.52
C SER A 38 2.01 -14.62 -3.34
N GLY A 39 2.48 -14.67 -2.12
CA GLY A 39 3.93 -14.90 -1.89
C GLY A 39 4.11 -16.14 -1.02
N SER A 40 4.95 -17.06 -1.44
CA SER A 40 5.18 -18.29 -0.64
C SER A 40 6.36 -18.11 0.30
N ASP A 41 6.66 -16.89 0.66
CA ASP A 41 7.81 -16.64 1.59
C ASP A 41 7.30 -16.46 3.01
N GLY A 42 6.02 -16.50 3.21
CA GLY A 42 5.46 -16.32 4.58
C GLY A 42 5.01 -14.87 4.76
N PRO A 43 4.72 -14.53 5.98
CA PRO A 43 4.27 -13.15 6.31
C PRO A 43 5.46 -12.19 6.24
N CYS A 44 5.18 -10.93 5.96
CA CYS A 44 6.29 -9.94 5.85
C CYS A 44 5.71 -8.52 5.77
N LYS A 45 6.51 -7.52 6.05
CA LYS A 45 5.99 -6.13 5.96
C LYS A 45 5.90 -5.72 4.47
N ILE A 46 4.81 -5.13 4.07
CA ILE A 46 4.68 -4.72 2.64
C ILE A 46 5.23 -3.30 2.44
N PRO A 47 6.36 -3.23 1.80
CA PRO A 47 7.01 -1.92 1.54
C PRO A 47 6.27 -1.16 0.43
N ILE A 48 5.45 -0.22 0.80
CA ILE A 48 4.71 0.57 -0.23
C ILE A 48 4.92 2.07 -0.01
N VAL A 49 4.88 2.83 -1.06
CA VAL A 49 5.08 4.30 -0.92
C VAL A 49 3.93 5.06 -1.60
N SER A 50 3.33 6.00 -0.91
CA SER A 50 2.21 6.76 -1.52
C SER A 50 2.61 8.24 -1.68
N VAL A 51 2.88 8.66 -2.87
CA VAL A 51 3.27 10.08 -3.08
C VAL A 51 2.49 10.70 -4.24
N ALA A 52 2.48 12.00 -4.32
CA ALA A 52 1.73 12.69 -5.42
C ALA A 52 2.22 12.19 -6.78
N SER A 53 1.47 12.46 -7.81
CA SER A 53 1.87 12.01 -9.17
C SER A 53 3.23 12.58 -9.55
N LEU A 54 4.19 11.73 -9.84
CA LEU A 54 5.55 12.21 -10.23
C LEU A 54 6.37 12.56 -8.99
N ASN A 55 6.12 11.90 -7.89
CA ASN A 55 6.91 12.19 -6.67
C ASN A 55 7.38 10.87 -6.02
N ASP A 56 8.47 10.33 -6.48
CA ASP A 56 8.98 9.05 -5.90
C ASP A 56 10.21 9.29 -5.03
N MET A 57 10.42 10.52 -4.63
CA MET A 57 11.61 10.83 -3.78
C MET A 57 11.19 11.52 -2.48
N THR A 58 9.94 11.90 -2.38
CA THR A 58 9.48 12.58 -1.14
C THR A 58 8.13 12.01 -0.69
N PRO A 59 7.95 11.94 0.60
CA PRO A 59 6.68 11.41 1.15
C PRO A 59 5.57 12.46 1.01
N VAL A 60 4.47 12.08 0.41
CA VAL A 60 3.35 13.06 0.24
C VAL A 60 2.01 12.37 0.51
N GLY A 61 1.90 11.13 0.11
CA GLY A 61 0.63 10.40 0.34
C GLY A 61 0.59 9.91 1.80
N ARG A 62 -0.57 9.57 2.29
CA ARG A 62 -0.66 9.10 3.70
C ARG A 62 -1.29 7.72 3.77
N LEU A 63 -1.04 6.99 4.82
CA LEU A 63 -1.63 5.62 4.95
C LEU A 63 -2.73 5.63 6.01
N VAL A 64 -3.87 5.06 5.70
CA VAL A 64 -4.99 5.04 6.69
C VAL A 64 -4.59 4.23 7.93
N THR A 65 -3.56 3.43 7.82
CA THR A 65 -3.13 2.61 8.99
C THR A 65 -1.62 2.42 8.97
N VAL A 66 -1.05 1.95 10.05
CA VAL A 66 0.42 1.74 10.10
C VAL A 66 0.88 1.00 8.83
N ASN A 67 2.17 0.87 8.64
CA ASN A 67 2.67 0.17 7.42
C ASN A 67 1.90 -1.13 7.20
N PRO A 68 1.58 -1.39 5.96
CA PRO A 68 0.83 -2.61 5.60
C PRO A 68 1.75 -3.84 5.67
N PHE A 69 1.62 -4.62 6.71
CA PHE A 69 2.48 -5.83 6.85
C PHE A 69 1.63 -7.10 6.76
N VAL A 70 2.08 -8.06 5.99
CA VAL A 70 1.30 -9.32 5.87
C VAL A 70 1.72 -10.30 6.99
N ALA A 71 1.54 -9.91 8.21
CA ALA A 71 1.92 -10.80 9.35
C ALA A 71 0.77 -11.73 9.70
N THR A 72 0.30 -12.50 8.75
CA THR A 72 -0.84 -13.42 9.04
C THR A 72 -0.65 -14.73 8.26
N SER A 73 -1.45 -15.72 8.58
CA SER A 73 -1.33 -17.02 7.85
C SER A 73 -2.37 -17.09 6.73
N SER A 74 -3.25 -16.12 6.66
CA SER A 74 -4.28 -16.13 5.59
C SER A 74 -4.18 -14.86 4.75
N ALA A 75 -3.11 -14.12 4.89
CA ALA A 75 -2.94 -12.87 4.09
C ALA A 75 -2.53 -13.22 2.66
N ASN A 76 -2.52 -14.48 2.33
CA ASN A 76 -2.13 -14.89 0.96
C ASN A 76 -3.35 -14.79 0.04
N SER A 77 -4.34 -14.05 0.44
CA SER A 77 -5.56 -13.93 -0.40
C SER A 77 -5.77 -12.46 -0.74
N LYS A 78 -6.87 -12.14 -1.36
CA LYS A 78 -7.12 -10.71 -1.70
C LYS A 78 -7.23 -9.90 -0.41
N VAL A 79 -6.13 -9.42 0.08
CA VAL A 79 -6.14 -8.62 1.33
C VAL A 79 -6.67 -7.21 1.02
N LEU A 80 -6.89 -6.39 2.02
CA LEU A 80 -7.40 -5.02 1.75
C LEU A 80 -6.62 -3.97 2.55
N VAL A 81 -6.16 -2.94 1.90
CA VAL A 81 -5.40 -1.87 2.62
C VAL A 81 -6.12 -0.53 2.46
N GLU A 82 -5.72 0.46 3.22
CA GLU A 82 -6.38 1.79 3.10
C GLU A 82 -5.31 2.90 3.03
N MET A 83 -5.59 3.96 2.33
CA MET A 83 -4.59 5.07 2.22
C MET A 83 -5.31 6.42 2.12
N GLU A 84 -4.76 7.44 2.72
CA GLU A 84 -5.39 8.77 2.67
C GLU A 84 -4.47 9.78 1.97
N PRO A 85 -4.29 9.58 0.69
CA PRO A 85 -3.43 10.49 -0.11
C PRO A 85 -4.13 11.82 -0.34
N PRO A 86 -3.36 12.81 -0.69
CA PRO A 86 -3.91 14.16 -0.94
C PRO A 86 -4.66 14.19 -2.28
N PHE A 87 -5.70 14.97 -2.37
CA PHE A 87 -6.48 15.03 -3.64
C PHE A 87 -5.54 15.33 -4.82
N GLY A 88 -5.69 14.62 -5.90
CA GLY A 88 -4.80 14.86 -7.07
C GLY A 88 -4.13 13.55 -7.48
N ASP A 89 -3.55 13.51 -8.65
CA ASP A 89 -2.88 12.25 -9.11
C ASP A 89 -1.72 11.90 -8.16
N SER A 90 -1.61 10.66 -7.79
CA SER A 90 -0.50 10.26 -6.88
C SER A 90 0.20 9.01 -7.41
N TYR A 91 1.49 8.91 -7.22
CA TYR A 91 2.21 7.70 -7.73
C TYR A 91 2.47 6.72 -6.58
N ILE A 92 1.84 5.57 -6.62
CA ILE A 92 2.04 4.59 -5.52
C ILE A 92 2.86 3.40 -6.03
N VAL A 93 3.88 3.02 -5.32
CA VAL A 93 4.72 1.86 -5.77
C VAL A 93 4.80 0.79 -4.67
N VAL A 94 4.33 -0.40 -4.96
CA VAL A 94 4.38 -1.47 -3.93
C VAL A 94 5.54 -2.43 -4.25
N GLY A 95 6.69 -2.20 -3.66
CA GLY A 95 7.85 -3.09 -3.93
C GLY A 95 8.83 -3.02 -2.77
N MET A 96 9.82 -3.88 -2.75
CA MET A 96 10.81 -3.87 -1.65
C MET A 96 12.18 -3.42 -2.18
N GLY A 97 12.44 -3.68 -3.43
CA GLY A 97 13.75 -3.28 -4.02
C GLY A 97 13.89 -3.87 -5.42
N ASP A 98 13.89 -5.17 -5.53
CA ASP A 98 14.02 -5.82 -6.87
C ASP A 98 12.82 -5.45 -7.75
N LYS A 99 11.95 -6.39 -8.01
CA LYS A 99 10.77 -6.10 -8.86
C LYS A 99 9.69 -5.38 -8.05
N GLN A 100 9.22 -4.27 -8.53
CA GLN A 100 8.17 -3.51 -7.78
C GLN A 100 7.07 -3.03 -8.73
N ILE A 101 5.87 -2.91 -8.25
CA ILE A 101 4.76 -2.46 -9.13
C ILE A 101 4.43 -0.98 -8.86
N ASN A 102 3.98 -0.27 -9.85
CA ASN A 102 3.64 1.17 -9.63
C ASN A 102 2.28 1.49 -10.23
N HIS A 103 1.51 2.32 -9.58
CA HIS A 103 0.16 2.69 -10.12
C HIS A 103 0.02 4.21 -10.17
N HIS A 104 -0.99 4.68 -10.85
CA HIS A 104 -1.19 6.16 -10.95
C HIS A 104 -2.55 6.55 -10.34
N TRP A 105 -2.59 6.74 -9.05
CA TRP A 105 -3.87 7.13 -8.39
C TRP A 105 -4.56 8.24 -9.19
N HIS A 106 -5.77 8.00 -9.62
CA HIS A 106 -6.50 9.04 -10.41
C HIS A 106 -7.95 9.12 -9.95
N LYS A 107 -8.34 10.23 -9.38
CA LYS A 107 -9.75 10.37 -8.92
C LYS A 107 -10.63 10.93 -10.05
N ALA A 108 -10.03 11.35 -11.12
CA ALA A 108 -10.82 11.91 -12.26
C ALA A 108 -9.91 12.16 -13.46
N GLY A 109 -10.32 11.71 -14.63
CA GLY A 109 -9.47 11.92 -15.83
C GLY A 109 -10.08 13.04 -16.68
N SER A 110 -10.57 14.08 -16.05
CA SER A 110 -11.18 15.20 -16.83
C SER A 110 -10.82 16.54 -16.17
N THR A 111 -10.20 17.42 -16.91
CA THR A 111 -9.83 18.74 -16.33
C THR A 111 -10.13 19.87 -17.33
N ASP A 1 1.07 6.83 27.27
CA ASP A 1 1.74 8.17 27.40
C ASP A 1 2.29 8.61 26.05
N LYS A 2 2.69 7.68 25.22
CA LYS A 2 3.24 8.05 23.88
C LYS A 2 3.23 6.83 22.95
N LEU A 3 3.29 7.06 21.67
CA LEU A 3 3.29 5.91 20.72
C LEU A 3 4.67 5.27 20.65
N ALA A 4 4.76 4.01 20.96
CA ALA A 4 6.08 3.32 20.92
C ALA A 4 6.22 2.52 19.62
N LEU A 5 6.82 3.11 18.62
CA LEU A 5 6.99 2.38 17.32
C LEU A 5 8.47 2.07 17.10
N LYS A 6 8.76 0.89 16.64
CA LYS A 6 10.19 0.53 16.39
C LYS A 6 10.34 -0.12 15.01
N GLY A 7 11.55 -0.22 14.52
CA GLY A 7 11.77 -0.83 13.18
C GLY A 7 12.32 -2.25 13.35
N THR A 8 12.18 -2.82 14.52
CA THR A 8 12.71 -4.19 14.75
C THR A 8 11.55 -5.20 14.71
N THR A 9 11.39 -5.89 13.63
CA THR A 9 10.29 -6.90 13.53
C THR A 9 10.65 -7.98 12.51
N TYR A 10 9.76 -8.91 12.27
CA TYR A 10 10.04 -9.99 11.29
C TYR A 10 10.61 -9.39 10.00
N GLY A 11 11.01 -10.22 9.07
CA GLY A 11 11.58 -9.70 7.79
C GLY A 11 10.45 -9.16 6.92
N MET A 12 10.54 -7.93 6.51
CA MET A 12 9.47 -7.36 5.64
C MET A 12 9.65 -7.83 4.19
N CYS A 13 8.72 -8.60 3.69
CA CYS A 13 8.85 -9.10 2.29
C CYS A 13 7.46 -9.28 1.66
N THR A 14 7.11 -8.42 0.74
CA THR A 14 5.78 -8.55 0.08
C THR A 14 5.75 -7.76 -1.23
N GLU A 15 6.78 -7.87 -2.02
CA GLU A 15 6.80 -7.12 -3.31
C GLU A 15 5.91 -7.81 -4.35
N LYS A 16 5.12 -8.78 -3.94
CA LYS A 16 4.24 -9.48 -4.93
C LYS A 16 2.77 -9.15 -4.66
N PHE A 17 2.40 -7.90 -4.77
CA PHE A 17 0.98 -7.53 -4.53
C PHE A 17 0.22 -7.48 -5.86
N SER A 18 -1.05 -7.79 -5.83
CA SER A 18 -1.85 -7.76 -7.10
C SER A 18 -3.07 -6.86 -6.93
N PHE A 19 -3.11 -5.77 -7.67
CA PHE A 19 -4.28 -4.85 -7.55
C PHE A 19 -5.56 -5.55 -8.03
N ALA A 20 -6.47 -5.81 -7.15
CA ALA A 20 -7.73 -6.49 -7.57
C ALA A 20 -8.84 -5.45 -7.81
N LYS A 21 -8.82 -4.36 -7.08
CA LYS A 21 -9.88 -3.32 -7.27
C LYS A 21 -9.25 -1.92 -7.19
N ASN A 22 -9.94 -0.93 -7.67
CA ASN A 22 -9.38 0.46 -7.62
C ASN A 22 -9.50 1.02 -6.20
N PRO A 23 -8.77 2.08 -5.96
CA PRO A 23 -8.80 2.73 -4.63
C PRO A 23 -10.13 3.45 -4.40
N ALA A 24 -10.80 3.16 -3.31
CA ALA A 24 -12.11 3.82 -3.04
C ALA A 24 -12.06 4.57 -1.71
N ASP A 25 -12.78 5.65 -1.60
CA ASP A 25 -12.79 6.42 -0.33
C ASP A 25 -13.95 5.99 0.56
N THR A 26 -13.67 5.55 1.76
CA THR A 26 -14.76 5.10 2.67
C THR A 26 -15.43 6.31 3.32
N GLY A 27 -14.66 7.19 3.90
CA GLY A 27 -15.25 8.39 4.56
C GLY A 27 -14.57 9.65 4.05
N HIS A 28 -13.77 10.27 4.88
CA HIS A 28 -13.06 11.52 4.45
C HIS A 28 -11.55 11.38 4.70
N GLY A 29 -10.77 11.24 3.66
CA GLY A 29 -9.30 11.11 3.84
C GLY A 29 -8.95 9.65 4.11
N THR A 30 -9.70 8.73 3.57
CA THR A 30 -9.39 7.29 3.81
C THR A 30 -9.72 6.46 2.56
N VAL A 31 -8.71 5.99 1.86
CA VAL A 31 -8.96 5.19 0.64
C VAL A 31 -8.71 3.71 0.93
N VAL A 32 -9.42 2.84 0.27
CA VAL A 32 -9.22 1.38 0.52
C VAL A 32 -8.85 0.67 -0.78
N ILE A 33 -7.84 -0.16 -0.75
CA ILE A 33 -7.44 -0.89 -1.99
C ILE A 33 -7.32 -2.39 -1.69
N GLU A 34 -7.88 -3.22 -2.53
CA GLU A 34 -7.81 -4.68 -2.28
C GLU A 34 -6.86 -5.35 -3.27
N LEU A 35 -5.74 -5.83 -2.78
CA LEU A 35 -4.77 -6.52 -3.70
C LEU A 35 -4.47 -7.92 -3.15
N SER A 36 -4.30 -8.89 -4.00
CA SER A 36 -4.02 -10.26 -3.51
C SER A 36 -2.51 -10.45 -3.37
N TYR A 37 -2.07 -10.86 -2.22
CA TYR A 37 -0.60 -11.07 -2.05
C TYR A 37 -0.26 -12.53 -2.34
N SER A 38 0.26 -12.80 -3.51
CA SER A 38 0.61 -14.20 -3.85
C SER A 38 2.09 -14.47 -3.58
N GLY A 39 2.45 -14.51 -2.33
CA GLY A 39 3.89 -14.77 -2.00
C GLY A 39 3.99 -16.07 -1.21
N SER A 40 4.88 -16.95 -1.59
CA SER A 40 5.03 -18.24 -0.86
C SER A 40 5.94 -18.07 0.35
N ASP A 41 6.04 -16.87 0.88
CA ASP A 41 6.92 -16.65 2.06
C ASP A 41 6.08 -16.51 3.33
N GLY A 42 4.78 -16.57 3.20
CA GLY A 42 3.90 -16.43 4.40
C GLY A 42 3.59 -14.95 4.63
N PRO A 43 3.23 -14.63 5.84
CA PRO A 43 2.89 -13.23 6.20
C PRO A 43 4.17 -12.38 6.24
N CYS A 44 4.12 -11.19 5.70
CA CYS A 44 5.33 -10.32 5.70
C CYS A 44 4.90 -8.85 5.66
N LYS A 45 5.79 -7.95 6.02
CA LYS A 45 5.43 -6.50 5.98
C LYS A 45 5.45 -6.02 4.53
N ILE A 46 4.41 -5.35 4.09
CA ILE A 46 4.39 -4.87 2.68
C ILE A 46 5.02 -3.48 2.55
N PRO A 47 6.20 -3.45 1.99
CA PRO A 47 6.92 -2.18 1.80
C PRO A 47 6.29 -1.38 0.65
N ILE A 48 5.49 -0.40 0.97
CA ILE A 48 4.83 0.40 -0.11
C ILE A 48 4.89 1.89 0.22
N VAL A 49 5.01 2.72 -0.78
CA VAL A 49 5.08 4.19 -0.53
C VAL A 49 3.92 4.88 -1.29
N SER A 50 3.59 6.09 -0.91
CA SER A 50 2.48 6.80 -1.61
C SER A 50 2.91 8.22 -1.96
N VAL A 51 3.21 8.47 -3.20
CA VAL A 51 3.62 9.84 -3.60
C VAL A 51 2.77 10.32 -4.78
N ALA A 52 2.71 11.60 -4.98
CA ALA A 52 1.89 12.14 -6.11
C ALA A 52 2.34 11.50 -7.43
N SER A 53 1.53 11.60 -8.45
CA SER A 53 1.91 11.00 -9.76
C SER A 53 3.22 11.61 -10.27
N LEU A 54 4.23 10.80 -10.44
CA LEU A 54 5.54 11.33 -10.95
C LEU A 54 6.32 12.02 -9.83
N ASN A 55 6.15 11.56 -8.61
CA ASN A 55 6.90 12.17 -7.48
C ASN A 55 7.69 11.10 -6.73
N ASP A 56 8.87 10.78 -7.19
CA ASP A 56 9.69 9.75 -6.50
C ASP A 56 10.77 10.43 -5.65
N MET A 57 10.69 11.72 -5.50
CA MET A 57 11.71 12.45 -4.69
C MET A 57 11.03 13.23 -3.56
N THR A 58 9.73 13.38 -3.64
CA THR A 58 9.00 14.12 -2.57
C THR A 58 7.82 13.30 -2.08
N PRO A 59 7.84 12.98 -0.81
CA PRO A 59 6.74 12.20 -0.20
C PRO A 59 5.48 13.05 -0.09
N VAL A 60 4.35 12.49 -0.41
CA VAL A 60 3.08 13.28 -0.32
C VAL A 60 1.92 12.36 0.03
N GLY A 61 1.92 11.17 -0.49
CA GLY A 61 0.83 10.21 -0.20
C GLY A 61 0.98 9.72 1.25
N ARG A 62 -0.10 9.48 1.93
CA ARG A 62 0.02 9.01 3.34
C ARG A 62 -0.73 7.69 3.53
N LEU A 63 -0.36 6.93 4.54
CA LEU A 63 -1.05 5.63 4.78
C LEU A 63 -2.06 5.79 5.92
N VAL A 64 -3.30 5.40 5.70
CA VAL A 64 -4.31 5.53 6.77
C VAL A 64 -3.95 4.63 7.96
N THR A 65 -3.03 3.72 7.77
CA THR A 65 -2.64 2.82 8.89
C THR A 65 -1.13 2.60 8.88
N VAL A 66 -0.60 2.07 9.95
CA VAL A 66 0.88 1.81 10.00
C VAL A 66 1.31 0.96 8.82
N ASN A 67 2.52 0.48 8.80
CA ASN A 67 2.99 -0.35 7.65
C ASN A 67 1.94 -1.40 7.31
N PRO A 68 1.65 -1.51 6.05
CA PRO A 68 0.64 -2.49 5.57
C PRO A 68 1.21 -3.91 5.64
N PHE A 69 1.29 -4.48 6.81
CA PHE A 69 1.83 -5.85 6.94
C PHE A 69 0.68 -6.86 6.97
N VAL A 70 0.82 -7.95 6.26
CA VAL A 70 -0.26 -8.98 6.24
C VAL A 70 0.05 -10.08 7.26
N ALA A 71 0.17 -9.73 8.51
CA ALA A 71 0.48 -10.76 9.54
C ALA A 71 -0.73 -11.67 9.77
N THR A 72 -1.18 -12.34 8.75
CA THR A 72 -2.36 -13.23 8.90
C THR A 72 -2.19 -14.49 8.05
N SER A 73 -2.97 -15.51 8.30
CA SER A 73 -2.85 -16.76 7.51
C SER A 73 -3.64 -16.64 6.21
N SER A 74 -4.10 -15.46 5.89
CA SER A 74 -4.89 -15.28 4.64
C SER A 74 -4.22 -14.25 3.73
N ALA A 75 -2.99 -13.91 4.01
CA ALA A 75 -2.28 -12.91 3.16
C ALA A 75 -2.16 -13.43 1.73
N ASN A 76 -2.45 -14.67 1.51
CA ASN A 76 -2.36 -15.24 0.15
C ASN A 76 -3.66 -14.99 -0.59
N SER A 77 -4.43 -14.03 -0.16
CA SER A 77 -5.71 -13.74 -0.84
C SER A 77 -5.85 -12.24 -1.07
N LYS A 78 -6.97 -11.81 -1.55
CA LYS A 78 -7.17 -10.36 -1.78
C LYS A 78 -7.11 -9.62 -0.44
N VAL A 79 -5.95 -9.20 -0.03
CA VAL A 79 -5.82 -8.49 1.26
C VAL A 79 -6.34 -7.05 1.09
N LEU A 80 -6.42 -6.28 2.15
CA LEU A 80 -6.93 -4.89 2.00
C LEU A 80 -6.02 -3.88 2.71
N VAL A 81 -5.71 -2.80 2.05
CA VAL A 81 -4.85 -1.76 2.68
C VAL A 81 -5.60 -0.42 2.74
N GLU A 82 -5.00 0.59 3.29
CA GLU A 82 -5.68 1.91 3.37
C GLU A 82 -4.68 3.05 3.17
N MET A 83 -5.05 4.06 2.44
CA MET A 83 -4.10 5.19 2.21
C MET A 83 -4.87 6.51 2.07
N GLU A 84 -4.31 7.59 2.54
CA GLU A 84 -4.99 8.90 2.45
C GLU A 84 -4.18 9.87 1.60
N PRO A 85 -4.13 9.60 0.32
CA PRO A 85 -3.38 10.46 -0.61
C PRO A 85 -4.14 11.77 -0.85
N PRO A 86 -3.44 12.74 -1.36
CA PRO A 86 -4.05 14.07 -1.64
C PRO A 86 -4.97 13.96 -2.86
N PHE A 87 -6.00 14.77 -2.91
CA PHE A 87 -6.94 14.71 -4.07
C PHE A 87 -6.14 14.84 -5.38
N GLY A 88 -6.24 13.86 -6.23
CA GLY A 88 -5.50 13.93 -7.52
C GLY A 88 -4.81 12.58 -7.79
N ASP A 89 -4.14 12.46 -8.90
CA ASP A 89 -3.46 11.18 -9.22
C ASP A 89 -2.15 11.06 -8.41
N SER A 90 -1.85 9.89 -7.93
CA SER A 90 -0.60 9.71 -7.14
C SER A 90 0.14 8.45 -7.59
N TYR A 91 1.44 8.44 -7.48
CA TYR A 91 2.21 7.23 -7.90
C TYR A 91 2.50 6.34 -6.70
N ILE A 92 1.81 5.24 -6.57
CA ILE A 92 2.06 4.33 -5.42
C ILE A 92 3.03 3.22 -5.86
N VAL A 93 4.00 2.89 -5.04
CA VAL A 93 4.95 1.82 -5.42
C VAL A 93 4.99 0.70 -4.37
N VAL A 94 4.62 -0.48 -4.74
CA VAL A 94 4.63 -1.61 -3.78
C VAL A 94 5.81 -2.54 -4.08
N GLY A 95 6.92 -2.35 -3.42
CA GLY A 95 8.10 -3.23 -3.68
C GLY A 95 9.01 -3.23 -2.46
N MET A 96 9.99 -4.10 -2.45
CA MET A 96 10.92 -4.16 -1.27
C MET A 96 11.97 -3.06 -1.39
N GLY A 97 12.80 -3.11 -2.40
CA GLY A 97 13.85 -2.07 -2.57
C GLY A 97 14.26 -1.98 -4.03
N ASP A 98 14.91 -2.99 -4.53
CA ASP A 98 15.34 -2.97 -5.96
C ASP A 98 14.13 -3.11 -6.88
N LYS A 99 13.59 -4.29 -7.01
CA LYS A 99 12.42 -4.50 -7.88
C LYS A 99 11.14 -4.05 -7.18
N GLN A 100 10.45 -3.09 -7.73
CA GLN A 100 9.19 -2.60 -7.10
C GLN A 100 8.13 -2.32 -8.16
N ILE A 101 6.88 -2.49 -7.83
CA ILE A 101 5.81 -2.23 -8.83
C ILE A 101 5.19 -0.85 -8.60
N ASN A 102 5.42 0.06 -9.50
CA ASN A 102 4.86 1.43 -9.33
C ASN A 102 3.60 1.60 -10.20
N HIS A 103 2.54 2.09 -9.63
CA HIS A 103 1.28 2.28 -10.42
C HIS A 103 0.75 3.70 -10.24
N HIS A 104 -0.23 4.07 -11.02
CA HIS A 104 -0.81 5.45 -10.88
C HIS A 104 -2.31 5.37 -10.62
N TRP A 105 -2.77 5.99 -9.57
CA TRP A 105 -4.23 5.94 -9.27
C TRP A 105 -4.79 7.36 -9.17
N HIS A 106 -5.90 7.62 -9.82
CA HIS A 106 -6.51 8.98 -9.76
C HIS A 106 -7.90 8.92 -9.13
N LYS A 107 -8.13 9.71 -8.12
CA LYS A 107 -9.47 9.69 -7.47
C LYS A 107 -10.40 10.70 -8.14
N ALA A 108 -9.86 11.61 -8.90
CA ALA A 108 -10.70 12.61 -9.60
C ALA A 108 -9.83 13.57 -10.42
N GLY A 109 -10.28 13.95 -11.58
CA GLY A 109 -9.48 14.88 -12.42
C GLY A 109 -9.79 16.32 -12.03
N SER A 110 -8.85 16.99 -11.42
CA SER A 110 -9.10 18.41 -11.01
C SER A 110 -8.17 19.36 -11.79
N THR A 111 -8.04 19.16 -13.07
CA THR A 111 -7.16 20.04 -13.87
C THR A 111 -5.75 20.09 -13.27
N ASP A 1 4.24 14.30 16.03
CA ASP A 1 3.51 13.12 16.60
C ASP A 1 4.22 11.83 16.23
N LYS A 2 3.80 10.72 16.77
CA LYS A 2 4.45 9.43 16.46
C LYS A 2 3.39 8.34 16.23
N LEU A 3 3.73 7.32 15.49
CA LEU A 3 2.75 6.23 15.23
C LEU A 3 2.86 5.14 16.29
N ALA A 4 1.78 4.49 16.62
CA ALA A 4 1.83 3.42 17.65
C ALA A 4 2.33 2.11 17.03
N LEU A 5 3.60 1.86 17.08
CA LEU A 5 4.15 0.61 16.49
C LEU A 5 4.65 -0.32 17.61
N LYS A 6 4.62 -1.60 17.37
CA LYS A 6 5.10 -2.55 18.42
C LYS A 6 6.22 -3.43 17.86
N GLY A 7 6.70 -4.37 18.63
CA GLY A 7 7.79 -5.25 18.13
C GLY A 7 7.18 -6.51 17.50
N THR A 8 6.14 -6.36 16.73
CA THR A 8 5.50 -7.54 16.09
C THR A 8 6.55 -8.35 15.31
N THR A 9 6.23 -9.56 14.95
CA THR A 9 7.20 -10.39 14.18
C THR A 9 7.80 -9.58 13.03
N TYR A 10 8.97 -9.93 12.58
CA TYR A 10 9.60 -9.18 11.46
C TYR A 10 9.64 -10.03 10.20
N GLY A 11 8.78 -9.76 9.25
CA GLY A 11 8.78 -10.56 8.00
C GLY A 11 9.56 -9.81 6.92
N MET A 12 10.14 -10.53 5.99
CA MET A 12 10.92 -9.85 4.91
C MET A 12 10.16 -9.92 3.58
N CYS A 13 9.42 -8.90 3.25
CA CYS A 13 8.66 -8.90 1.97
C CYS A 13 9.23 -7.85 1.02
N THR A 14 8.62 -7.67 -0.12
CA THR A 14 9.14 -6.66 -1.08
C THR A 14 8.04 -6.23 -2.05
N GLU A 15 7.72 -7.06 -2.99
CA GLU A 15 6.66 -6.71 -3.98
C GLU A 15 5.52 -7.73 -3.92
N LYS A 16 5.55 -8.60 -2.93
CA LYS A 16 4.47 -9.62 -2.81
C LYS A 16 3.09 -8.97 -2.74
N PHE A 17 2.52 -8.61 -3.86
CA PHE A 17 1.18 -7.98 -3.85
C PHE A 17 0.53 -8.10 -5.23
N SER A 18 -0.76 -8.33 -5.28
CA SER A 18 -1.45 -8.45 -6.60
C SER A 18 -2.66 -7.52 -6.65
N PHE A 19 -2.51 -6.36 -7.24
CA PHE A 19 -3.66 -5.42 -7.31
C PHE A 19 -4.84 -6.08 -8.02
N ALA A 20 -5.94 -6.20 -7.34
CA ALA A 20 -7.14 -6.84 -7.97
C ALA A 20 -8.19 -5.77 -8.29
N LYS A 21 -8.14 -4.64 -7.63
CA LYS A 21 -9.14 -3.57 -7.91
C LYS A 21 -8.49 -2.20 -7.78
N ASN A 22 -8.97 -1.23 -8.52
CA ASN A 22 -8.38 0.14 -8.44
C ASN A 22 -8.69 0.76 -7.08
N PRO A 23 -7.91 1.74 -6.73
CA PRO A 23 -8.09 2.44 -5.43
C PRO A 23 -9.33 3.34 -5.48
N ALA A 24 -10.15 3.28 -4.45
CA ALA A 24 -11.37 4.13 -4.43
C ALA A 24 -11.48 4.88 -3.11
N ASP A 25 -12.16 5.98 -3.10
CA ASP A 25 -12.31 6.77 -1.84
C ASP A 25 -13.45 6.20 -1.00
N THR A 26 -13.34 6.28 0.31
CA THR A 26 -14.42 5.75 1.18
C THR A 26 -14.72 6.73 2.32
N GLY A 27 -14.38 7.98 2.14
CA GLY A 27 -14.65 8.98 3.21
C GLY A 27 -13.89 10.28 2.90
N HIS A 28 -13.23 10.83 3.87
CA HIS A 28 -12.47 12.10 3.62
C HIS A 28 -10.97 11.82 3.54
N GLY A 29 -10.47 11.59 2.36
CA GLY A 29 -9.02 11.32 2.21
C GLY A 29 -8.74 9.85 2.55
N THR A 30 -9.68 8.98 2.29
CA THR A 30 -9.46 7.54 2.59
C THR A 30 -9.64 6.69 1.33
N VAL A 31 -8.57 6.19 0.79
CA VAL A 31 -8.68 5.36 -0.44
C VAL A 31 -8.61 3.88 -0.08
N VAL A 32 -9.33 3.04 -0.79
CA VAL A 32 -9.31 1.59 -0.47
C VAL A 32 -8.87 0.79 -1.70
N ILE A 33 -8.22 -0.32 -1.49
CA ILE A 33 -7.76 -1.16 -2.63
C ILE A 33 -7.78 -2.63 -2.23
N GLU A 34 -7.87 -3.53 -3.17
CA GLU A 34 -7.89 -4.97 -2.82
C GLU A 34 -6.82 -5.73 -3.60
N LEU A 35 -5.74 -6.08 -2.95
CA LEU A 35 -4.65 -6.83 -3.63
C LEU A 35 -4.41 -8.15 -2.91
N SER A 36 -4.18 -9.21 -3.62
CA SER A 36 -3.96 -10.52 -2.95
C SER A 36 -2.47 -10.74 -2.73
N TYR A 37 -2.09 -11.15 -1.55
CA TYR A 37 -0.64 -11.38 -1.30
C TYR A 37 -0.30 -12.86 -1.52
N SER A 38 0.30 -13.18 -2.63
CA SER A 38 0.65 -14.59 -2.91
C SER A 38 2.10 -14.84 -2.52
N GLY A 39 2.39 -14.84 -1.24
CA GLY A 39 3.79 -15.08 -0.80
C GLY A 39 3.87 -16.40 -0.05
N SER A 40 4.81 -17.25 -0.40
CA SER A 40 4.94 -18.57 0.29
C SER A 40 5.63 -18.39 1.65
N ASP A 41 5.89 -17.17 2.04
CA ASP A 41 6.56 -16.94 3.35
C ASP A 41 5.52 -16.59 4.42
N GLY A 42 4.28 -16.52 4.04
CA GLY A 42 3.22 -16.19 5.04
C GLY A 42 3.18 -14.67 5.25
N PRO A 43 3.17 -14.28 6.49
CA PRO A 43 3.12 -12.84 6.84
C PRO A 43 4.49 -12.19 6.56
N CYS A 44 4.49 -11.09 5.87
CA CYS A 44 5.77 -10.40 5.56
C CYS A 44 5.58 -8.88 5.51
N LYS A 45 6.64 -8.13 5.62
CA LYS A 45 6.50 -6.65 5.57
C LYS A 45 6.55 -6.17 4.12
N ILE A 46 5.42 -5.72 3.60
CA ILE A 46 5.42 -5.24 2.19
C ILE A 46 5.84 -3.78 2.13
N PRO A 47 6.95 -3.56 1.46
CA PRO A 47 7.49 -2.19 1.32
C PRO A 47 6.62 -1.37 0.35
N ILE A 48 5.84 -0.48 0.88
CA ILE A 48 4.96 0.36 -0.01
C ILE A 48 5.19 1.84 0.26
N VAL A 49 5.01 2.67 -0.73
CA VAL A 49 5.21 4.13 -0.53
C VAL A 49 4.03 4.92 -1.11
N SER A 50 3.62 5.95 -0.44
CA SER A 50 2.47 6.76 -0.96
C SER A 50 2.94 8.18 -1.30
N VAL A 51 3.09 8.47 -2.56
CA VAL A 51 3.56 9.83 -2.96
C VAL A 51 2.66 10.39 -4.06
N ALA A 52 2.71 11.68 -4.28
CA ALA A 52 1.87 12.29 -5.34
C ALA A 52 2.12 11.61 -6.69
N SER A 53 1.24 11.80 -7.64
CA SER A 53 1.42 11.15 -8.97
C SER A 53 2.70 11.65 -9.65
N LEU A 54 3.63 10.77 -9.90
CA LEU A 54 4.90 11.19 -10.58
C LEU A 54 5.83 11.89 -9.59
N ASN A 55 5.78 11.52 -8.34
CA ASN A 55 6.67 12.15 -7.33
C ASN A 55 7.28 11.07 -6.43
N ASP A 56 8.37 10.48 -6.86
CA ASP A 56 9.01 9.41 -6.03
C ASP A 56 10.27 9.96 -5.35
N MET A 57 10.40 11.25 -5.27
CA MET A 57 11.61 11.84 -4.63
C MET A 57 11.27 12.33 -3.22
N THR A 58 10.02 12.63 -2.98
CA THR A 58 9.62 13.11 -1.63
C THR A 58 8.31 12.44 -1.20
N PRO A 59 8.27 12.07 0.05
CA PRO A 59 7.06 11.41 0.60
C PRO A 59 5.92 12.41 0.76
N VAL A 60 4.74 12.07 0.32
CA VAL A 60 3.60 13.02 0.46
C VAL A 60 2.31 12.25 0.75
N GLY A 61 2.16 11.08 0.18
CA GLY A 61 0.93 10.28 0.42
C GLY A 61 1.04 9.63 1.80
N ARG A 62 -0.06 9.23 2.37
CA ARG A 62 -0.01 8.59 3.72
C ARG A 62 -0.78 7.27 3.72
N LEU A 63 -0.46 6.38 4.61
CA LEU A 63 -1.17 5.08 4.67
C LEU A 63 -2.31 5.14 5.68
N VAL A 64 -3.51 4.84 5.26
CA VAL A 64 -4.67 4.88 6.21
C VAL A 64 -4.57 3.74 7.22
N THR A 65 -4.14 2.59 6.78
CA THR A 65 -4.02 1.43 7.71
C THR A 65 -2.60 1.37 8.29
N VAL A 66 -2.36 0.46 9.20
CA VAL A 66 -1.01 0.34 9.80
C VAL A 66 0.03 0.09 8.71
N ASN A 67 1.27 -0.12 9.09
CA ASN A 67 2.33 -0.38 8.07
C ASN A 67 1.84 -1.40 7.03
N PRO A 68 2.43 -1.35 5.88
CA PRO A 68 2.05 -2.28 4.79
C PRO A 68 2.59 -3.69 5.06
N PHE A 69 2.10 -4.33 6.09
CA PHE A 69 2.57 -5.70 6.41
C PHE A 69 1.37 -6.62 6.67
N VAL A 70 1.25 -7.68 5.92
CA VAL A 70 0.11 -8.60 6.14
C VAL A 70 0.48 -9.66 7.19
N ALA A 71 0.78 -9.24 8.38
CA ALA A 71 1.17 -10.20 9.45
C ALA A 71 -0.04 -11.08 9.81
N THR A 72 -0.49 -11.89 8.90
CA THR A 72 -1.66 -12.77 9.20
C THR A 72 -1.48 -14.13 8.52
N SER A 73 -2.17 -15.13 9.00
CA SER A 73 -2.05 -16.49 8.37
C SER A 73 -3.01 -16.61 7.20
N SER A 74 -3.94 -15.70 7.09
CA SER A 74 -4.92 -15.76 5.96
C SER A 74 -4.73 -14.55 5.05
N ALA A 75 -3.61 -13.88 5.16
CA ALA A 75 -3.37 -12.70 4.27
C ALA A 75 -2.86 -13.17 2.91
N ASN A 76 -2.92 -14.45 2.65
CA ASN A 76 -2.45 -14.96 1.34
C ASN A 76 -3.58 -14.86 0.33
N SER A 77 -4.59 -14.08 0.62
CA SER A 77 -5.73 -13.94 -0.32
C SER A 77 -5.88 -12.47 -0.71
N LYS A 78 -6.91 -12.13 -1.41
CA LYS A 78 -7.11 -10.72 -1.81
C LYS A 78 -7.28 -9.87 -0.55
N VAL A 79 -6.20 -9.40 0.00
CA VAL A 79 -6.28 -8.57 1.23
C VAL A 79 -6.75 -7.16 0.87
N LEU A 80 -7.02 -6.34 1.85
CA LEU A 80 -7.48 -4.95 1.55
C LEU A 80 -6.57 -3.91 2.21
N VAL A 81 -6.11 -2.95 1.45
CA VAL A 81 -5.23 -1.90 2.02
C VAL A 81 -5.91 -0.53 1.93
N GLU A 82 -5.27 0.50 2.43
CA GLU A 82 -5.90 1.86 2.38
C GLU A 82 -4.82 2.94 2.36
N MET A 83 -5.10 4.07 1.76
CA MET A 83 -4.09 5.16 1.73
C MET A 83 -4.79 6.53 1.69
N GLU A 84 -4.37 7.44 2.54
CA GLU A 84 -5.01 8.77 2.56
C GLU A 84 -4.09 9.83 1.94
N PRO A 85 -3.96 9.77 0.65
CA PRO A 85 -3.10 10.74 -0.07
C PRO A 85 -3.78 12.11 -0.12
N PRO A 86 -3.03 13.09 -0.55
CA PRO A 86 -3.57 14.47 -0.64
C PRO A 86 -4.59 14.57 -1.78
N PHE A 87 -5.46 15.54 -1.71
CA PHE A 87 -6.49 15.69 -2.79
C PHE A 87 -5.80 15.74 -4.16
N GLY A 88 -6.19 14.89 -5.07
CA GLY A 88 -5.57 14.89 -6.42
C GLY A 88 -5.13 13.48 -6.79
N ASP A 89 -4.25 13.34 -7.74
CA ASP A 89 -3.78 11.98 -8.13
C ASP A 89 -2.43 11.68 -7.48
N SER A 90 -2.31 10.54 -6.84
CA SER A 90 -1.02 10.19 -6.18
C SER A 90 -0.49 8.87 -6.74
N TYR A 91 0.80 8.68 -6.72
CA TYR A 91 1.37 7.41 -7.26
C TYR A 91 1.85 6.52 -6.10
N ILE A 92 1.29 5.35 -5.97
CA ILE A 92 1.71 4.44 -4.88
C ILE A 92 2.49 3.25 -5.45
N VAL A 93 3.61 2.92 -4.88
CA VAL A 93 4.40 1.77 -5.42
C VAL A 93 4.64 0.72 -4.33
N VAL A 94 4.33 -0.52 -4.61
CA VAL A 94 4.55 -1.59 -3.61
C VAL A 94 5.73 -2.47 -4.03
N GLY A 95 6.92 -2.12 -3.64
CA GLY A 95 8.10 -2.93 -4.02
C GLY A 95 9.23 -2.72 -3.01
N MET A 96 10.35 -3.37 -3.21
CA MET A 96 11.49 -3.20 -2.27
C MET A 96 12.52 -2.20 -2.85
N GLY A 97 12.65 -2.16 -4.14
CA GLY A 97 13.62 -1.22 -4.76
C GLY A 97 13.67 -1.45 -6.27
N ASP A 98 14.25 -2.54 -6.69
CA ASP A 98 14.33 -2.82 -8.16
C ASP A 98 12.93 -3.05 -8.73
N LYS A 99 12.42 -4.25 -8.60
CA LYS A 99 11.06 -4.54 -9.13
C LYS A 99 10.00 -4.02 -8.16
N GLN A 100 9.18 -3.10 -8.60
CA GLN A 100 8.12 -2.56 -7.70
C GLN A 100 6.82 -2.35 -8.48
N ILE A 101 5.69 -2.49 -7.83
CA ILE A 101 4.39 -2.30 -8.53
C ILE A 101 3.92 -0.86 -8.36
N ASN A 102 4.02 -0.06 -9.40
CA ASN A 102 3.57 1.35 -9.31
C ASN A 102 2.12 1.50 -9.77
N HIS A 103 1.33 2.25 -9.06
CA HIS A 103 -0.09 2.44 -9.45
C HIS A 103 -0.44 3.93 -9.47
N HIS A 104 -1.48 4.30 -10.17
CA HIS A 104 -1.87 5.73 -10.24
C HIS A 104 -3.28 5.94 -9.66
N TRP A 105 -3.37 6.52 -8.50
CA TRP A 105 -4.70 6.75 -7.89
C TRP A 105 -5.26 8.11 -8.34
N HIS A 106 -6.01 8.12 -9.41
CA HIS A 106 -6.58 9.41 -9.90
C HIS A 106 -8.04 9.54 -9.46
N LYS A 107 -8.40 10.69 -8.96
CA LYS A 107 -9.82 10.89 -8.51
C LYS A 107 -10.66 11.48 -9.64
N ALA A 108 -10.04 11.87 -10.72
CA ALA A 108 -10.82 12.45 -11.86
C ALA A 108 -9.93 12.57 -13.10
N GLY A 109 -10.33 11.96 -14.19
CA GLY A 109 -9.51 12.04 -15.43
C GLY A 109 -10.41 12.39 -16.62
N SER A 110 -9.86 13.00 -17.62
CA SER A 110 -10.68 13.38 -18.81
C SER A 110 -11.20 12.12 -19.51
N THR A 111 -11.41 12.19 -20.79
CA THR A 111 -11.92 11.01 -21.54
C THR A 111 -11.22 10.90 -22.90
N ASP A 1 9.80 14.09 9.97
CA ASP A 1 8.45 13.59 10.34
C ASP A 1 8.34 12.09 10.03
N LYS A 2 9.27 11.30 10.51
CA LYS A 2 9.22 9.84 10.25
C LYS A 2 8.39 9.14 11.34
N LEU A 3 7.58 8.19 10.96
CA LEU A 3 6.75 7.47 11.96
C LEU A 3 7.58 6.38 12.66
N ALA A 4 7.11 5.88 13.77
CA ALA A 4 7.87 4.81 14.48
C ALA A 4 7.00 3.56 14.64
N LEU A 5 7.20 2.59 13.79
CA LEU A 5 6.39 1.34 13.89
C LEU A 5 7.22 0.21 14.51
N LYS A 6 7.44 0.27 15.80
CA LYS A 6 8.24 -0.80 16.46
C LYS A 6 7.36 -1.62 17.40
N GLY A 7 7.78 -2.79 17.75
CA GLY A 7 6.96 -3.65 18.66
C GLY A 7 7.27 -5.12 18.40
N THR A 8 7.15 -5.55 17.18
CA THR A 8 7.44 -6.98 16.86
C THR A 8 8.76 -7.10 16.10
N THR A 9 9.32 -8.27 16.04
CA THR A 9 10.60 -8.45 15.30
C THR A 9 10.40 -9.34 14.08
N TYR A 10 9.82 -8.82 13.04
CA TYR A 10 9.59 -9.63 11.80
C TYR A 10 10.43 -9.08 10.64
N GLY A 11 10.36 -9.71 9.51
CA GLY A 11 11.14 -9.24 8.33
C GLY A 11 10.20 -8.60 7.31
N MET A 12 10.58 -7.49 6.74
CA MET A 12 9.71 -6.82 5.74
C MET A 12 9.95 -7.43 4.35
N CYS A 13 9.02 -8.21 3.88
CA CYS A 13 9.20 -8.81 2.52
C CYS A 13 7.83 -9.00 1.85
N THR A 14 7.53 -8.21 0.85
CA THR A 14 6.23 -8.35 0.15
C THR A 14 6.29 -7.69 -1.23
N GLU A 15 7.13 -8.18 -2.09
CA GLU A 15 7.23 -7.58 -3.45
C GLU A 15 6.25 -8.28 -4.40
N LYS A 16 5.18 -8.80 -3.89
CA LYS A 16 4.19 -9.51 -4.77
C LYS A 16 2.76 -9.06 -4.46
N PHE A 17 2.44 -7.82 -4.75
CA PHE A 17 1.05 -7.34 -4.47
C PHE A 17 0.25 -7.27 -5.78
N SER A 18 -1.00 -7.62 -5.73
CA SER A 18 -1.82 -7.57 -6.98
C SER A 18 -3.11 -6.77 -6.74
N PHE A 19 -3.11 -5.52 -7.13
CA PHE A 19 -4.35 -4.70 -6.93
C PHE A 19 -5.54 -5.35 -7.63
N ALA A 20 -6.53 -5.74 -6.86
CA ALA A 20 -7.72 -6.38 -7.48
C ALA A 20 -8.91 -5.42 -7.46
N LYS A 21 -8.84 -4.40 -6.65
CA LYS A 21 -9.97 -3.42 -6.60
C LYS A 21 -9.43 -1.99 -6.53
N ASN A 22 -10.06 -1.07 -7.18
CA ASN A 22 -9.59 0.34 -7.15
C ASN A 22 -9.75 0.92 -5.74
N PRO A 23 -9.09 2.02 -5.51
CA PRO A 23 -9.16 2.69 -4.19
C PRO A 23 -10.54 3.31 -3.97
N ALA A 24 -11.11 3.15 -2.81
CA ALA A 24 -12.45 3.74 -2.54
C ALA A 24 -12.44 4.48 -1.19
N ASP A 25 -12.84 5.72 -1.18
CA ASP A 25 -12.86 6.49 0.09
C ASP A 25 -13.96 5.96 1.01
N THR A 26 -13.59 5.34 2.09
CA THR A 26 -14.63 4.80 3.03
C THR A 26 -15.02 5.88 4.06
N GLY A 27 -14.81 7.12 3.73
CA GLY A 27 -15.17 8.21 4.68
C GLY A 27 -14.66 9.54 4.15
N HIS A 28 -13.76 10.17 4.87
CA HIS A 28 -13.22 11.48 4.41
C HIS A 28 -11.69 11.47 4.44
N GLY A 29 -11.05 11.05 3.38
CA GLY A 29 -9.57 11.02 3.36
C GLY A 29 -9.09 9.59 3.59
N THR A 30 -9.99 8.67 3.81
CA THR A 30 -9.57 7.26 4.05
C THR A 30 -9.80 6.42 2.78
N VAL A 31 -8.75 6.06 2.11
CA VAL A 31 -8.90 5.25 0.88
C VAL A 31 -8.57 3.78 1.16
N VAL A 32 -9.36 2.87 0.67
CA VAL A 32 -9.09 1.43 0.92
C VAL A 32 -8.92 0.69 -0.40
N ILE A 33 -7.89 -0.11 -0.51
CA ILE A 33 -7.66 -0.87 -1.78
C ILE A 33 -7.34 -2.32 -1.45
N GLU A 34 -7.77 -3.24 -2.26
CA GLU A 34 -7.50 -4.68 -1.99
C GLU A 34 -6.50 -5.23 -3.01
N LEU A 35 -5.48 -5.90 -2.54
CA LEU A 35 -4.48 -6.49 -3.47
C LEU A 35 -4.15 -7.91 -3.02
N SER A 36 -4.12 -8.84 -3.92
CA SER A 36 -3.81 -10.24 -3.54
C SER A 36 -2.30 -10.39 -3.36
N TYR A 37 -1.86 -10.79 -2.21
CA TYR A 37 -0.40 -10.94 -2.02
C TYR A 37 0.01 -12.38 -2.36
N SER A 38 0.64 -12.56 -3.49
CA SER A 38 1.06 -13.93 -3.88
C SER A 38 2.50 -14.19 -3.45
N GLY A 39 2.74 -14.30 -2.17
CA GLY A 39 4.13 -14.54 -1.69
C GLY A 39 4.17 -15.84 -0.88
N SER A 40 5.06 -16.72 -1.22
CA SER A 40 5.15 -18.01 -0.46
C SER A 40 6.07 -17.86 0.74
N ASP A 41 6.17 -16.68 1.29
CA ASP A 41 7.05 -16.48 2.47
C ASP A 41 6.22 -16.21 3.72
N GLY A 42 4.92 -16.18 3.58
CA GLY A 42 4.04 -15.92 4.76
C GLY A 42 3.75 -14.43 4.87
N PRO A 43 3.42 -14.00 6.05
CA PRO A 43 3.12 -12.56 6.29
C PRO A 43 4.41 -11.75 6.26
N CYS A 44 4.32 -10.50 5.93
CA CYS A 44 5.56 -9.65 5.87
C CYS A 44 5.17 -8.17 5.70
N LYS A 45 6.03 -7.28 6.08
CA LYS A 45 5.72 -5.83 5.91
C LYS A 45 5.74 -5.48 4.43
N ILE A 46 4.68 -4.90 3.93
CA ILE A 46 4.63 -4.54 2.48
C ILE A 46 5.38 -3.23 2.23
N PRO A 47 6.50 -3.34 1.57
CA PRO A 47 7.31 -2.14 1.25
C PRO A 47 6.68 -1.35 0.11
N ILE A 48 5.74 -0.50 0.41
CA ILE A 48 5.08 0.29 -0.67
C ILE A 48 5.19 1.79 -0.37
N VAL A 49 5.26 2.60 -1.39
CA VAL A 49 5.36 4.07 -1.18
C VAL A 49 4.12 4.76 -1.75
N SER A 50 3.64 5.79 -1.09
CA SER A 50 2.44 6.50 -1.60
C SER A 50 2.76 7.98 -1.83
N VAL A 51 2.99 8.36 -3.05
CA VAL A 51 3.32 9.79 -3.34
C VAL A 51 2.43 10.32 -4.46
N ALA A 52 2.25 11.61 -4.52
CA ALA A 52 1.40 12.18 -5.59
C ALA A 52 1.90 11.75 -6.97
N SER A 53 1.11 11.90 -7.99
CA SER A 53 1.56 11.49 -9.35
C SER A 53 2.77 12.30 -9.79
N LEU A 54 3.86 11.63 -10.08
CA LEU A 54 5.09 12.37 -10.53
C LEU A 54 5.84 12.95 -9.32
N ASN A 55 5.75 12.31 -8.19
CA ASN A 55 6.48 12.82 -6.99
C ASN A 55 7.18 11.67 -6.27
N ASP A 56 8.36 11.30 -6.70
CA ASP A 56 9.09 10.20 -6.03
C ASP A 56 10.26 10.73 -5.20
N MET A 57 10.34 12.02 -5.05
CA MET A 57 11.47 12.61 -4.25
C MET A 57 10.97 13.05 -2.87
N THR A 58 9.68 13.21 -2.73
CA THR A 58 9.13 13.64 -1.40
C THR A 58 7.89 12.81 -1.05
N PRO A 59 7.73 12.57 0.22
CA PRO A 59 6.57 11.78 0.70
C PRO A 59 5.28 12.61 0.61
N VAL A 60 4.24 12.04 0.08
CA VAL A 60 2.95 12.79 -0.03
C VAL A 60 1.79 11.92 0.44
N GLY A 61 1.61 10.80 -0.21
CA GLY A 61 0.51 9.88 0.19
C GLY A 61 0.88 9.23 1.53
N ARG A 62 -0.09 8.81 2.30
CA ARG A 62 0.23 8.19 3.61
C ARG A 62 -0.73 7.04 3.91
N LEU A 63 -0.33 6.12 4.75
CA LEU A 63 -1.23 4.98 5.09
C LEU A 63 -2.15 5.37 6.24
N VAL A 64 -3.40 4.99 6.17
CA VAL A 64 -4.36 5.34 7.25
C VAL A 64 -4.40 4.22 8.30
N THR A 65 -4.16 3.01 7.90
CA THR A 65 -4.20 1.88 8.87
C THR A 65 -2.79 1.57 9.38
N VAL A 66 -2.66 0.66 10.31
CA VAL A 66 -1.31 0.33 10.84
C VAL A 66 -0.30 0.21 9.69
N ASN A 67 0.96 0.09 10.00
CA ASN A 67 1.99 -0.03 8.93
C ASN A 67 1.54 -1.07 7.89
N PRO A 68 2.15 -1.01 6.74
CA PRO A 68 1.81 -1.95 5.65
C PRO A 68 2.34 -3.35 5.97
N PHE A 69 1.55 -4.16 6.61
CA PHE A 69 2.02 -5.54 6.95
C PHE A 69 0.83 -6.51 6.99
N VAL A 70 0.89 -7.55 6.19
CA VAL A 70 -0.23 -8.53 6.18
C VAL A 70 0.00 -9.62 7.22
N ALA A 71 0.04 -9.24 8.48
CA ALA A 71 0.26 -10.26 9.55
C ALA A 71 -0.96 -11.17 9.69
N THR A 72 -1.26 -11.93 8.68
CA THR A 72 -2.44 -12.84 8.76
C THR A 72 -2.14 -14.17 8.05
N SER A 73 -2.81 -15.22 8.45
CA SER A 73 -2.56 -16.54 7.79
C SER A 73 -3.25 -16.60 6.44
N SER A 74 -3.97 -15.55 6.08
CA SER A 74 -4.68 -15.55 4.77
C SER A 74 -4.15 -14.41 3.89
N ALA A 75 -2.95 -13.95 4.16
CA ALA A 75 -2.38 -12.85 3.33
C ALA A 75 -2.17 -13.29 1.89
N ASN A 76 -2.39 -14.55 1.61
CA ASN A 76 -2.21 -15.04 0.23
C ASN A 76 -3.49 -14.79 -0.57
N SER A 77 -4.29 -13.86 -0.14
CA SER A 77 -5.55 -13.57 -0.87
C SER A 77 -5.67 -12.08 -1.10
N LYS A 78 -6.79 -11.64 -1.62
CA LYS A 78 -6.98 -10.19 -1.85
C LYS A 78 -6.97 -9.46 -0.50
N VAL A 79 -5.81 -9.05 -0.07
CA VAL A 79 -5.72 -8.35 1.24
C VAL A 79 -6.21 -6.90 1.06
N LEU A 80 -6.28 -6.14 2.12
CA LEU A 80 -6.77 -4.73 1.98
C LEU A 80 -5.88 -3.77 2.76
N VAL A 81 -5.69 -2.58 2.25
CA VAL A 81 -4.84 -1.58 2.95
C VAL A 81 -5.56 -0.23 3.01
N GLU A 82 -4.99 0.74 3.67
CA GLU A 82 -5.65 2.08 3.76
C GLU A 82 -4.62 3.20 3.64
N MET A 83 -4.99 4.29 3.02
CA MET A 83 -4.03 5.43 2.87
C MET A 83 -4.80 6.72 2.57
N GLU A 84 -4.43 7.80 3.20
CA GLU A 84 -5.13 9.09 2.95
C GLU A 84 -4.25 10.02 2.11
N PRO A 85 -4.15 9.70 0.86
CA PRO A 85 -3.34 10.53 -0.07
C PRO A 85 -4.05 11.86 -0.35
N PRO A 86 -3.34 12.75 -0.98
CA PRO A 86 -3.91 14.08 -1.32
C PRO A 86 -4.93 13.94 -2.45
N PHE A 87 -6.05 14.61 -2.33
CA PHE A 87 -7.09 14.51 -3.40
C PHE A 87 -6.46 14.84 -4.77
N GLY A 88 -6.21 13.83 -5.56
CA GLY A 88 -5.61 14.07 -6.90
C GLY A 88 -4.85 12.82 -7.35
N ASP A 89 -4.15 12.91 -8.45
CA ASP A 89 -3.39 11.71 -8.94
C ASP A 89 -2.23 11.40 -8.00
N SER A 90 -1.91 10.15 -7.82
CA SER A 90 -0.79 9.77 -6.92
C SER A 90 -0.01 8.58 -7.48
N TYR A 91 1.28 8.59 -7.36
CA TYR A 91 2.09 7.45 -7.88
C TYR A 91 2.41 6.48 -6.74
N ILE A 92 1.98 5.26 -6.86
CA ILE A 92 2.25 4.29 -5.76
C ILE A 92 3.18 3.16 -6.27
N VAL A 93 4.20 2.85 -5.52
CA VAL A 93 5.14 1.77 -5.96
C VAL A 93 5.18 0.64 -4.92
N VAL A 94 4.84 -0.55 -5.31
CA VAL A 94 4.88 -1.69 -4.35
C VAL A 94 6.02 -2.64 -4.69
N GLY A 95 7.12 -2.52 -3.99
CA GLY A 95 8.27 -3.42 -4.28
C GLY A 95 9.13 -3.59 -3.03
N MET A 96 9.93 -4.61 -2.96
CA MET A 96 10.79 -4.82 -1.77
C MET A 96 12.27 -4.71 -2.14
N GLY A 97 12.67 -5.30 -3.24
CA GLY A 97 14.09 -5.23 -3.66
C GLY A 97 14.20 -4.47 -4.98
N ASP A 98 14.63 -5.14 -6.02
CA ASP A 98 14.76 -4.46 -7.34
C ASP A 98 13.44 -4.54 -8.12
N LYS A 99 12.73 -5.62 -7.99
CA LYS A 99 11.45 -5.74 -8.73
C LYS A 99 10.34 -4.97 -8.01
N GLN A 100 9.81 -3.96 -8.65
CA GLN A 100 8.73 -3.16 -8.00
C GLN A 100 7.65 -2.80 -9.02
N ILE A 101 6.43 -2.65 -8.58
CA ILE A 101 5.33 -2.30 -9.53
C ILE A 101 4.83 -0.89 -9.25
N ASN A 102 5.16 0.05 -10.10
CA ASN A 102 4.71 1.45 -9.89
C ASN A 102 3.42 1.73 -10.66
N HIS A 103 2.44 2.27 -10.00
CA HIS A 103 1.15 2.58 -10.69
C HIS A 103 0.92 4.10 -10.72
N HIS A 104 0.08 4.56 -11.59
CA HIS A 104 -0.18 6.04 -11.67
C HIS A 104 -1.67 6.31 -11.44
N TRP A 105 -2.07 6.46 -10.21
CA TRP A 105 -3.51 6.74 -9.93
C TRP A 105 -3.93 8.03 -10.63
N HIS A 106 -4.48 7.93 -11.82
CA HIS A 106 -4.92 9.14 -12.54
C HIS A 106 -6.29 8.92 -13.19
N LYS A 107 -7.17 9.88 -13.08
CA LYS A 107 -8.53 9.72 -13.68
C LYS A 107 -8.63 10.56 -14.96
N ALA A 108 -7.66 11.37 -15.23
CA ALA A 108 -7.71 12.22 -16.46
C ALA A 108 -6.29 12.54 -16.95
N GLY A 109 -5.95 12.09 -18.13
CA GLY A 109 -4.59 12.36 -18.66
C GLY A 109 -4.66 12.54 -20.18
N SER A 110 -3.85 13.41 -20.73
CA SER A 110 -3.87 13.63 -22.20
C SER A 110 -2.61 14.37 -22.64
N THR A 111 -2.49 14.64 -23.92
CA THR A 111 -1.29 15.36 -24.41
C THR A 111 -1.68 16.38 -25.49
N ASP A 1 -0.56 9.67 21.43
CA ASP A 1 0.07 8.60 20.62
C ASP A 1 -0.72 7.30 20.75
N LYS A 2 -0.44 6.32 19.92
CA LYS A 2 -1.17 5.03 20.01
C LYS A 2 -0.20 3.90 20.36
N LEU A 3 -0.71 2.76 20.71
CA LEU A 3 0.18 1.61 21.07
C LEU A 3 0.83 1.05 19.80
N ALA A 4 2.14 1.04 19.76
CA ALA A 4 2.83 0.50 18.55
C ALA A 4 3.00 -1.02 18.67
N LEU A 5 3.25 -1.68 17.58
CA LEU A 5 3.43 -3.16 17.62
C LEU A 5 4.92 -3.51 17.63
N LYS A 6 5.59 -3.27 18.73
CA LYS A 6 7.04 -3.58 18.80
C LYS A 6 7.27 -4.84 19.66
N GLY A 7 8.40 -5.47 19.50
CA GLY A 7 8.68 -6.70 20.30
C GLY A 7 9.40 -7.73 19.42
N THR A 8 9.06 -7.78 18.16
CA THR A 8 9.72 -8.76 17.26
C THR A 8 10.26 -8.05 16.02
N THR A 9 11.55 -8.01 15.85
CA THR A 9 12.14 -7.31 14.66
C THR A 9 12.38 -8.32 13.54
N TYR A 10 11.50 -8.40 12.59
CA TYR A 10 11.69 -9.37 11.47
C TYR A 10 12.10 -8.61 10.19
N GLY A 11 12.43 -9.33 9.15
CA GLY A 11 12.84 -8.64 7.89
C GLY A 11 11.60 -8.34 7.05
N MET A 12 11.55 -7.17 6.46
CA MET A 12 10.36 -6.81 5.63
C MET A 12 10.49 -7.41 4.22
N CYS A 13 9.59 -8.27 3.85
CA CYS A 13 9.67 -8.88 2.49
C CYS A 13 8.27 -9.20 1.96
N THR A 14 7.80 -8.46 1.00
CA THR A 14 6.43 -8.73 0.46
C THR A 14 6.26 -8.09 -0.92
N GLU A 15 7.17 -8.31 -1.82
CA GLU A 15 7.03 -7.71 -3.17
C GLU A 15 6.03 -8.52 -4.01
N LYS A 16 5.29 -9.40 -3.38
CA LYS A 16 4.30 -10.21 -4.13
C LYS A 16 2.89 -9.66 -3.94
N PHE A 17 2.65 -8.44 -4.34
CA PHE A 17 1.29 -7.84 -4.18
C PHE A 17 0.54 -7.91 -5.51
N SER A 18 -0.74 -8.13 -5.47
CA SER A 18 -1.52 -8.21 -6.74
C SER A 18 -2.72 -7.26 -6.70
N PHE A 19 -2.60 -6.12 -7.32
CA PHE A 19 -3.74 -5.16 -7.32
C PHE A 19 -4.98 -5.81 -7.94
N ALA A 20 -5.96 -6.12 -7.14
CA ALA A 20 -7.19 -6.75 -7.69
C ALA A 20 -8.24 -5.67 -7.96
N LYS A 21 -8.14 -4.56 -7.29
CA LYS A 21 -9.14 -3.47 -7.50
C LYS A 21 -8.45 -2.10 -7.45
N ASN A 22 -8.88 -1.17 -8.25
CA ASN A 22 -8.24 0.17 -8.25
C ASN A 22 -8.52 0.88 -6.92
N PRO A 23 -7.74 1.89 -6.65
CA PRO A 23 -7.90 2.67 -5.41
C PRO A 23 -9.16 3.54 -5.48
N ALA A 24 -9.94 3.56 -4.44
CA ALA A 24 -11.18 4.39 -4.46
C ALA A 24 -11.34 5.15 -3.13
N ASP A 25 -12.07 6.23 -3.13
CA ASP A 25 -12.26 7.00 -1.87
C ASP A 25 -13.43 6.42 -1.07
N THR A 26 -13.37 6.50 0.23
CA THR A 26 -14.48 5.95 1.06
C THR A 26 -15.15 7.07 1.84
N GLY A 27 -14.61 8.26 1.77
CA GLY A 27 -15.23 9.40 2.53
C GLY A 27 -14.52 10.70 2.14
N HIS A 28 -13.69 11.22 3.00
CA HIS A 28 -12.97 12.48 2.67
C HIS A 28 -11.48 12.34 3.01
N GLY A 29 -10.70 11.86 2.08
CA GLY A 29 -9.24 11.70 2.35
C GLY A 29 -8.96 10.24 2.73
N THR A 30 -9.71 9.32 2.21
CA THR A 30 -9.48 7.88 2.55
C THR A 30 -9.56 7.02 1.30
N VAL A 31 -8.45 6.52 0.84
CA VAL A 31 -8.45 5.66 -0.39
C VAL A 31 -8.46 4.18 0.02
N VAL A 32 -9.12 3.36 -0.74
CA VAL A 32 -9.16 1.90 -0.40
C VAL A 32 -8.72 1.06 -1.59
N ILE A 33 -7.91 0.05 -1.35
CA ILE A 33 -7.44 -0.82 -2.46
C ILE A 33 -7.43 -2.29 -2.01
N GLU A 34 -7.57 -3.20 -2.92
CA GLU A 34 -7.57 -4.64 -2.53
C GLU A 34 -6.55 -5.41 -3.37
N LEU A 35 -5.47 -5.82 -2.76
CA LEU A 35 -4.43 -6.59 -3.52
C LEU A 35 -4.19 -7.94 -2.84
N SER A 36 -4.05 -8.98 -3.59
CA SER A 36 -3.82 -10.31 -2.98
C SER A 36 -2.33 -10.57 -2.84
N TYR A 37 -1.89 -11.01 -1.70
CA TYR A 37 -0.43 -11.27 -1.55
C TYR A 37 -0.15 -12.75 -1.83
N SER A 38 0.25 -13.06 -3.04
CA SER A 38 0.54 -14.47 -3.38
C SER A 38 2.04 -14.74 -3.25
N GLY A 39 2.54 -14.75 -2.06
CA GLY A 39 4.00 -14.99 -1.86
C GLY A 39 4.18 -16.25 -1.01
N SER A 40 5.02 -17.16 -1.44
CA SER A 40 5.24 -18.41 -0.65
C SER A 40 6.29 -18.16 0.43
N ASP A 41 6.50 -16.93 0.81
CA ASP A 41 7.51 -16.63 1.87
C ASP A 41 6.82 -16.50 3.23
N GLY A 42 5.51 -16.62 3.26
CA GLY A 42 4.78 -16.49 4.56
C GLY A 42 4.48 -15.02 4.84
N PRO A 43 4.23 -14.73 6.08
CA PRO A 43 3.92 -13.34 6.49
C PRO A 43 5.18 -12.47 6.44
N CYS A 44 5.02 -11.20 6.16
CA CYS A 44 6.21 -10.30 6.09
C CYS A 44 5.76 -8.84 5.97
N LYS A 45 6.62 -7.91 6.27
CA LYS A 45 6.24 -6.48 6.15
C LYS A 45 6.19 -6.06 4.68
N ILE A 46 5.11 -5.47 4.25
CA ILE A 46 5.02 -5.07 2.82
C ILE A 46 5.60 -3.67 2.62
N PRO A 47 6.68 -3.61 1.88
CA PRO A 47 7.34 -2.32 1.60
C PRO A 47 6.57 -1.54 0.53
N ILE A 48 5.80 -0.56 0.94
CA ILE A 48 5.03 0.23 -0.06
C ILE A 48 5.26 1.73 0.15
N VAL A 49 5.09 2.52 -0.88
CA VAL A 49 5.29 3.99 -0.72
C VAL A 49 4.10 4.74 -1.31
N SER A 50 3.73 5.84 -0.72
CA SER A 50 2.57 6.61 -1.25
C SER A 50 3.01 8.05 -1.59
N VAL A 51 3.03 8.38 -2.85
CA VAL A 51 3.46 9.75 -3.24
C VAL A 51 2.52 10.32 -4.31
N ALA A 52 2.52 11.61 -4.48
CA ALA A 52 1.64 12.24 -5.50
C ALA A 52 1.91 11.62 -6.88
N SER A 53 1.03 11.83 -7.82
CA SER A 53 1.24 11.25 -9.17
C SER A 53 2.53 11.79 -9.80
N LEU A 54 3.49 10.93 -10.01
CA LEU A 54 4.78 11.40 -10.61
C LEU A 54 5.66 12.05 -9.55
N ASN A 55 5.56 11.62 -8.33
CA ASN A 55 6.40 12.20 -7.25
C ASN A 55 7.23 11.12 -6.57
N ASP A 56 8.36 10.78 -7.12
CA ASP A 56 9.22 9.73 -6.49
C ASP A 56 10.37 10.37 -5.72
N MET A 57 10.26 11.64 -5.43
CA MET A 57 11.35 12.33 -4.68
C MET A 57 10.79 13.02 -3.44
N THR A 58 9.49 13.10 -3.33
CA THR A 58 8.89 13.77 -2.14
C THR A 58 7.76 12.91 -1.56
N PRO A 59 7.96 12.45 -0.35
CA PRO A 59 6.95 11.60 0.32
C PRO A 59 5.75 12.44 0.74
N VAL A 60 4.57 12.03 0.38
CA VAL A 60 3.35 12.81 0.76
C VAL A 60 2.17 11.87 0.96
N GLY A 61 2.11 10.82 0.20
CA GLY A 61 0.98 9.85 0.35
C GLY A 61 1.16 9.08 1.66
N ARG A 62 0.09 8.72 2.31
CA ARG A 62 0.22 7.98 3.60
C ARG A 62 -0.82 6.87 3.69
N LEU A 63 -0.57 5.87 4.49
CA LEU A 63 -1.55 4.76 4.63
C LEU A 63 -2.57 5.08 5.72
N VAL A 64 -3.80 4.74 5.53
CA VAL A 64 -4.84 5.03 6.56
C VAL A 64 -4.87 3.92 7.61
N THR A 65 -4.24 2.81 7.33
CA THR A 65 -4.23 1.69 8.32
C THR A 65 -2.83 1.50 8.90
N VAL A 66 -2.68 0.61 9.84
CA VAL A 66 -1.34 0.38 10.45
C VAL A 66 -0.34 -0.02 9.36
N ASN A 67 0.90 -0.19 9.71
CA ASN A 67 1.92 -0.59 8.69
C ASN A 67 1.38 -1.75 7.84
N PRO A 68 1.69 -1.70 6.58
CA PRO A 68 1.23 -2.75 5.64
C PRO A 68 2.06 -4.03 5.79
N PHE A 69 1.91 -4.72 6.88
CA PHE A 69 2.70 -5.97 7.08
C PHE A 69 1.77 -7.19 7.00
N VAL A 70 2.13 -8.17 6.22
CA VAL A 70 1.27 -9.38 6.10
C VAL A 70 1.62 -10.37 7.21
N ALA A 71 1.46 -9.99 8.45
CA ALA A 71 1.79 -10.91 9.57
C ALA A 71 0.56 -11.77 9.91
N THR A 72 0.06 -12.50 8.95
CA THR A 72 -1.14 -13.35 9.21
C THR A 72 -1.03 -14.66 8.42
N SER A 73 -1.89 -15.60 8.70
CA SER A 73 -1.85 -16.89 7.95
C SER A 73 -2.88 -16.88 6.81
N SER A 74 -3.66 -15.83 6.73
CA SER A 74 -4.67 -15.75 5.64
C SER A 74 -4.45 -14.51 4.78
N ALA A 75 -3.34 -13.84 4.97
CA ALA A 75 -3.07 -12.62 4.14
C ALA A 75 -2.57 -13.03 2.76
N ASN A 76 -2.63 -14.30 2.45
CA ASN A 76 -2.17 -14.76 1.12
C ASN A 76 -3.32 -14.65 0.12
N SER A 77 -4.30 -13.85 0.43
CA SER A 77 -5.45 -13.71 -0.49
C SER A 77 -5.63 -12.22 -0.84
N LYS A 78 -6.68 -11.89 -1.54
CA LYS A 78 -6.91 -10.47 -1.90
C LYS A 78 -7.11 -9.66 -0.62
N VAL A 79 -6.04 -9.17 -0.06
CA VAL A 79 -6.16 -8.36 1.19
C VAL A 79 -6.66 -6.96 0.86
N LEU A 80 -6.93 -6.15 1.84
CA LEU A 80 -7.44 -4.77 1.56
C LEU A 80 -6.56 -3.72 2.25
N VAL A 81 -6.16 -2.71 1.53
CA VAL A 81 -5.31 -1.64 2.14
C VAL A 81 -5.95 -0.27 1.92
N GLU A 82 -5.36 0.76 2.45
CA GLU A 82 -5.95 2.13 2.27
C GLU A 82 -4.89 3.20 2.54
N MET A 83 -5.07 4.37 1.98
CA MET A 83 -4.08 5.46 2.20
C MET A 83 -4.70 6.83 1.89
N GLU A 84 -4.41 7.82 2.68
CA GLU A 84 -4.98 9.16 2.44
C GLU A 84 -3.93 10.09 1.82
N PRO A 85 -3.84 10.04 0.52
CA PRO A 85 -2.87 10.89 -0.21
C PRO A 85 -3.32 12.35 -0.18
N PRO A 86 -2.44 13.21 -0.62
CA PRO A 86 -2.74 14.67 -0.66
C PRO A 86 -3.79 14.97 -1.73
N PHE A 87 -4.40 16.12 -1.66
CA PHE A 87 -5.44 16.48 -2.68
C PHE A 87 -4.87 16.30 -4.09
N GLY A 88 -5.55 15.57 -4.93
CA GLY A 88 -5.05 15.36 -6.32
C GLY A 88 -4.63 13.89 -6.48
N ASP A 89 -4.68 13.39 -7.68
CA ASP A 89 -4.28 11.97 -7.91
C ASP A 89 -2.87 11.72 -7.34
N SER A 90 -2.57 10.50 -7.00
CA SER A 90 -1.22 10.20 -6.43
C SER A 90 -0.70 8.85 -6.96
N TYR A 91 0.59 8.68 -7.03
CA TYR A 91 1.15 7.40 -7.54
C TYR A 91 1.68 6.55 -6.37
N ILE A 92 1.14 5.38 -6.18
CA ILE A 92 1.61 4.52 -5.06
C ILE A 92 2.36 3.30 -5.62
N VAL A 93 3.54 3.04 -5.13
CA VAL A 93 4.30 1.86 -5.64
C VAL A 93 4.49 0.82 -4.53
N VAL A 94 4.36 -0.44 -4.86
CA VAL A 94 4.53 -1.51 -3.83
C VAL A 94 5.65 -2.45 -4.26
N GLY A 95 6.81 -2.34 -3.64
CA GLY A 95 7.94 -3.23 -4.01
C GLY A 95 8.91 -3.34 -2.84
N MET A 96 9.84 -4.25 -2.89
CA MET A 96 10.82 -4.41 -1.78
C MET A 96 12.14 -3.69 -2.14
N GLY A 97 12.89 -4.23 -3.05
CA GLY A 97 14.18 -3.59 -3.44
C GLY A 97 14.66 -4.17 -4.78
N ASP A 98 13.74 -4.46 -5.66
CA ASP A 98 14.14 -5.02 -6.99
C ASP A 98 13.00 -4.86 -7.99
N LYS A 99 11.81 -5.21 -7.59
CA LYS A 99 10.64 -5.07 -8.50
C LYS A 99 9.48 -4.38 -7.77
N GLN A 100 8.91 -3.36 -8.35
CA GLN A 100 7.79 -2.65 -7.66
C GLN A 100 6.69 -2.29 -8.67
N ILE A 101 5.47 -2.22 -8.22
CA ILE A 101 4.35 -1.86 -9.14
C ILE A 101 3.78 -0.50 -8.76
N ASN A 102 3.75 0.42 -9.68
CA ASN A 102 3.22 1.78 -9.36
C ASN A 102 1.78 1.94 -9.87
N HIS A 103 0.94 2.56 -9.11
CA HIS A 103 -0.47 2.75 -9.55
C HIS A 103 -0.80 4.26 -9.60
N HIS A 104 -1.83 4.62 -10.32
CA HIS A 104 -2.19 6.06 -10.41
C HIS A 104 -3.58 6.31 -9.83
N TRP A 105 -3.67 6.63 -8.58
CA TRP A 105 -5.00 6.89 -7.95
C TRP A 105 -5.61 8.17 -8.54
N HIS A 106 -6.66 8.04 -9.31
CA HIS A 106 -7.30 9.25 -9.92
C HIS A 106 -8.81 9.22 -9.69
N LYS A 107 -9.39 10.34 -9.36
CA LYS A 107 -10.86 10.38 -9.12
C LYS A 107 -11.62 10.24 -10.46
N ALA A 108 -10.92 10.31 -11.55
CA ALA A 108 -11.59 10.18 -12.88
C ALA A 108 -10.56 10.21 -14.00
N GLY A 109 -10.84 9.58 -15.11
CA GLY A 109 -9.86 9.57 -16.24
C GLY A 109 -10.58 9.98 -17.53
N SER A 110 -9.90 9.90 -18.64
CA SER A 110 -10.53 10.27 -19.94
C SER A 110 -10.08 9.32 -21.05
N THR A 111 -10.03 8.04 -20.77
CA THR A 111 -9.60 7.07 -21.81
C THR A 111 -10.60 5.93 -21.92
N ASP A 1 -8.42 -9.97 27.01
CA ASP A 1 -7.08 -9.33 27.24
C ASP A 1 -6.83 -8.25 26.19
N LYS A 2 -5.67 -7.64 26.21
CA LYS A 2 -5.36 -6.59 25.22
C LYS A 2 -4.09 -6.94 24.43
N LEU A 3 -4.13 -6.80 23.13
CA LEU A 3 -2.92 -7.13 22.32
C LEU A 3 -2.56 -5.95 21.42
N ALA A 4 -1.65 -5.11 21.85
CA ALA A 4 -1.26 -3.94 21.02
C ALA A 4 -0.19 -4.35 20.00
N LEU A 5 0.16 -3.47 19.10
CA LEU A 5 1.20 -3.82 18.08
C LEU A 5 2.47 -3.00 18.34
N LYS A 6 3.61 -3.65 18.33
CA LYS A 6 4.88 -2.91 18.57
C LYS A 6 5.81 -3.06 17.36
N GLY A 7 7.06 -2.73 17.52
CA GLY A 7 8.02 -2.86 16.38
C GLY A 7 8.90 -4.08 16.59
N THR A 8 8.43 -5.25 16.22
CA THR A 8 9.24 -6.48 16.40
C THR A 8 10.19 -6.66 15.22
N THR A 9 11.29 -7.34 15.44
CA THR A 9 12.27 -7.55 14.34
C THR A 9 11.74 -8.60 13.36
N TYR A 10 11.20 -8.18 12.25
CA TYR A 10 10.67 -9.16 11.26
C TYR A 10 11.14 -8.80 9.85
N GLY A 11 11.25 -9.77 8.99
CA GLY A 11 11.72 -9.49 7.60
C GLY A 11 10.53 -9.04 6.74
N MET A 12 10.51 -7.80 6.35
CA MET A 12 9.37 -7.30 5.53
C MET A 12 9.50 -7.83 4.10
N CYS A 13 8.54 -8.60 3.65
CA CYS A 13 8.61 -9.14 2.26
C CYS A 13 7.20 -9.31 1.68
N THR A 14 6.82 -8.47 0.76
CA THR A 14 5.46 -8.59 0.16
C THR A 14 5.41 -7.81 -1.16
N GLU A 15 6.47 -7.82 -1.91
CA GLU A 15 6.48 -7.08 -3.20
C GLU A 15 5.51 -7.72 -4.19
N LYS A 16 4.93 -8.84 -3.83
CA LYS A 16 3.98 -9.52 -4.77
C LYS A 16 2.56 -9.01 -4.55
N PHE A 17 2.33 -7.74 -4.76
CA PHE A 17 0.95 -7.19 -4.58
C PHE A 17 0.20 -7.17 -5.91
N SER A 18 -1.05 -7.47 -5.89
CA SER A 18 -1.85 -7.45 -7.15
C SER A 18 -3.11 -6.61 -6.98
N PHE A 19 -3.08 -5.37 -7.41
CA PHE A 19 -4.27 -4.50 -7.25
C PHE A 19 -5.47 -5.11 -7.99
N ALA A 20 -6.56 -5.33 -7.29
CA ALA A 20 -7.76 -5.92 -7.92
C ALA A 20 -8.84 -4.84 -8.08
N LYS A 21 -8.79 -3.81 -7.27
CA LYS A 21 -9.83 -2.74 -7.37
C LYS A 21 -9.18 -1.38 -7.12
N ASN A 22 -9.72 -0.34 -7.70
CA ASN A 22 -9.14 1.02 -7.50
C ASN A 22 -9.34 1.46 -6.04
N PRO A 23 -8.58 2.44 -5.65
CA PRO A 23 -8.66 2.98 -4.28
C PRO A 23 -9.96 3.76 -4.08
N ALA A 24 -10.72 3.43 -3.07
CA ALA A 24 -11.99 4.17 -2.83
C ALA A 24 -12.01 4.79 -1.44
N ASP A 25 -12.65 5.91 -1.29
CA ASP A 25 -12.70 6.57 0.05
C ASP A 25 -13.88 6.03 0.86
N THR A 26 -13.75 5.96 2.16
CA THR A 26 -14.87 5.44 2.99
C THR A 26 -15.45 6.57 3.85
N GLY A 27 -14.72 7.04 4.82
CA GLY A 27 -15.23 8.14 5.68
C GLY A 27 -14.77 9.49 5.13
N HIS A 28 -13.77 10.07 5.72
CA HIS A 28 -13.28 11.39 5.21
C HIS A 28 -11.75 11.37 5.06
N GLY A 29 -11.27 10.97 3.92
CA GLY A 29 -9.79 10.93 3.72
C GLY A 29 -9.29 9.50 3.88
N THR A 30 -10.18 8.56 4.04
CA THR A 30 -9.75 7.14 4.21
C THR A 30 -9.95 6.37 2.90
N VAL A 31 -8.88 6.05 2.23
CA VAL A 31 -9.01 5.31 0.94
C VAL A 31 -8.66 3.83 1.16
N VAL A 32 -9.40 2.94 0.54
CA VAL A 32 -9.11 1.50 0.71
C VAL A 32 -8.86 0.83 -0.65
N ILE A 33 -8.05 -0.19 -0.67
CA ILE A 33 -7.76 -0.89 -1.96
C ILE A 33 -7.80 -2.40 -1.76
N GLU A 34 -8.09 -3.15 -2.78
CA GLU A 34 -8.15 -4.63 -2.62
C GLU A 34 -7.12 -5.32 -3.52
N LEU A 35 -5.94 -5.56 -3.02
CA LEU A 35 -4.90 -6.24 -3.85
C LEU A 35 -4.51 -7.55 -3.17
N SER A 36 -4.33 -8.61 -3.92
CA SER A 36 -3.96 -9.90 -3.30
C SER A 36 -2.45 -10.06 -3.31
N TYR A 37 -1.88 -10.50 -2.22
CA TYR A 37 -0.42 -10.68 -2.19
C TYR A 37 -0.06 -12.13 -2.53
N SER A 38 0.39 -12.37 -3.74
CA SER A 38 0.73 -13.76 -4.13
C SER A 38 2.22 -14.01 -3.93
N GLY A 39 2.65 -14.06 -2.70
CA GLY A 39 4.09 -14.30 -2.43
C GLY A 39 4.26 -15.60 -1.64
N SER A 40 5.24 -16.38 -1.98
CA SER A 40 5.46 -17.67 -1.25
C SER A 40 6.23 -17.42 0.06
N ASP A 41 6.05 -16.29 0.66
CA ASP A 41 6.78 -15.99 1.92
C ASP A 41 5.81 -16.01 3.11
N GLY A 42 4.53 -16.03 2.84
CA GLY A 42 3.53 -16.05 3.96
C GLY A 42 3.30 -14.63 4.46
N PRO A 43 3.19 -14.50 5.75
CA PRO A 43 2.96 -13.17 6.37
C PRO A 43 4.22 -12.32 6.27
N CYS A 44 4.07 -11.05 5.99
CA CYS A 44 5.26 -10.17 5.86
C CYS A 44 4.82 -8.70 5.79
N LYS A 45 5.69 -7.79 6.12
CA LYS A 45 5.31 -6.35 6.05
C LYS A 45 5.33 -5.91 4.59
N ILE A 46 4.28 -5.29 4.12
CA ILE A 46 4.25 -4.84 2.69
C ILE A 46 4.89 -3.47 2.54
N PRO A 47 6.04 -3.45 1.92
CA PRO A 47 6.77 -2.19 1.70
C PRO A 47 6.17 -1.44 0.51
N ILE A 48 5.34 -0.46 0.76
CA ILE A 48 4.72 0.29 -0.37
C ILE A 48 4.75 1.80 -0.08
N VAL A 49 4.95 2.60 -1.09
CA VAL A 49 4.98 4.07 -0.89
C VAL A 49 3.81 4.72 -1.65
N SER A 50 3.30 5.81 -1.15
CA SER A 50 2.17 6.49 -1.84
C SER A 50 2.52 7.94 -2.12
N VAL A 51 2.82 8.26 -3.35
CA VAL A 51 3.18 9.66 -3.68
C VAL A 51 2.35 10.16 -4.87
N ALA A 52 2.24 11.44 -5.03
CA ALA A 52 1.45 11.99 -6.17
C ALA A 52 1.99 11.44 -7.50
N SER A 53 1.22 11.56 -8.54
CA SER A 53 1.67 11.03 -9.86
C SER A 53 3.00 11.69 -10.28
N LEU A 54 4.01 10.89 -10.50
CA LEU A 54 5.32 11.46 -10.93
C LEU A 54 6.07 12.05 -9.73
N ASN A 55 5.88 11.49 -8.56
CA ASN A 55 6.60 12.01 -7.37
C ASN A 55 7.34 10.88 -6.67
N ASP A 56 8.51 10.55 -7.12
CA ASP A 56 9.29 9.45 -6.46
C ASP A 56 10.44 10.04 -5.65
N MET A 57 10.47 11.33 -5.50
CA MET A 57 11.57 11.97 -4.72
C MET A 57 11.00 12.66 -3.48
N THR A 58 9.70 12.83 -3.43
CA THR A 58 9.09 13.50 -2.26
C THR A 58 7.83 12.73 -1.82
N PRO A 59 7.73 12.52 -0.53
CA PRO A 59 6.57 11.80 0.03
C PRO A 59 5.32 12.67 -0.02
N VAL A 60 4.22 12.13 -0.45
CA VAL A 60 2.96 12.94 -0.52
C VAL A 60 1.78 12.10 -0.05
N GLY A 61 1.69 10.91 -0.54
CA GLY A 61 0.57 10.01 -0.13
C GLY A 61 0.85 9.48 1.28
N ARG A 62 -0.16 9.08 2.01
CA ARG A 62 0.09 8.57 3.39
C ARG A 62 -0.76 7.34 3.66
N LEU A 63 -0.35 6.53 4.60
CA LEU A 63 -1.14 5.31 4.93
C LEU A 63 -2.15 5.63 6.04
N VAL A 64 -3.37 5.20 5.90
CA VAL A 64 -4.39 5.49 6.95
C VAL A 64 -4.12 4.63 8.20
N THR A 65 -3.77 3.39 8.00
CA THR A 65 -3.50 2.51 9.18
C THR A 65 -1.98 2.33 9.36
N VAL A 66 -1.59 1.64 10.40
CA VAL A 66 -0.14 1.43 10.63
C VAL A 66 0.51 0.80 9.40
N ASN A 67 1.75 0.41 9.49
CA ASN A 67 2.43 -0.22 8.31
C ASN A 67 1.53 -1.28 7.70
N PRO A 68 1.49 -1.30 6.40
CA PRO A 68 0.65 -2.30 5.68
C PRO A 68 1.31 -3.67 5.71
N PHE A 69 1.27 -4.35 6.82
CA PHE A 69 1.89 -5.69 6.91
C PHE A 69 0.81 -6.77 6.97
N VAL A 70 1.02 -7.88 6.31
CA VAL A 70 0.01 -8.97 6.34
C VAL A 70 0.49 -10.07 7.29
N ALA A 71 0.69 -9.76 8.53
CA ALA A 71 1.16 -10.78 9.50
C ALA A 71 0.05 -11.82 9.77
N THR A 72 -0.42 -12.46 8.74
CA THR A 72 -1.50 -13.47 8.93
C THR A 72 -1.28 -14.66 8.00
N SER A 73 -1.96 -15.76 8.24
CA SER A 73 -1.78 -16.95 7.36
C SER A 73 -2.68 -16.82 6.13
N SER A 74 -3.31 -15.69 5.96
CA SER A 74 -4.21 -15.52 4.78
C SER A 74 -3.74 -14.32 3.93
N ALA A 75 -2.53 -13.88 4.11
CA ALA A 75 -2.02 -12.74 3.30
C ALA A 75 -1.85 -13.15 1.85
N ASN A 76 -2.08 -14.40 1.55
CA ASN A 76 -1.94 -14.87 0.15
C ASN A 76 -3.27 -14.69 -0.57
N SER A 77 -4.09 -13.79 -0.11
CA SER A 77 -5.40 -13.57 -0.78
C SER A 77 -5.58 -12.08 -1.06
N LYS A 78 -6.73 -11.70 -1.52
CA LYS A 78 -6.97 -10.26 -1.80
C LYS A 78 -6.88 -9.47 -0.50
N VAL A 79 -5.70 -9.03 -0.14
CA VAL A 79 -5.54 -8.27 1.12
C VAL A 79 -6.05 -6.84 0.89
N LEU A 80 -6.10 -6.02 1.92
CA LEU A 80 -6.60 -4.64 1.73
C LEU A 80 -5.69 -3.62 2.43
N VAL A 81 -5.39 -2.53 1.78
CA VAL A 81 -4.52 -1.49 2.40
C VAL A 81 -5.31 -0.19 2.56
N GLU A 82 -4.80 0.75 3.32
CA GLU A 82 -5.52 2.04 3.51
C GLU A 82 -4.55 3.21 3.37
N MET A 83 -5.01 4.32 2.85
CA MET A 83 -4.11 5.50 2.69
C MET A 83 -4.93 6.78 2.54
N GLU A 84 -4.39 7.90 2.95
CA GLU A 84 -5.13 9.18 2.84
C GLU A 84 -4.35 10.17 1.97
N PRO A 85 -4.12 9.80 0.75
CA PRO A 85 -3.37 10.67 -0.19
C PRO A 85 -4.26 11.85 -0.63
N PRO A 86 -3.61 12.89 -1.09
CA PRO A 86 -4.34 14.09 -1.54
C PRO A 86 -5.06 13.83 -2.86
N PHE A 87 -6.20 14.44 -3.07
CA PHE A 87 -6.94 14.20 -4.35
C PHE A 87 -6.02 14.46 -5.54
N GLY A 88 -6.21 13.73 -6.62
CA GLY A 88 -5.34 13.93 -7.81
C GLY A 88 -4.67 12.61 -8.17
N ASP A 89 -3.98 12.57 -9.29
CA ASP A 89 -3.30 11.31 -9.68
C ASP A 89 -2.09 11.06 -8.78
N SER A 90 -1.99 9.88 -8.22
CA SER A 90 -0.83 9.57 -7.33
C SER A 90 -0.11 8.31 -7.82
N TYR A 91 1.19 8.29 -7.75
CA TYR A 91 1.94 7.09 -8.21
C TYR A 91 2.33 6.22 -7.00
N ILE A 92 1.82 5.02 -6.94
CA ILE A 92 2.17 4.13 -5.79
C ILE A 92 3.18 3.07 -6.24
N VAL A 93 4.21 2.86 -5.47
CA VAL A 93 5.22 1.85 -5.85
C VAL A 93 5.30 0.73 -4.81
N VAL A 94 5.04 -0.49 -5.22
CA VAL A 94 5.10 -1.62 -4.25
C VAL A 94 6.41 -2.38 -4.42
N GLY A 95 7.34 -2.18 -3.53
CA GLY A 95 8.65 -2.89 -3.64
C GLY A 95 9.29 -2.99 -2.25
N MET A 96 10.02 -4.04 -2.00
CA MET A 96 10.68 -4.19 -0.67
C MET A 96 12.17 -3.84 -0.77
N GLY A 97 12.62 -3.44 -1.93
CA GLY A 97 14.05 -3.08 -2.08
C GLY A 97 14.56 -3.55 -3.45
N ASP A 98 14.49 -4.84 -3.70
CA ASP A 98 14.96 -5.36 -5.02
C ASP A 98 13.87 -5.20 -6.07
N LYS A 99 12.89 -6.06 -6.06
CA LYS A 99 11.80 -5.96 -7.06
C LYS A 99 10.79 -4.87 -6.65
N GLN A 100 10.55 -3.92 -7.51
CA GLN A 100 9.60 -2.83 -7.17
C GLN A 100 8.75 -2.47 -8.40
N ILE A 101 7.53 -2.06 -8.18
CA ILE A 101 6.64 -1.70 -9.34
C ILE A 101 5.87 -0.41 -9.03
N ASN A 102 5.89 0.54 -9.93
CA ASN A 102 5.15 1.80 -9.68
C ASN A 102 3.93 1.91 -10.60
N HIS A 103 2.80 2.24 -10.05
CA HIS A 103 1.57 2.36 -10.90
C HIS A 103 0.98 3.77 -10.78
N HIS A 104 0.03 4.10 -11.60
CA HIS A 104 -0.58 5.45 -11.55
C HIS A 104 -2.08 5.35 -11.22
N TRP A 105 -2.51 6.00 -10.18
CA TRP A 105 -3.95 5.95 -9.82
C TRP A 105 -4.62 7.29 -10.15
N HIS A 106 -5.87 7.24 -10.55
CA HIS A 106 -6.58 8.51 -10.90
C HIS A 106 -7.88 8.61 -10.10
N LYS A 107 -8.05 9.67 -9.35
CA LYS A 107 -9.30 9.83 -8.57
C LYS A 107 -10.13 10.99 -9.10
N ALA A 108 -9.60 11.73 -10.04
CA ALA A 108 -10.36 12.88 -10.60
C ALA A 108 -9.58 13.50 -11.78
N GLY A 109 -10.09 13.36 -12.97
CA GLY A 109 -9.37 13.94 -14.14
C GLY A 109 -10.37 14.70 -15.04
N SER A 110 -9.88 15.50 -15.94
CA SER A 110 -10.78 16.27 -16.83
C SER A 110 -11.23 15.39 -18.00
N THR A 111 -12.52 15.37 -18.28
CA THR A 111 -13.02 14.53 -19.40
C THR A 111 -14.01 15.34 -20.26
N ASP A 1 -2.56 -9.35 23.29
CA ASP A 1 -3.68 -8.81 22.46
C ASP A 1 -3.14 -7.80 21.44
N LYS A 2 -2.19 -6.99 21.83
CA LYS A 2 -1.63 -5.99 20.88
C LYS A 2 -0.18 -6.33 20.55
N LEU A 3 0.20 -6.22 19.31
CA LEU A 3 1.60 -6.55 18.92
C LEU A 3 2.50 -5.34 19.18
N ALA A 4 3.71 -5.57 19.64
CA ALA A 4 4.63 -4.44 19.92
C ALA A 4 5.83 -4.46 18.97
N LEU A 5 6.37 -3.33 18.65
CA LEU A 5 7.54 -3.29 17.73
C LEU A 5 8.80 -2.85 18.48
N LYS A 6 9.80 -3.69 18.50
CA LYS A 6 11.06 -3.32 19.22
C LYS A 6 12.12 -2.86 18.21
N GLY A 7 13.33 -2.68 18.66
CA GLY A 7 14.40 -2.23 17.72
C GLY A 7 15.13 -3.44 17.14
N THR A 8 14.50 -4.59 17.17
CA THR A 8 15.15 -5.81 16.61
C THR A 8 14.93 -5.88 15.10
N THR A 9 15.72 -6.65 14.41
CA THR A 9 15.56 -6.76 12.93
C THR A 9 14.30 -7.58 12.61
N TYR A 10 13.91 -7.60 11.36
CA TYR A 10 12.69 -8.37 10.98
C TYR A 10 12.76 -8.78 9.50
N GLY A 11 11.79 -9.51 9.03
CA GLY A 11 11.80 -9.93 7.61
C GLY A 11 10.86 -9.03 6.80
N MET A 12 11.41 -8.13 6.04
CA MET A 12 10.56 -7.23 5.22
C MET A 12 10.46 -7.75 3.78
N CYS A 13 9.42 -8.47 3.46
CA CYS A 13 9.28 -9.00 2.07
C CYS A 13 7.80 -9.10 1.67
N THR A 14 7.35 -8.23 0.81
CA THR A 14 5.91 -8.30 0.39
C THR A 14 5.72 -7.54 -0.92
N GLU A 15 6.70 -7.52 -1.78
CA GLU A 15 6.56 -6.79 -3.06
C GLU A 15 5.59 -7.54 -3.99
N LYS A 16 5.07 -8.65 -3.54
CA LYS A 16 4.12 -9.43 -4.38
C LYS A 16 2.68 -8.93 -4.18
N PHE A 17 2.43 -7.69 -4.49
CA PHE A 17 1.05 -7.15 -4.32
C PHE A 17 0.28 -7.26 -5.64
N SER A 18 -1.01 -7.49 -5.58
CA SER A 18 -1.80 -7.62 -6.85
C SER A 18 -3.01 -6.68 -6.81
N PHE A 19 -2.91 -5.55 -7.47
CA PHE A 19 -4.06 -4.60 -7.48
C PHE A 19 -5.31 -5.31 -8.04
N ALA A 20 -6.32 -5.48 -7.23
CA ALA A 20 -7.56 -6.15 -7.72
C ALA A 20 -8.66 -5.13 -8.01
N LYS A 21 -8.63 -4.01 -7.35
CA LYS A 21 -9.67 -2.97 -7.59
C LYS A 21 -9.08 -1.57 -7.46
N ASN A 22 -9.63 -0.61 -8.15
CA ASN A 22 -9.09 0.78 -8.07
C ASN A 22 -9.34 1.36 -6.67
N PRO A 23 -8.52 2.29 -6.30
CA PRO A 23 -8.65 2.94 -4.98
C PRO A 23 -9.86 3.88 -4.94
N ALA A 24 -10.56 3.92 -3.86
CA ALA A 24 -11.76 4.82 -3.78
C ALA A 24 -11.93 5.35 -2.35
N ASP A 25 -12.77 6.33 -2.17
CA ASP A 25 -12.98 6.88 -0.80
C ASP A 25 -14.09 6.12 -0.08
N THR A 26 -14.07 6.11 1.23
CA THR A 26 -15.12 5.38 1.99
C THR A 26 -15.76 6.32 3.03
N GLY A 27 -14.95 7.01 3.79
CA GLY A 27 -15.50 7.93 4.81
C GLY A 27 -15.13 9.37 4.46
N HIS A 28 -14.13 9.91 5.12
CA HIS A 28 -13.73 11.31 4.81
C HIS A 28 -12.20 11.39 4.67
N GLY A 29 -11.70 11.29 3.46
CA GLY A 29 -10.23 11.36 3.26
C GLY A 29 -9.62 9.97 3.45
N THR A 30 -10.41 8.94 3.37
CA THR A 30 -9.88 7.56 3.55
C THR A 30 -10.01 6.76 2.25
N VAL A 31 -8.91 6.51 1.59
CA VAL A 31 -8.97 5.74 0.32
C VAL A 31 -8.93 4.24 0.61
N VAL A 32 -9.65 3.46 -0.15
CA VAL A 32 -9.65 1.99 0.08
C VAL A 32 -9.26 1.23 -1.18
N ILE A 33 -8.64 0.10 -1.05
CA ILE A 33 -8.22 -0.69 -2.24
C ILE A 33 -8.16 -2.18 -1.89
N GLU A 34 -8.15 -3.04 -2.87
CA GLU A 34 -8.10 -4.50 -2.58
C GLU A 34 -7.03 -5.18 -3.44
N LEU A 35 -5.89 -5.47 -2.88
CA LEU A 35 -4.81 -6.15 -3.66
C LEU A 35 -4.50 -7.49 -3.01
N SER A 36 -4.27 -8.51 -3.79
CA SER A 36 -3.98 -9.84 -3.22
C SER A 36 -2.47 -10.01 -3.07
N TYR A 37 -2.02 -10.45 -1.93
CA TYR A 37 -0.55 -10.64 -1.75
C TYR A 37 -0.19 -12.07 -2.10
N SER A 38 0.30 -12.29 -3.30
CA SER A 38 0.67 -13.67 -3.71
C SER A 38 2.16 -13.90 -3.49
N GLY A 39 2.59 -13.96 -2.26
CA GLY A 39 4.04 -14.18 -1.98
C GLY A 39 4.23 -15.49 -1.22
N SER A 40 5.15 -16.30 -1.66
CA SER A 40 5.39 -17.60 -0.96
C SER A 40 6.32 -17.40 0.25
N ASP A 41 6.45 -16.18 0.71
CA ASP A 41 7.34 -15.92 1.87
C ASP A 41 6.52 -15.79 3.16
N GLY A 42 5.22 -15.91 3.04
CA GLY A 42 4.37 -15.79 4.25
C GLY A 42 4.15 -14.30 4.57
N PRO A 43 3.99 -14.01 5.83
CA PRO A 43 3.77 -12.62 6.27
C PRO A 43 5.08 -11.82 6.18
N CYS A 44 4.99 -10.54 5.95
CA CYS A 44 6.22 -9.70 5.84
C CYS A 44 5.85 -8.22 5.82
N LYS A 45 6.78 -7.36 6.09
CA LYS A 45 6.47 -5.90 6.07
C LYS A 45 6.39 -5.43 4.61
N ILE A 46 5.21 -5.09 4.15
CA ILE A 46 5.07 -4.64 2.74
C ILE A 46 5.68 -3.25 2.55
N PRO A 47 6.77 -3.20 1.83
CA PRO A 47 7.48 -1.93 1.58
C PRO A 47 6.86 -1.22 0.36
N ILE A 48 5.99 -0.28 0.60
CA ILE A 48 5.36 0.46 -0.53
C ILE A 48 5.39 1.97 -0.26
N VAL A 49 5.39 2.76 -1.30
CA VAL A 49 5.41 4.24 -1.11
C VAL A 49 4.24 4.89 -1.85
N SER A 50 3.28 5.41 -1.13
CA SER A 50 2.13 6.06 -1.79
C SER A 50 2.40 7.56 -1.98
N VAL A 51 2.79 7.96 -3.16
CA VAL A 51 3.08 9.40 -3.40
C VAL A 51 2.20 9.94 -4.52
N ALA A 52 1.95 11.22 -4.53
CA ALA A 52 1.10 11.81 -5.62
C ALA A 52 1.77 11.55 -6.97
N SER A 53 1.06 11.71 -8.05
CA SER A 53 1.71 11.46 -9.37
C SER A 53 2.68 12.60 -9.65
N LEU A 54 3.95 12.36 -9.45
CA LEU A 54 4.93 13.46 -9.72
C LEU A 54 6.33 13.10 -9.21
N ASN A 55 6.49 12.89 -7.95
CA ASN A 55 7.85 12.54 -7.43
C ASN A 55 8.02 11.02 -7.37
N ASP A 56 9.23 10.55 -7.53
CA ASP A 56 9.46 9.08 -7.49
C ASP A 56 10.15 8.70 -6.17
N MET A 57 10.78 9.64 -5.52
CA MET A 57 11.46 9.32 -4.24
C MET A 57 10.99 10.28 -3.13
N THR A 58 9.77 10.72 -3.20
CA THR A 58 9.25 11.65 -2.16
C THR A 58 7.95 11.12 -1.57
N PRO A 59 7.97 10.89 -0.27
CA PRO A 59 6.77 10.38 0.43
C PRO A 59 5.70 11.47 0.53
N VAL A 60 4.51 11.19 0.07
CA VAL A 60 3.43 12.21 0.14
C VAL A 60 2.15 11.58 0.64
N GLY A 61 1.78 10.46 0.09
CA GLY A 61 0.53 9.77 0.52
C GLY A 61 0.79 9.07 1.86
N ARG A 62 -0.24 8.78 2.61
CA ARG A 62 -0.03 8.10 3.92
C ARG A 62 -1.00 6.92 4.07
N LEU A 63 -0.64 5.95 4.87
CA LEU A 63 -1.53 4.78 5.07
C LEU A 63 -2.42 5.00 6.30
N VAL A 64 -3.70 4.81 6.17
CA VAL A 64 -4.60 5.02 7.33
C VAL A 64 -4.59 3.79 8.24
N THR A 65 -4.43 2.62 7.68
CA THR A 65 -4.40 1.39 8.52
C THR A 65 -3.03 1.22 9.17
N VAL A 66 -2.91 0.32 10.11
CA VAL A 66 -1.61 0.12 10.79
C VAL A 66 -0.51 -0.08 9.75
N ASN A 67 0.70 -0.27 10.19
CA ASN A 67 1.83 -0.47 9.22
C ASN A 67 1.42 -1.48 8.15
N PRO A 68 1.86 -1.23 6.95
CA PRO A 68 1.53 -2.14 5.81
C PRO A 68 2.32 -3.45 5.92
N PHE A 69 2.05 -4.24 6.92
CA PHE A 69 2.78 -5.53 7.08
C PHE A 69 1.80 -6.71 6.98
N VAL A 70 2.01 -7.60 6.06
CA VAL A 70 1.08 -8.77 5.93
C VAL A 70 1.40 -9.80 7.02
N ALA A 71 1.28 -9.43 8.26
CA ALA A 71 1.57 -10.40 9.37
C ALA A 71 0.33 -11.23 9.66
N THR A 72 -0.16 -11.95 8.70
CA THR A 72 -1.38 -12.79 8.94
C THR A 72 -1.27 -14.11 8.17
N SER A 73 -2.10 -15.07 8.49
CA SER A 73 -2.05 -16.38 7.78
C SER A 73 -3.05 -16.38 6.63
N SER A 74 -3.83 -15.33 6.51
CA SER A 74 -4.84 -15.28 5.41
C SER A 74 -4.56 -14.08 4.50
N ALA A 75 -3.46 -13.41 4.70
CA ALA A 75 -3.14 -12.24 3.85
C ALA A 75 -2.65 -12.70 2.48
N ASN A 76 -2.75 -13.97 2.20
CA ASN A 76 -2.29 -14.49 0.88
C ASN A 76 -3.44 -14.36 -0.12
N SER A 77 -4.40 -13.53 0.17
CA SER A 77 -5.54 -13.35 -0.76
C SER A 77 -5.73 -11.87 -1.05
N LYS A 78 -6.79 -11.53 -1.72
CA LYS A 78 -7.04 -10.10 -2.02
C LYS A 78 -7.23 -9.34 -0.71
N VAL A 79 -6.16 -8.86 -0.13
CA VAL A 79 -6.29 -8.12 1.15
C VAL A 79 -6.81 -6.70 0.88
N LEU A 80 -7.11 -5.94 1.90
CA LEU A 80 -7.63 -4.57 1.67
C LEU A 80 -6.79 -3.52 2.41
N VAL A 81 -6.30 -2.54 1.71
CA VAL A 81 -5.49 -1.49 2.37
C VAL A 81 -6.12 -0.11 2.13
N GLU A 82 -5.70 0.90 2.86
CA GLU A 82 -6.29 2.25 2.65
C GLU A 82 -5.23 3.34 2.93
N MET A 83 -5.45 4.52 2.42
CA MET A 83 -4.46 5.62 2.64
C MET A 83 -5.16 6.98 2.50
N GLU A 84 -4.58 8.02 3.06
CA GLU A 84 -5.20 9.36 2.95
C GLU A 84 -4.29 10.31 2.15
N PRO A 85 -3.99 9.91 0.95
CA PRO A 85 -3.13 10.74 0.07
C PRO A 85 -3.90 11.99 -0.42
N PRO A 86 -3.17 12.88 -1.03
CA PRO A 86 -3.78 14.13 -1.55
C PRO A 86 -4.69 13.82 -2.75
N PHE A 87 -5.56 14.73 -3.07
CA PHE A 87 -6.48 14.49 -4.24
C PHE A 87 -5.71 14.65 -5.56
N GLY A 88 -6.04 13.87 -6.55
CA GLY A 88 -5.33 13.98 -7.86
C GLY A 88 -4.64 12.65 -8.17
N ASP A 89 -3.99 12.56 -9.29
CA ASP A 89 -3.30 11.28 -9.65
C ASP A 89 -2.13 11.04 -8.70
N SER A 90 -2.03 9.86 -8.15
CA SER A 90 -0.92 9.55 -7.22
C SER A 90 -0.08 8.39 -7.75
N TYR A 91 1.22 8.46 -7.62
CA TYR A 91 2.08 7.35 -8.10
C TYR A 91 2.36 6.37 -6.97
N ILE A 92 1.71 5.23 -6.99
CA ILE A 92 1.94 4.23 -5.91
C ILE A 92 2.95 3.17 -6.37
N VAL A 93 4.00 2.97 -5.63
CA VAL A 93 5.01 1.95 -6.06
C VAL A 93 5.24 0.93 -4.94
N VAL A 94 5.09 -0.33 -5.25
CA VAL A 94 5.31 -1.38 -4.22
C VAL A 94 6.62 -2.12 -4.51
N GLY A 95 7.66 -1.85 -3.76
CA GLY A 95 8.96 -2.54 -4.01
C GLY A 95 9.62 -2.91 -2.68
N MET A 96 10.47 -3.91 -2.70
CA MET A 96 11.14 -4.32 -1.43
C MET A 96 12.64 -3.98 -1.50
N GLY A 97 13.38 -4.66 -2.33
CA GLY A 97 14.84 -4.38 -2.44
C GLY A 97 15.39 -5.00 -3.73
N ASP A 98 14.57 -5.13 -4.74
CA ASP A 98 15.05 -5.71 -6.02
C ASP A 98 14.11 -5.33 -7.17
N LYS A 99 12.83 -5.53 -6.99
CA LYS A 99 11.87 -5.18 -8.06
C LYS A 99 10.77 -4.26 -7.50
N GLN A 100 10.24 -3.39 -8.32
CA GLN A 100 9.17 -2.48 -7.82
C GLN A 100 8.08 -2.31 -8.88
N ILE A 101 6.87 -2.10 -8.46
CA ILE A 101 5.74 -1.92 -9.42
C ILE A 101 5.01 -0.61 -9.13
N ASN A 102 4.90 0.26 -10.08
CA ASN A 102 4.20 1.55 -9.84
C ASN A 102 2.87 1.62 -10.59
N HIS A 103 1.83 2.06 -9.94
CA HIS A 103 0.51 2.16 -10.62
C HIS A 103 -0.07 3.57 -10.45
N HIS A 104 -0.38 4.21 -11.53
CA HIS A 104 -0.95 5.59 -11.44
C HIS A 104 -2.44 5.54 -11.07
N TRP A 105 -2.76 5.72 -9.82
CA TRP A 105 -4.19 5.67 -9.41
C TRP A 105 -4.79 7.08 -9.38
N HIS A 106 -6.09 7.18 -9.41
CA HIS A 106 -6.73 8.53 -9.38
C HIS A 106 -8.11 8.44 -8.72
N LYS A 107 -8.43 9.37 -7.86
CA LYS A 107 -9.76 9.33 -7.19
C LYS A 107 -10.75 10.26 -7.89
N ALA A 108 -10.28 11.06 -8.81
CA ALA A 108 -11.20 11.98 -9.52
C ALA A 108 -11.58 11.42 -10.90
N GLY A 109 -12.85 11.31 -11.18
CA GLY A 109 -13.27 10.77 -12.50
C GLY A 109 -13.42 11.92 -13.50
N SER A 110 -12.41 12.16 -14.29
CA SER A 110 -12.49 13.27 -15.28
C SER A 110 -12.54 12.71 -16.71
N THR A 111 -11.46 12.14 -17.16
CA THR A 111 -11.46 11.57 -18.54
C THR A 111 -10.19 10.74 -18.76
N ASP A 1 -10.76 -8.57 19.85
CA ASP A 1 -10.92 -7.71 18.64
C ASP A 1 -10.18 -6.39 18.84
N LYS A 2 -8.92 -6.44 19.20
CA LYS A 2 -8.15 -5.18 19.41
C LYS A 2 -6.83 -5.24 18.64
N LEU A 3 -6.31 -4.11 18.27
CA LEU A 3 -5.02 -4.10 17.51
C LEU A 3 -3.87 -3.66 18.43
N ALA A 4 -2.75 -4.33 18.35
CA ALA A 4 -1.60 -3.96 19.22
C ALA A 4 -0.39 -3.58 18.37
N LEU A 5 0.36 -2.60 18.80
CA LEU A 5 1.57 -2.18 18.01
C LEU A 5 2.81 -2.91 18.52
N LYS A 6 2.98 -4.14 18.17
CA LYS A 6 4.18 -4.90 18.63
C LYS A 6 5.27 -4.88 17.56
N GLY A 7 6.50 -5.10 17.94
CA GLY A 7 7.61 -5.09 16.95
C GLY A 7 8.24 -6.48 16.87
N THR A 8 7.71 -7.34 16.03
CA THR A 8 8.27 -8.71 15.91
C THR A 8 9.57 -8.67 15.09
N THR A 9 10.49 -9.54 15.38
CA THR A 9 11.78 -9.55 14.61
C THR A 9 11.60 -10.26 13.28
N TYR A 10 11.42 -9.51 12.22
CA TYR A 10 11.25 -10.15 10.88
C TYR A 10 11.70 -9.18 9.78
N GLY A 11 12.04 -9.70 8.62
CA GLY A 11 12.50 -8.80 7.53
C GLY A 11 11.30 -8.39 6.66
N MET A 12 11.27 -7.16 6.25
CA MET A 12 10.13 -6.68 5.41
C MET A 12 10.26 -7.25 3.99
N CYS A 13 9.41 -8.17 3.61
CA CYS A 13 9.50 -8.74 2.24
C CYS A 13 8.12 -9.16 1.72
N THR A 14 7.58 -8.42 0.79
CA THR A 14 6.24 -8.78 0.22
C THR A 14 6.01 -8.09 -1.12
N GLU A 15 6.92 -8.26 -2.04
CA GLU A 15 6.74 -7.60 -3.38
C GLU A 15 5.68 -8.35 -4.18
N LYS A 16 5.05 -9.35 -3.60
CA LYS A 16 4.02 -10.12 -4.35
C LYS A 16 2.63 -9.51 -4.12
N PHE A 17 2.43 -8.28 -4.50
CA PHE A 17 1.09 -7.64 -4.29
C PHE A 17 0.27 -7.75 -5.59
N SER A 18 -1.02 -7.90 -5.47
CA SER A 18 -1.87 -8.01 -6.70
C SER A 18 -3.02 -7.00 -6.63
N PHE A 19 -2.92 -5.93 -7.39
CA PHE A 19 -4.01 -4.91 -7.37
C PHE A 19 -5.33 -5.54 -7.84
N ALA A 20 -6.16 -5.93 -6.93
CA ALA A 20 -7.47 -6.54 -7.32
C ALA A 20 -8.51 -5.45 -7.57
N LYS A 21 -8.37 -4.33 -6.91
CA LYS A 21 -9.35 -3.22 -7.11
C LYS A 21 -8.63 -1.87 -7.00
N ASN A 22 -9.08 -0.90 -7.74
CA ASN A 22 -8.42 0.44 -7.68
C ASN A 22 -8.79 1.15 -6.38
N PRO A 23 -8.02 2.15 -6.05
CA PRO A 23 -8.26 2.92 -4.82
C PRO A 23 -9.49 3.81 -4.98
N ALA A 24 -10.38 3.80 -4.03
CA ALA A 24 -11.61 4.64 -4.13
C ALA A 24 -11.76 5.52 -2.90
N ASP A 25 -12.32 6.70 -3.05
CA ASP A 25 -12.50 7.60 -1.89
C ASP A 25 -13.69 7.16 -1.05
N THR A 26 -13.46 6.71 0.15
CA THR A 26 -14.58 6.25 1.02
C THR A 26 -15.29 7.46 1.64
N GLY A 27 -14.69 8.62 1.58
CA GLY A 27 -15.33 9.83 2.17
C GLY A 27 -14.38 11.02 2.04
N HIS A 28 -13.80 11.44 3.13
CA HIS A 28 -12.86 12.60 3.07
C HIS A 28 -11.48 12.19 3.58
N GLY A 29 -10.54 11.97 2.70
CA GLY A 29 -9.17 11.57 3.14
C GLY A 29 -9.14 10.07 3.42
N THR A 30 -10.04 9.32 2.83
CA THR A 30 -10.05 7.84 3.08
C THR A 30 -10.09 7.08 1.75
N VAL A 31 -9.01 6.47 1.38
CA VAL A 31 -8.98 5.71 0.10
C VAL A 31 -8.88 4.21 0.40
N VAL A 32 -9.66 3.41 -0.28
CA VAL A 32 -9.60 1.94 -0.02
C VAL A 32 -9.09 1.19 -1.26
N ILE A 33 -8.22 0.24 -1.05
CA ILE A 33 -7.67 -0.53 -2.19
C ILE A 33 -7.51 -2.00 -1.79
N GLU A 34 -7.95 -2.91 -2.62
CA GLU A 34 -7.84 -4.35 -2.27
C GLU A 34 -6.83 -5.08 -3.17
N LEU A 35 -5.78 -5.60 -2.61
CA LEU A 35 -4.77 -6.33 -3.42
C LEU A 35 -4.51 -7.69 -2.77
N SER A 36 -4.30 -8.71 -3.55
CA SER A 36 -4.06 -10.05 -2.96
C SER A 36 -2.56 -10.32 -2.85
N TYR A 37 -2.11 -10.78 -1.72
CA TYR A 37 -0.66 -11.04 -1.57
C TYR A 37 -0.38 -12.52 -1.87
N SER A 38 0.09 -12.82 -3.06
CA SER A 38 0.38 -14.23 -3.40
C SER A 38 1.85 -14.54 -3.19
N GLY A 39 2.29 -14.57 -1.96
CA GLY A 39 3.72 -14.87 -1.68
C GLY A 39 3.82 -16.12 -0.82
N SER A 40 4.45 -17.15 -1.32
CA SER A 40 4.59 -18.40 -0.52
C SER A 40 5.81 -18.32 0.41
N ASP A 41 6.25 -17.13 0.72
CA ASP A 41 7.43 -16.99 1.62
C ASP A 41 6.96 -16.75 3.06
N GLY A 42 5.68 -16.70 3.27
CA GLY A 42 5.15 -16.48 4.65
C GLY A 42 4.80 -15.01 4.82
N PRO A 43 4.47 -14.65 6.04
CA PRO A 43 4.10 -13.25 6.35
C PRO A 43 5.33 -12.34 6.26
N CYS A 44 5.14 -11.09 5.96
CA CYS A 44 6.30 -10.16 5.86
C CYS A 44 5.80 -8.72 5.74
N LYS A 45 6.65 -7.76 6.01
CA LYS A 45 6.22 -6.34 5.89
C LYS A 45 6.18 -5.93 4.42
N ILE A 46 5.09 -5.36 3.98
CA ILE A 46 4.99 -4.95 2.55
C ILE A 46 5.63 -3.57 2.35
N PRO A 47 6.73 -3.56 1.64
CA PRO A 47 7.45 -2.30 1.37
C PRO A 47 6.75 -1.51 0.27
N ILE A 48 5.64 -0.88 0.59
CA ILE A 48 4.91 -0.10 -0.45
C ILE A 48 4.90 1.39 -0.09
N VAL A 49 4.84 2.24 -1.07
CA VAL A 49 4.84 3.70 -0.78
C VAL A 49 3.67 4.37 -1.50
N SER A 50 3.11 5.40 -0.92
CA SER A 50 1.96 6.10 -1.57
C SER A 50 2.31 7.57 -1.76
N VAL A 51 2.70 7.94 -2.96
CA VAL A 51 3.06 9.37 -3.19
C VAL A 51 2.07 10.01 -4.18
N ALA A 52 2.01 11.30 -4.19
CA ALA A 52 1.09 12.01 -5.12
C ALA A 52 1.43 11.65 -6.57
N SER A 53 0.55 11.93 -7.49
CA SER A 53 0.85 11.61 -8.91
C SER A 53 1.98 12.48 -9.42
N LEU A 54 3.07 11.87 -9.85
CA LEU A 54 4.24 12.65 -10.36
C LEU A 54 5.17 13.04 -9.21
N ASN A 55 5.24 12.24 -8.18
CA ASN A 55 6.15 12.56 -7.04
C ASN A 55 6.73 11.27 -6.46
N ASP A 56 7.80 10.78 -7.04
CA ASP A 56 8.42 9.52 -6.51
C ASP A 56 9.65 9.87 -5.67
N MET A 57 9.89 11.12 -5.43
CA MET A 57 11.07 11.51 -4.61
C MET A 57 10.62 12.00 -3.24
N THR A 58 9.35 12.29 -3.09
CA THR A 58 8.84 12.77 -1.77
C THR A 58 7.57 12.01 -1.40
N PRO A 59 7.62 11.34 -0.28
CA PRO A 59 6.45 10.56 0.19
C PRO A 59 5.36 11.51 0.72
N VAL A 60 4.17 11.38 0.21
CA VAL A 60 3.07 12.27 0.68
C VAL A 60 1.84 11.45 1.02
N GLY A 61 1.62 10.39 0.29
CA GLY A 61 0.44 9.52 0.58
C GLY A 61 0.69 8.76 1.87
N ARG A 62 -0.34 8.56 2.66
CA ARG A 62 -0.15 7.83 3.95
C ARG A 62 -1.11 6.64 4.06
N LEU A 63 -0.77 5.66 4.84
CA LEU A 63 -1.66 4.48 5.01
C LEU A 63 -2.58 4.68 6.22
N VAL A 64 -3.86 4.49 6.05
CA VAL A 64 -4.79 4.67 7.20
C VAL A 64 -4.34 3.81 8.39
N THR A 65 -3.64 2.74 8.13
CA THR A 65 -3.17 1.88 9.25
C THR A 65 -1.65 1.90 9.34
N VAL A 66 -1.08 1.26 10.32
CA VAL A 66 0.39 1.24 10.46
C VAL A 66 1.05 0.64 9.20
N ASN A 67 2.32 0.39 9.24
CA ASN A 67 3.00 -0.18 8.04
C ASN A 67 2.18 -1.36 7.49
N PRO A 68 2.13 -1.43 6.18
CA PRO A 68 1.37 -2.51 5.52
C PRO A 68 2.13 -3.84 5.61
N PHE A 69 2.08 -4.49 6.74
CA PHE A 69 2.81 -5.78 6.87
C PHE A 69 1.81 -6.95 6.84
N VAL A 70 2.13 -7.99 6.12
CA VAL A 70 1.21 -9.17 6.07
C VAL A 70 1.58 -10.18 7.14
N ALA A 71 1.53 -9.78 8.39
CA ALA A 71 1.89 -10.72 9.49
C ALA A 71 0.69 -11.62 9.82
N THR A 72 0.19 -12.34 8.85
CA THR A 72 -0.97 -13.23 9.11
C THR A 72 -0.83 -14.53 8.31
N SER A 73 -1.65 -15.50 8.59
CA SER A 73 -1.56 -16.79 7.86
C SER A 73 -2.63 -16.84 6.76
N SER A 74 -3.49 -15.87 6.71
CA SER A 74 -4.56 -15.86 5.67
C SER A 74 -4.46 -14.60 4.80
N ALA A 75 -3.40 -13.85 4.94
CA ALA A 75 -3.25 -12.62 4.11
C ALA A 75 -2.74 -12.97 2.72
N ASN A 76 -2.72 -14.24 2.40
CA ASN A 76 -2.24 -14.66 1.06
C ASN A 76 -3.40 -14.57 0.06
N SER A 77 -4.44 -13.86 0.42
CA SER A 77 -5.59 -13.72 -0.50
C SER A 77 -5.80 -12.24 -0.83
N LYS A 78 -6.88 -11.92 -1.51
CA LYS A 78 -7.12 -10.49 -1.84
C LYS A 78 -7.31 -9.71 -0.54
N VAL A 79 -6.23 -9.23 0.02
CA VAL A 79 -6.33 -8.47 1.28
C VAL A 79 -6.83 -7.05 0.99
N LEU A 80 -7.06 -6.25 1.99
CA LEU A 80 -7.55 -4.86 1.74
C LEU A 80 -6.68 -3.84 2.47
N VAL A 81 -6.42 -2.72 1.85
CA VAL A 81 -5.59 -1.67 2.49
C VAL A 81 -6.25 -0.30 2.33
N GLU A 82 -5.78 0.69 3.06
CA GLU A 82 -6.39 2.05 2.94
C GLU A 82 -5.31 3.12 3.12
N MET A 83 -5.50 4.26 2.53
CA MET A 83 -4.49 5.35 2.67
C MET A 83 -5.14 6.72 2.46
N GLU A 84 -4.69 7.72 3.18
CA GLU A 84 -5.28 9.07 3.03
C GLU A 84 -4.32 9.99 2.28
N PRO A 85 -4.23 9.79 0.99
CA PRO A 85 -3.34 10.62 0.15
C PRO A 85 -3.91 12.03 -0.03
N PRO A 86 -3.08 12.91 -0.53
CA PRO A 86 -3.51 14.31 -0.76
C PRO A 86 -4.50 14.40 -1.92
N PHE A 87 -5.33 15.40 -1.93
CA PHE A 87 -6.32 15.54 -3.03
C PHE A 87 -5.60 15.54 -4.39
N GLY A 88 -6.11 14.81 -5.33
CA GLY A 88 -5.45 14.76 -6.67
C GLY A 88 -5.02 13.33 -6.98
N ASP A 89 -4.23 13.14 -8.00
CA ASP A 89 -3.78 11.77 -8.35
C ASP A 89 -2.58 11.37 -7.48
N SER A 90 -2.39 10.10 -7.26
CA SER A 90 -1.24 9.66 -6.42
C SER A 90 -0.56 8.43 -7.06
N TYR A 91 0.74 8.39 -7.05
CA TYR A 91 1.44 7.22 -7.65
C TYR A 91 1.87 6.25 -6.54
N ILE A 92 1.47 5.01 -6.64
CA ILE A 92 1.85 4.02 -5.59
C ILE A 92 2.82 3.00 -6.15
N VAL A 93 3.89 2.73 -5.45
CA VAL A 93 4.88 1.73 -5.99
C VAL A 93 5.15 0.61 -4.98
N VAL A 94 4.89 -0.61 -5.35
CA VAL A 94 5.15 -1.74 -4.43
C VAL A 94 6.49 -2.39 -4.78
N GLY A 95 7.49 -2.18 -3.98
CA GLY A 95 8.83 -2.78 -4.29
C GLY A 95 9.48 -3.31 -3.01
N MET A 96 10.17 -4.41 -3.10
CA MET A 96 10.83 -4.98 -1.90
C MET A 96 12.35 -4.97 -2.09
N GLY A 97 12.96 -3.81 -2.08
CA GLY A 97 14.43 -3.74 -2.27
C GLY A 97 14.82 -4.43 -3.58
N ASP A 98 13.87 -4.61 -4.47
CA ASP A 98 14.19 -5.27 -5.77
C ASP A 98 13.27 -4.74 -6.86
N LYS A 99 12.12 -5.32 -7.04
CA LYS A 99 11.19 -4.84 -8.10
C LYS A 99 10.43 -3.61 -7.62
N GLN A 100 9.97 -2.79 -8.53
CA GLN A 100 9.22 -1.57 -8.12
C GLN A 100 8.04 -1.31 -9.07
N ILE A 101 6.91 -1.90 -8.78
CA ILE A 101 5.72 -1.69 -9.66
C ILE A 101 4.98 -0.41 -9.24
N ASN A 102 4.92 0.57 -10.09
CA ASN A 102 4.23 1.83 -9.71
C ASN A 102 2.89 1.96 -10.44
N HIS A 103 1.96 2.65 -9.85
CA HIS A 103 0.61 2.83 -10.49
C HIS A 103 0.24 4.31 -10.50
N HIS A 104 -0.62 4.72 -11.37
CA HIS A 104 -1.02 6.16 -11.43
C HIS A 104 -2.50 6.33 -11.06
N TRP A 105 -2.80 6.33 -9.79
CA TRP A 105 -4.21 6.50 -9.37
C TRP A 105 -4.74 7.86 -9.83
N HIS A 106 -5.59 7.87 -10.82
CA HIS A 106 -6.13 9.16 -11.32
C HIS A 106 -7.58 9.34 -10.85
N LYS A 107 -7.94 10.54 -10.46
CA LYS A 107 -9.34 10.78 -9.99
C LYS A 107 -10.34 10.50 -11.13
N ALA A 108 -9.85 10.35 -12.32
CA ALA A 108 -10.75 10.08 -13.47
C ALA A 108 -9.95 9.88 -14.75
N GLY A 109 -10.50 9.19 -15.72
CA GLY A 109 -9.76 8.96 -16.99
C GLY A 109 -10.77 8.70 -18.12
N SER A 110 -10.46 9.12 -19.32
CA SER A 110 -11.39 8.88 -20.45
C SER A 110 -10.75 9.33 -21.77
N THR A 111 -9.95 10.38 -21.72
CA THR A 111 -9.30 10.87 -22.98
C THR A 111 -8.47 9.75 -23.61
N ASP A 1 -8.84 -5.17 26.31
CA ASP A 1 -7.42 -5.06 25.86
C ASP A 1 -7.31 -4.09 24.69
N LYS A 2 -6.22 -4.16 23.97
CA LYS A 2 -6.05 -3.23 22.80
C LYS A 2 -4.84 -3.67 21.96
N LEU A 3 -4.63 -3.02 20.85
CA LEU A 3 -3.46 -3.39 19.99
C LEU A 3 -2.22 -2.60 20.42
N ALA A 4 -1.07 -3.21 20.39
CA ALA A 4 0.18 -2.50 20.79
C ALA A 4 1.14 -2.41 19.62
N LEU A 5 2.06 -1.48 19.65
CA LEU A 5 3.03 -1.35 18.54
C LEU A 5 4.44 -1.75 19.00
N LYS A 6 4.60 -2.99 19.38
CA LYS A 6 5.94 -3.45 19.85
C LYS A 6 6.31 -4.77 19.17
N GLY A 7 7.45 -4.82 18.51
CA GLY A 7 7.86 -6.07 17.84
C GLY A 7 9.36 -6.04 17.55
N THR A 8 10.06 -7.08 17.91
CA THR A 8 11.54 -7.10 17.66
C THR A 8 11.84 -6.80 16.18
N THR A 9 13.07 -6.51 15.87
CA THR A 9 13.43 -6.20 14.46
C THR A 9 12.92 -7.32 13.53
N TYR A 10 12.86 -7.05 12.26
CA TYR A 10 12.38 -8.10 11.30
C TYR A 10 12.71 -7.69 9.86
N GLY A 11 12.39 -8.53 8.92
CA GLY A 11 12.67 -8.19 7.49
C GLY A 11 11.37 -7.82 6.78
N MET A 12 11.47 -7.13 5.68
CA MET A 12 10.25 -6.73 4.92
C MET A 12 10.17 -7.50 3.60
N CYS A 13 9.13 -8.25 3.40
CA CYS A 13 9.01 -9.02 2.12
C CYS A 13 7.56 -9.02 1.63
N THR A 14 7.27 -8.28 0.59
CA THR A 14 5.89 -8.26 0.05
C THR A 14 5.89 -7.70 -1.38
N GLU A 15 6.91 -7.99 -2.14
CA GLU A 15 6.97 -7.48 -3.54
C GLU A 15 5.88 -8.15 -4.40
N LYS A 16 5.06 -8.98 -3.81
CA LYS A 16 4.00 -9.64 -4.61
C LYS A 16 2.63 -9.02 -4.33
N PHE A 17 2.46 -7.76 -4.61
CA PHE A 17 1.15 -7.10 -4.38
C PHE A 17 0.31 -7.15 -5.66
N SER A 18 -0.96 -7.36 -5.55
CA SER A 18 -1.81 -7.43 -6.79
C SER A 18 -2.99 -6.47 -6.69
N PHE A 19 -2.88 -5.31 -7.28
CA PHE A 19 -4.01 -4.33 -7.21
C PHE A 19 -5.29 -4.98 -7.75
N ALA A 20 -6.12 -5.48 -6.88
CA ALA A 20 -7.38 -6.13 -7.33
C ALA A 20 -8.47 -5.08 -7.56
N LYS A 21 -8.43 -3.99 -6.84
CA LYS A 21 -9.48 -2.95 -7.02
C LYS A 21 -8.86 -1.56 -6.86
N ASN A 22 -9.35 -0.60 -7.60
CA ASN A 22 -8.80 0.79 -7.49
C ASN A 22 -9.14 1.37 -6.11
N PRO A 23 -8.44 2.41 -5.77
CA PRO A 23 -8.66 3.08 -4.46
C PRO A 23 -10.00 3.82 -4.46
N ALA A 24 -10.77 3.69 -3.42
CA ALA A 24 -12.09 4.38 -3.37
C ALA A 24 -12.22 5.17 -2.06
N ASP A 25 -13.10 6.12 -2.01
CA ASP A 25 -13.27 6.93 -0.78
C ASP A 25 -14.39 6.33 0.09
N THR A 26 -14.23 6.37 1.39
CA THR A 26 -15.28 5.81 2.28
C THR A 26 -15.98 6.94 3.03
N GLY A 27 -15.25 7.92 3.47
CA GLY A 27 -15.87 9.06 4.20
C GLY A 27 -15.18 10.37 3.81
N HIS A 28 -14.35 10.90 4.67
CA HIS A 28 -13.65 12.16 4.35
C HIS A 28 -12.14 12.02 4.60
N GLY A 29 -11.38 11.75 3.58
CA GLY A 29 -9.90 11.59 3.77
C GLY A 29 -9.57 10.11 4.02
N THR A 30 -10.34 9.23 3.46
CA THR A 30 -10.08 7.77 3.66
C THR A 30 -10.17 7.02 2.33
N VAL A 31 -9.07 6.47 1.86
CA VAL A 31 -9.11 5.73 0.58
C VAL A 31 -8.89 4.24 0.84
N VAL A 32 -9.79 3.41 0.39
CA VAL A 32 -9.62 1.94 0.62
C VAL A 32 -9.25 1.22 -0.69
N ILE A 33 -8.55 0.13 -0.59
CA ILE A 33 -8.16 -0.62 -1.82
C ILE A 33 -8.04 -2.10 -1.49
N GLU A 34 -7.96 -2.94 -2.47
CA GLU A 34 -7.84 -4.41 -2.19
C GLU A 34 -6.79 -5.05 -3.10
N LEU A 35 -5.63 -5.34 -2.57
CA LEU A 35 -4.57 -5.99 -3.40
C LEU A 35 -4.30 -7.40 -2.89
N SER A 36 -4.16 -8.35 -3.77
CA SER A 36 -3.90 -9.74 -3.32
C SER A 36 -2.41 -9.94 -3.13
N TYR A 37 -2.01 -10.41 -1.98
CA TYR A 37 -0.55 -10.61 -1.76
C TYR A 37 -0.20 -12.06 -2.11
N SER A 38 0.39 -12.29 -3.24
CA SER A 38 0.75 -13.67 -3.64
C SER A 38 2.21 -13.95 -3.31
N GLY A 39 2.53 -14.05 -2.05
CA GLY A 39 3.93 -14.31 -1.66
C GLY A 39 4.03 -15.67 -0.95
N SER A 40 4.85 -16.55 -1.46
CA SER A 40 4.98 -17.89 -0.83
C SER A 40 5.93 -17.84 0.37
N ASP A 41 6.26 -16.66 0.81
CA ASP A 41 7.19 -16.54 1.98
C ASP A 41 6.38 -16.32 3.26
N GLY A 42 5.08 -16.23 3.14
CA GLY A 42 4.23 -16.02 4.35
C GLY A 42 4.03 -14.52 4.57
N PRO A 43 3.74 -14.18 5.80
CA PRO A 43 3.52 -12.75 6.16
C PRO A 43 4.84 -11.98 6.12
N CYS A 44 4.79 -10.71 5.84
CA CYS A 44 6.04 -9.90 5.78
C CYS A 44 5.70 -8.41 5.65
N LYS A 45 6.64 -7.55 5.93
CA LYS A 45 6.35 -6.09 5.82
C LYS A 45 6.27 -5.67 4.35
N ILE A 46 5.25 -4.94 3.99
CA ILE A 46 5.11 -4.52 2.57
C ILE A 46 5.81 -3.18 2.33
N PRO A 47 6.90 -3.25 1.61
CA PRO A 47 7.68 -2.03 1.29
C PRO A 47 7.01 -1.26 0.15
N ILE A 48 5.86 -0.69 0.38
CA ILE A 48 5.17 0.07 -0.69
C ILE A 48 5.16 1.56 -0.37
N VAL A 49 5.26 2.39 -1.37
CA VAL A 49 5.25 3.86 -1.12
C VAL A 49 4.04 4.50 -1.81
N SER A 50 3.40 5.43 -1.17
CA SER A 50 2.22 6.10 -1.78
C SER A 50 2.48 7.60 -1.91
N VAL A 51 2.84 8.05 -3.07
CA VAL A 51 3.11 9.51 -3.25
C VAL A 51 2.23 10.08 -4.37
N ALA A 52 2.05 11.37 -4.39
CA ALA A 52 1.21 11.98 -5.45
C ALA A 52 1.77 11.62 -6.83
N SER A 53 1.00 11.80 -7.87
CA SER A 53 1.51 11.46 -9.22
C SER A 53 2.53 12.49 -9.68
N LEU A 54 3.79 12.15 -9.65
CA LEU A 54 4.89 13.08 -10.08
C LEU A 54 5.82 13.39 -8.91
N ASN A 55 5.82 12.57 -7.89
CA ASN A 55 6.72 12.82 -6.73
C ASN A 55 7.36 11.52 -6.25
N ASP A 56 8.43 11.11 -6.87
CA ASP A 56 9.10 9.86 -6.44
C ASP A 56 10.25 10.18 -5.48
N MET A 57 10.29 11.38 -4.97
CA MET A 57 11.38 11.76 -4.03
C MET A 57 10.80 12.30 -2.73
N THR A 58 9.53 12.60 -2.71
CA THR A 58 8.91 13.13 -1.47
C THR A 58 7.67 12.32 -1.11
N PRO A 59 7.61 11.90 0.12
CA PRO A 59 6.45 11.11 0.61
C PRO A 59 5.22 12.01 0.76
N VAL A 60 4.10 11.59 0.25
CA VAL A 60 2.87 12.42 0.36
C VAL A 60 1.67 11.54 0.71
N GLY A 61 1.58 10.41 0.09
CA GLY A 61 0.44 9.49 0.38
C GLY A 61 0.68 8.79 1.71
N ARG A 62 -0.31 8.71 2.56
CA ARG A 62 -0.11 8.04 3.88
C ARG A 62 -1.04 6.83 4.02
N LEU A 63 -0.64 5.86 4.79
CA LEU A 63 -1.51 4.65 4.98
C LEU A 63 -2.38 4.82 6.23
N VAL A 64 -3.67 4.71 6.08
CA VAL A 64 -4.57 4.86 7.26
C VAL A 64 -4.63 3.56 8.06
N THR A 65 -4.63 2.43 7.40
CA THR A 65 -4.68 1.14 8.14
C THR A 65 -3.39 0.94 8.94
N VAL A 66 -3.34 -0.07 9.75
CA VAL A 66 -2.12 -0.32 10.56
C VAL A 66 -0.89 -0.37 9.64
N ASN A 67 0.28 -0.56 10.20
CA ASN A 67 1.50 -0.62 9.35
C ASN A 67 1.27 -1.53 8.14
N PRO A 68 1.85 -1.14 7.04
CA PRO A 68 1.71 -1.93 5.79
C PRO A 68 2.53 -3.22 5.85
N PHE A 69 2.17 -4.13 6.72
CA PHE A 69 2.91 -5.42 6.81
C PHE A 69 1.95 -6.60 6.67
N VAL A 70 2.18 -7.45 5.71
CA VAL A 70 1.26 -8.62 5.54
C VAL A 70 1.46 -9.62 6.70
N ALA A 71 1.21 -9.19 7.90
CA ALA A 71 1.37 -10.10 9.07
C ALA A 71 0.04 -10.74 9.44
N THR A 72 -0.48 -11.57 8.58
CA THR A 72 -1.79 -12.22 8.89
C THR A 72 -1.79 -13.66 8.37
N SER A 73 -2.78 -14.44 8.74
CA SER A 73 -2.84 -15.85 8.27
C SER A 73 -3.65 -15.95 6.97
N SER A 74 -4.37 -14.91 6.64
CA SER A 74 -5.18 -14.94 5.39
C SER A 74 -4.77 -13.79 4.47
N ALA A 75 -3.58 -13.29 4.61
CA ALA A 75 -3.13 -12.17 3.74
C ALA A 75 -2.66 -12.72 2.38
N ASN A 76 -2.90 -13.97 2.13
CA ASN A 76 -2.48 -14.56 0.82
C ASN A 76 -3.59 -14.34 -0.20
N SER A 77 -4.49 -13.44 0.08
CA SER A 77 -5.60 -13.17 -0.87
C SER A 77 -5.76 -11.67 -1.09
N LYS A 78 -6.79 -11.26 -1.76
CA LYS A 78 -6.99 -9.81 -1.99
C LYS A 78 -7.18 -9.11 -0.64
N VAL A 79 -6.11 -8.66 -0.04
CA VAL A 79 -6.23 -7.97 1.26
C VAL A 79 -6.76 -6.56 1.06
N LEU A 80 -7.07 -5.86 2.12
CA LEU A 80 -7.61 -4.47 1.95
C LEU A 80 -6.67 -3.44 2.59
N VAL A 81 -6.16 -2.53 1.81
CA VAL A 81 -5.25 -1.49 2.36
C VAL A 81 -5.97 -0.13 2.38
N GLU A 82 -5.40 0.85 3.02
CA GLU A 82 -6.06 2.19 3.06
C GLU A 82 -5.03 3.30 3.18
N MET A 83 -5.34 4.47 2.68
CA MET A 83 -4.38 5.60 2.75
C MET A 83 -5.11 6.94 2.56
N GLU A 84 -4.59 8.00 3.10
CA GLU A 84 -5.25 9.32 2.95
C GLU A 84 -4.37 10.27 2.13
N PRO A 85 -4.08 9.85 0.91
CA PRO A 85 -3.25 10.68 0.01
C PRO A 85 -4.03 11.90 -0.46
N PRO A 86 -3.33 12.80 -1.10
CA PRO A 86 -3.96 14.03 -1.62
C PRO A 86 -4.88 13.72 -2.80
N PHE A 87 -5.76 14.62 -3.15
CA PHE A 87 -6.68 14.36 -4.29
C PHE A 87 -5.92 14.41 -5.62
N GLY A 88 -6.28 13.59 -6.55
CA GLY A 88 -5.57 13.58 -7.87
C GLY A 88 -4.92 12.22 -8.09
N ASP A 89 -3.95 12.15 -8.96
CA ASP A 89 -3.27 10.85 -9.22
C ASP A 89 -2.06 10.69 -8.29
N SER A 90 -1.77 9.48 -7.88
CA SER A 90 -0.62 9.26 -6.98
C SER A 90 0.27 8.13 -7.53
N TYR A 91 1.56 8.25 -7.36
CA TYR A 91 2.48 7.18 -7.88
C TYR A 91 2.72 6.15 -6.80
N ILE A 92 2.18 4.97 -6.94
CA ILE A 92 2.40 3.92 -5.92
C ILE A 92 3.46 2.93 -6.43
N VAL A 93 4.50 2.70 -5.68
CA VAL A 93 5.56 1.76 -6.15
C VAL A 93 5.80 0.65 -5.13
N VAL A 94 5.55 -0.58 -5.51
CA VAL A 94 5.79 -1.71 -4.58
C VAL A 94 7.18 -2.31 -4.86
N GLY A 95 8.12 -2.06 -4.00
CA GLY A 95 9.49 -2.59 -4.22
C GLY A 95 10.03 -3.22 -2.94
N MET A 96 10.70 -4.33 -3.04
CA MET A 96 11.27 -4.98 -1.83
C MET A 96 12.74 -5.35 -2.04
N GLY A 97 13.13 -5.55 -3.27
CA GLY A 97 14.55 -5.91 -3.55
C GLY A 97 14.69 -6.42 -4.99
N ASP A 98 13.63 -6.92 -5.55
CA ASP A 98 13.71 -7.43 -6.95
C ASP A 98 13.59 -6.28 -7.95
N LYS A 99 12.44 -5.69 -8.06
CA LYS A 99 12.25 -4.57 -9.01
C LYS A 99 11.18 -3.61 -8.50
N GLN A 100 11.41 -2.33 -8.58
CA GLN A 100 10.40 -1.35 -8.08
C GLN A 100 9.27 -1.19 -9.10
N ILE A 101 8.12 -1.70 -8.80
CA ILE A 101 6.97 -1.57 -9.75
C ILE A 101 6.11 -0.36 -9.38
N ASN A 102 6.12 0.66 -10.19
CA ASN A 102 5.31 1.87 -9.88
C ASN A 102 4.10 1.95 -10.81
N HIS A 103 2.93 2.13 -10.25
CA HIS A 103 1.70 2.22 -11.08
C HIS A 103 0.86 3.42 -10.66
N HIS A 104 0.38 4.18 -11.61
CA HIS A 104 -0.46 5.37 -11.26
C HIS A 104 -1.83 4.91 -10.77
N TRP A 105 -2.35 5.57 -9.77
CA TRP A 105 -3.69 5.18 -9.24
C TRP A 105 -4.57 6.41 -9.04
N HIS A 106 -5.82 6.33 -9.41
CA HIS A 106 -6.73 7.50 -9.24
C HIS A 106 -8.19 7.04 -9.26
N LYS A 107 -8.97 7.48 -8.32
CA LYS A 107 -10.41 7.07 -8.29
C LYS A 107 -11.23 7.92 -9.27
N ALA A 108 -10.64 8.96 -9.79
CA ALA A 108 -11.39 9.83 -10.74
C ALA A 108 -11.03 9.45 -12.19
N GLY A 109 -11.96 8.90 -12.92
CA GLY A 109 -11.67 8.51 -14.33
C GLY A 109 -12.20 9.59 -15.27
N SER A 110 -12.24 9.33 -16.54
CA SER A 110 -12.74 10.34 -17.51
C SER A 110 -14.07 9.88 -18.11
N THR A 111 -14.09 8.74 -18.74
CA THR A 111 -15.34 8.24 -19.34
C THR A 111 -16.08 9.38 -20.06
N ASP A 1 -0.11 6.89 28.97
CA ASP A 1 -1.20 5.87 28.94
C ASP A 1 -1.22 5.16 27.58
N LYS A 2 -0.89 5.87 26.54
CA LYS A 2 -0.89 5.23 25.18
C LYS A 2 0.31 4.29 25.03
N LEU A 3 0.27 3.41 24.07
CA LEU A 3 1.40 2.46 23.88
C LEU A 3 2.12 2.76 22.56
N ALA A 4 3.41 2.56 22.51
CA ALA A 4 4.17 2.84 21.26
C ALA A 4 4.27 1.56 20.41
N LEU A 5 4.44 1.70 19.14
CA LEU A 5 4.54 0.50 18.26
C LEU A 5 5.99 0.29 17.81
N LYS A 6 6.77 -0.40 18.59
CA LYS A 6 8.20 -0.63 18.21
C LYS A 6 8.38 -2.07 17.72
N GLY A 7 9.12 -2.26 16.66
CA GLY A 7 9.33 -3.63 16.13
C GLY A 7 10.83 -3.93 16.06
N THR A 8 11.25 -5.02 16.65
CA THR A 8 12.70 -5.37 16.62
C THR A 8 13.19 -5.51 15.17
N THR A 9 14.48 -5.56 14.98
CA THR A 9 15.01 -5.71 13.60
C THR A 9 14.24 -6.78 12.84
N TYR A 10 13.25 -6.38 12.07
CA TYR A 10 12.45 -7.37 11.29
C TYR A 10 12.75 -7.24 9.80
N GLY A 11 12.31 -8.19 9.02
CA GLY A 11 12.56 -8.11 7.55
C GLY A 11 11.27 -7.77 6.82
N MET A 12 11.26 -6.71 6.05
CA MET A 12 10.02 -6.32 5.33
C MET A 12 9.91 -7.11 4.02
N CYS A 13 8.84 -7.85 3.84
CA CYS A 13 8.71 -8.64 2.58
C CYS A 13 7.24 -8.78 2.16
N THR A 14 6.83 -8.06 1.15
CA THR A 14 5.42 -8.18 0.68
C THR A 14 5.28 -7.60 -0.73
N GLU A 15 6.36 -7.47 -1.45
CA GLU A 15 6.28 -6.90 -2.82
C GLU A 15 5.34 -7.73 -3.69
N LYS A 16 4.94 -8.88 -3.23
CA LYS A 16 4.02 -9.73 -4.04
C LYS A 16 2.57 -9.24 -3.89
N PHE A 17 2.31 -8.01 -4.28
CA PHE A 17 0.93 -7.48 -4.17
C PHE A 17 0.19 -7.68 -5.49
N SER A 18 -1.10 -7.85 -5.44
CA SER A 18 -1.87 -8.05 -6.70
C SER A 18 -3.04 -7.06 -6.76
N PHE A 19 -3.26 -6.45 -7.88
CA PHE A 19 -4.39 -5.47 -7.99
C PHE A 19 -5.71 -6.19 -8.25
N ALA A 20 -6.62 -6.14 -7.33
CA ALA A 20 -7.93 -6.82 -7.53
C ALA A 20 -9.01 -5.79 -7.86
N LYS A 21 -8.94 -4.63 -7.26
CA LYS A 21 -9.96 -3.58 -7.55
C LYS A 21 -9.33 -2.18 -7.45
N ASN A 22 -9.89 -1.23 -8.15
CA ASN A 22 -9.32 0.14 -8.10
C ASN A 22 -9.55 0.75 -6.71
N PRO A 23 -8.84 1.82 -6.44
CA PRO A 23 -8.96 2.50 -5.13
C PRO A 23 -10.31 3.22 -5.03
N ALA A 24 -10.92 3.20 -3.88
CA ALA A 24 -12.24 3.89 -3.73
C ALA A 24 -12.29 4.65 -2.40
N ASP A 25 -13.26 5.52 -2.24
CA ASP A 25 -13.36 6.30 -0.97
C ASP A 25 -14.26 5.55 0.02
N THR A 26 -14.14 5.85 1.28
CA THR A 26 -14.98 5.16 2.30
C THR A 26 -15.55 6.18 3.28
N GLY A 27 -14.75 7.09 3.76
CA GLY A 27 -15.25 8.10 4.72
C GLY A 27 -14.76 9.49 4.30
N HIS A 28 -13.88 10.08 5.07
CA HIS A 28 -13.36 11.43 4.70
C HIS A 28 -11.83 11.43 4.72
N GLY A 29 -11.21 11.15 3.61
CA GLY A 29 -9.73 11.14 3.56
C GLY A 29 -9.23 9.71 3.76
N THR A 30 -9.98 8.73 3.32
CA THR A 30 -9.54 7.32 3.49
C THR A 30 -9.82 6.52 2.21
N VAL A 31 -8.78 6.14 1.50
CA VAL A 31 -8.99 5.36 0.26
C VAL A 31 -8.85 3.87 0.54
N VAL A 32 -9.55 3.04 -0.18
CA VAL A 32 -9.46 1.57 0.06
C VAL A 32 -9.05 0.84 -1.22
N ILE A 33 -8.34 -0.25 -1.09
CA ILE A 33 -7.92 -1.03 -2.29
C ILE A 33 -7.86 -2.51 -1.95
N GLU A 34 -8.25 -3.35 -2.87
CA GLU A 34 -8.22 -4.82 -2.59
C GLU A 34 -7.11 -5.48 -3.41
N LEU A 35 -6.01 -5.79 -2.79
CA LEU A 35 -4.90 -6.46 -3.54
C LEU A 35 -4.58 -7.80 -2.88
N SER A 36 -4.37 -8.82 -3.65
CA SER A 36 -4.05 -10.15 -3.06
C SER A 36 -2.55 -10.31 -2.91
N TYR A 37 -2.10 -10.76 -1.76
CA TYR A 37 -0.63 -10.93 -1.59
C TYR A 37 -0.25 -12.38 -1.87
N SER A 38 0.17 -12.68 -3.07
CA SER A 38 0.56 -14.07 -3.40
C SER A 38 2.06 -14.23 -3.29
N GLY A 39 2.56 -14.20 -2.09
CA GLY A 39 4.04 -14.34 -1.90
C GLY A 39 4.34 -15.69 -1.24
N SER A 40 5.33 -16.39 -1.73
CA SER A 40 5.67 -17.70 -1.14
C SER A 40 6.64 -17.52 0.03
N ASP A 41 6.79 -16.31 0.51
CA ASP A 41 7.71 -16.08 1.65
C ASP A 41 6.92 -16.01 2.97
N GLY A 42 5.64 -15.77 2.88
CA GLY A 42 4.82 -15.69 4.13
C GLY A 42 4.51 -14.23 4.43
N PRO A 43 4.04 -14.00 5.63
CA PRO A 43 3.70 -12.62 6.05
C PRO A 43 4.97 -11.79 6.29
N CYS A 44 4.95 -10.55 5.90
CA CYS A 44 6.14 -9.68 6.09
C CYS A 44 5.73 -8.21 5.84
N LYS A 45 6.52 -7.27 6.29
CA LYS A 45 6.16 -5.83 6.07
C LYS A 45 6.05 -5.53 4.58
N ILE A 46 5.06 -4.77 4.20
CA ILE A 46 4.90 -4.44 2.74
C ILE A 46 5.58 -3.11 2.42
N PRO A 47 6.67 -3.21 1.70
CA PRO A 47 7.44 -2.01 1.29
C PRO A 47 6.71 -1.26 0.18
N ILE A 48 5.95 -0.27 0.51
CA ILE A 48 5.22 0.51 -0.53
C ILE A 48 5.40 2.01 -0.32
N VAL A 49 5.47 2.76 -1.38
CA VAL A 49 5.63 4.24 -1.23
C VAL A 49 4.39 4.95 -1.79
N SER A 50 3.85 5.87 -1.05
CA SER A 50 2.65 6.61 -1.53
C SER A 50 2.99 8.08 -1.73
N VAL A 51 3.21 8.49 -2.95
CA VAL A 51 3.55 9.91 -3.20
C VAL A 51 2.69 10.46 -4.34
N ALA A 52 2.57 11.75 -4.42
CA ALA A 52 1.74 12.37 -5.50
C ALA A 52 2.25 11.89 -6.87
N SER A 53 1.47 12.08 -7.89
CA SER A 53 1.91 11.63 -9.25
C SER A 53 3.15 12.41 -9.69
N LEU A 54 4.21 11.73 -10.00
CA LEU A 54 5.45 12.42 -10.45
C LEU A 54 6.21 13.02 -9.25
N ASN A 55 6.10 12.38 -8.10
CA ASN A 55 6.82 12.89 -6.91
C ASN A 55 7.47 11.74 -6.15
N ASP A 56 8.65 11.34 -6.56
CA ASP A 56 9.35 10.21 -5.87
C ASP A 56 10.48 10.75 -5.00
N MET A 57 10.57 12.04 -4.86
CA MET A 57 11.66 12.63 -4.02
C MET A 57 11.09 13.07 -2.67
N THR A 58 9.80 13.23 -2.59
CA THR A 58 9.17 13.67 -1.31
C THR A 58 7.92 12.84 -1.04
N PRO A 59 7.86 12.28 0.14
CA PRO A 59 6.69 11.45 0.53
C PRO A 59 5.46 12.32 0.74
N VAL A 60 4.34 11.94 0.16
CA VAL A 60 3.10 12.75 0.34
C VAL A 60 1.92 11.84 0.65
N GLY A 61 1.83 10.75 -0.06
CA GLY A 61 0.73 9.79 0.18
C GLY A 61 0.97 9.07 1.51
N ARG A 62 -0.05 8.67 2.20
CA ARG A 62 0.17 7.98 3.51
C ARG A 62 -0.83 6.85 3.70
N LEU A 63 -0.50 5.89 4.53
CA LEU A 63 -1.44 4.75 4.76
C LEU A 63 -2.30 5.03 6.00
N VAL A 64 -3.59 4.89 5.88
CA VAL A 64 -4.47 5.16 7.05
C VAL A 64 -4.49 3.96 7.99
N THR A 65 -3.64 2.99 7.75
CA THR A 65 -3.61 1.80 8.64
C THR A 65 -2.25 1.71 9.34
N VAL A 66 -2.15 0.88 10.34
CA VAL A 66 -0.86 0.73 11.07
C VAL A 66 0.28 0.46 10.08
N ASN A 67 1.44 0.12 10.58
CA ASN A 67 2.58 -0.16 9.66
C ASN A 67 2.13 -1.08 8.52
N PRO A 68 2.75 -0.92 7.39
CA PRO A 68 2.41 -1.74 6.21
C PRO A 68 2.89 -3.19 6.39
N PHE A 69 2.06 -4.03 6.92
CA PHE A 69 2.46 -5.46 7.12
C PHE A 69 1.21 -6.35 7.16
N VAL A 70 1.13 -7.31 6.29
CA VAL A 70 -0.06 -8.21 6.28
C VAL A 70 0.24 -9.48 7.07
N ALA A 71 0.53 -9.35 8.34
CA ALA A 71 0.83 -10.56 9.16
C ALA A 71 -0.46 -11.32 9.46
N THR A 72 -0.89 -12.14 8.55
CA THR A 72 -2.14 -12.92 8.78
C THR A 72 -2.01 -14.32 8.18
N SER A 73 -2.66 -15.29 8.77
CA SER A 73 -2.58 -16.68 8.24
C SER A 73 -3.30 -16.77 6.89
N SER A 74 -4.10 -15.78 6.58
CA SER A 74 -4.84 -15.80 5.28
C SER A 74 -4.48 -14.56 4.45
N ALA A 75 -3.34 -13.96 4.70
CA ALA A 75 -2.95 -12.76 3.91
C ALA A 75 -2.56 -13.15 2.49
N ASN A 76 -2.65 -14.40 2.16
CA ASN A 76 -2.29 -14.84 0.79
C ASN A 76 -3.51 -14.71 -0.12
N SER A 77 -4.42 -13.86 0.25
CA SER A 77 -5.64 -13.69 -0.60
C SER A 77 -5.84 -12.21 -0.88
N LYS A 78 -6.93 -11.85 -1.50
CA LYS A 78 -7.18 -10.42 -1.79
C LYS A 78 -7.29 -9.64 -0.48
N VAL A 79 -6.19 -9.18 0.03
CA VAL A 79 -6.22 -8.41 1.30
C VAL A 79 -6.75 -7.00 1.06
N LEU A 80 -6.92 -6.21 2.08
CA LEU A 80 -7.45 -4.83 1.88
C LEU A 80 -6.54 -3.80 2.54
N VAL A 81 -6.14 -2.79 1.81
CA VAL A 81 -5.25 -1.74 2.38
C VAL A 81 -5.98 -0.40 2.39
N GLU A 82 -5.41 0.61 3.01
CA GLU A 82 -6.06 1.94 3.06
C GLU A 82 -5.01 3.06 3.08
N MET A 83 -5.25 4.13 2.38
CA MET A 83 -4.26 5.24 2.36
C MET A 83 -4.97 6.58 2.13
N GLU A 84 -4.45 7.63 2.71
CA GLU A 84 -5.06 8.97 2.52
C GLU A 84 -4.16 9.85 1.65
N PRO A 85 -4.19 9.57 0.37
CA PRO A 85 -3.37 10.34 -0.59
C PRO A 85 -3.96 11.74 -0.80
N PRO A 86 -3.13 12.63 -1.27
CA PRO A 86 -3.57 14.02 -1.53
C PRO A 86 -4.51 14.08 -2.73
N PHE A 87 -5.43 15.01 -2.72
CA PHE A 87 -6.39 15.13 -3.86
C PHE A 87 -5.62 15.37 -5.16
N GLY A 88 -6.01 14.71 -6.23
CA GLY A 88 -5.31 14.91 -7.53
C GLY A 88 -4.74 13.58 -8.01
N ASP A 89 -3.46 13.54 -8.30
CA ASP A 89 -2.84 12.27 -8.77
C ASP A 89 -1.73 11.83 -7.82
N SER A 90 -1.55 10.55 -7.65
CA SER A 90 -0.48 10.07 -6.73
C SER A 90 0.18 8.82 -7.31
N TYR A 91 1.49 8.73 -7.23
CA TYR A 91 2.18 7.53 -7.78
C TYR A 91 2.50 6.55 -6.65
N ILE A 92 1.94 5.37 -6.70
CA ILE A 92 2.21 4.39 -5.62
C ILE A 92 3.09 3.24 -6.16
N VAL A 93 4.12 2.87 -5.44
CA VAL A 93 5.00 1.77 -5.93
C VAL A 93 5.11 0.66 -4.88
N VAL A 94 4.73 -0.54 -5.22
CA VAL A 94 4.83 -1.67 -4.25
C VAL A 94 5.98 -2.59 -4.65
N GLY A 95 7.10 -2.49 -3.99
CA GLY A 95 8.26 -3.36 -4.34
C GLY A 95 9.18 -3.51 -3.13
N MET A 96 10.10 -4.43 -3.21
CA MET A 96 11.05 -4.64 -2.07
C MET A 96 12.43 -4.11 -2.42
N GLY A 97 12.99 -4.57 -3.51
CA GLY A 97 14.35 -4.09 -3.91
C GLY A 97 14.62 -4.52 -5.35
N ASP A 98 14.24 -5.71 -5.72
CA ASP A 98 14.48 -6.19 -7.11
C ASP A 98 13.28 -5.83 -7.99
N LYS A 99 12.28 -6.67 -8.00
CA LYS A 99 11.09 -6.39 -8.84
C LYS A 99 10.18 -5.38 -8.13
N GLN A 100 9.80 -4.33 -8.81
CA GLN A 100 8.92 -3.32 -8.17
C GLN A 100 7.75 -2.97 -9.11
N ILE A 101 6.63 -2.62 -8.57
CA ILE A 101 5.45 -2.27 -9.42
C ILE A 101 4.96 -0.86 -9.12
N ASN A 102 4.92 0.00 -10.11
CA ASN A 102 4.46 1.39 -9.87
C ASN A 102 3.10 1.62 -10.54
N HIS A 103 2.20 2.27 -9.85
CA HIS A 103 0.86 2.53 -10.45
C HIS A 103 0.56 4.03 -10.43
N HIS A 104 -0.42 4.46 -11.17
CA HIS A 104 -0.76 5.91 -11.19
C HIS A 104 -2.14 6.16 -10.59
N TRP A 105 -2.21 6.36 -9.30
CA TRP A 105 -3.52 6.60 -8.64
C TRP A 105 -4.18 7.86 -9.23
N HIS A 106 -5.24 7.69 -9.97
CA HIS A 106 -5.91 8.88 -10.57
C HIS A 106 -7.42 8.64 -10.68
N LYS A 107 -8.22 9.45 -10.05
CA LYS A 107 -9.69 9.26 -10.11
C LYS A 107 -10.34 10.40 -10.91
N ALA A 108 -9.58 11.41 -11.25
CA ALA A 108 -10.16 12.55 -12.02
C ALA A 108 -9.25 12.94 -13.17
N GLY A 109 -9.78 13.10 -14.35
CA GLY A 109 -8.93 13.49 -15.52
C GLY A 109 -9.65 14.58 -16.32
N SER A 110 -9.55 14.53 -17.63
CA SER A 110 -10.23 15.54 -18.47
C SER A 110 -9.76 16.95 -18.08
N THR A 111 -8.87 17.52 -18.84
CA THR A 111 -8.36 18.88 -18.51
C THR A 111 -8.39 19.77 -19.77
N ASP A 1 -0.33 -10.17 29.24
CA ASP A 1 0.48 -9.21 28.44
C ASP A 1 -0.09 -9.09 27.03
N LYS A 2 -0.13 -7.89 26.49
CA LYS A 2 -0.68 -7.70 25.12
C LYS A 2 0.45 -7.43 24.13
N LEU A 3 0.14 -7.39 22.86
CA LEU A 3 1.21 -7.13 21.85
C LEU A 3 0.94 -5.79 21.15
N ALA A 4 1.83 -4.85 21.30
CA ALA A 4 1.62 -3.52 20.64
C ALA A 4 2.07 -3.58 19.18
N LEU A 5 1.59 -2.67 18.36
CA LEU A 5 1.99 -2.68 16.92
C LEU A 5 2.97 -1.55 16.64
N LYS A 6 4.23 -1.76 16.94
CA LYS A 6 5.25 -0.70 16.68
C LYS A 6 6.08 -1.05 15.44
N GLY A 7 7.02 -0.21 15.10
CA GLY A 7 7.87 -0.49 13.91
C GLY A 7 9.10 -1.28 14.32
N THR A 8 8.98 -2.16 15.28
CA THR A 8 10.14 -2.96 15.73
C THR A 8 10.81 -3.64 14.53
N THR A 9 12.12 -3.74 14.55
CA THR A 9 12.82 -4.40 13.41
C THR A 9 12.11 -5.68 13.00
N TYR A 10 12.29 -6.11 11.79
CA TYR A 10 11.61 -7.36 11.34
C TYR A 10 12.01 -7.69 9.89
N GLY A 11 11.69 -8.88 9.43
CA GLY A 11 12.06 -9.25 8.03
C GLY A 11 11.00 -8.71 7.07
N MET A 12 11.28 -7.62 6.42
CA MET A 12 10.30 -7.05 5.46
C MET A 12 10.39 -7.75 4.10
N CYS A 13 9.38 -8.50 3.74
CA CYS A 13 9.41 -9.21 2.43
C CYS A 13 7.99 -9.35 1.86
N THR A 14 7.69 -8.62 0.83
CA THR A 14 6.32 -8.71 0.23
C THR A 14 6.34 -8.18 -1.21
N GLU A 15 7.25 -8.63 -2.01
CA GLU A 15 7.31 -8.15 -3.42
C GLU A 15 6.24 -8.82 -4.28
N LYS A 16 5.14 -9.20 -3.69
CA LYS A 16 4.07 -9.86 -4.49
C LYS A 16 2.71 -9.20 -4.25
N PHE A 17 2.58 -7.93 -4.55
CA PHE A 17 1.28 -7.25 -4.34
C PHE A 17 0.44 -7.32 -5.61
N SER A 18 -0.85 -7.46 -5.49
CA SER A 18 -1.71 -7.54 -6.71
C SER A 18 -2.84 -6.52 -6.63
N PHE A 19 -2.75 -5.44 -7.35
CA PHE A 19 -3.83 -4.42 -7.30
C PHE A 19 -5.15 -5.03 -7.80
N ALA A 20 -5.99 -5.43 -6.90
CA ALA A 20 -7.29 -6.04 -7.31
C ALA A 20 -8.32 -4.94 -7.57
N LYS A 21 -8.23 -3.86 -6.83
CA LYS A 21 -9.21 -2.75 -7.03
C LYS A 21 -8.50 -1.40 -6.86
N ASN A 22 -8.91 -0.41 -7.61
CA ASN A 22 -8.26 0.93 -7.49
C ASN A 22 -8.60 1.54 -6.12
N PRO A 23 -7.81 2.50 -5.73
CA PRO A 23 -8.02 3.18 -4.43
C PRO A 23 -9.27 4.07 -4.49
N ALA A 24 -10.18 3.89 -3.57
CA ALA A 24 -11.41 4.72 -3.59
C ALA A 24 -11.57 5.46 -2.26
N ASP A 25 -12.22 6.59 -2.27
CA ASP A 25 -12.41 7.35 -0.99
C ASP A 25 -13.71 6.93 -0.31
N THR A 26 -13.65 6.61 0.96
CA THR A 26 -14.89 6.19 1.67
C THR A 26 -15.35 7.30 2.63
N GLY A 27 -14.63 8.39 2.68
CA GLY A 27 -15.02 9.51 3.58
C GLY A 27 -14.10 10.70 3.35
N HIS A 28 -13.54 11.24 4.41
CA HIS A 28 -12.64 12.41 4.25
C HIS A 28 -11.20 12.01 4.60
N GLY A 29 -10.40 11.73 3.61
CA GLY A 29 -8.98 11.34 3.88
C GLY A 29 -8.91 9.83 4.10
N THR A 30 -9.79 9.09 3.50
CA THR A 30 -9.76 7.60 3.68
C THR A 30 -9.82 6.91 2.31
N VAL A 31 -8.73 6.34 1.87
CA VAL A 31 -8.72 5.66 0.56
C VAL A 31 -8.57 4.15 0.76
N VAL A 32 -9.57 3.39 0.39
CA VAL A 32 -9.48 1.91 0.58
C VAL A 32 -9.00 1.25 -0.71
N ILE A 33 -8.15 0.27 -0.59
CA ILE A 33 -7.63 -0.44 -1.80
C ILE A 33 -7.45 -1.93 -1.49
N GLU A 34 -7.85 -2.78 -2.40
CA GLU A 34 -7.71 -4.25 -2.14
C GLU A 34 -6.68 -4.87 -3.07
N LEU A 35 -5.61 -5.41 -2.53
CA LEU A 35 -4.58 -6.06 -3.39
C LEU A 35 -4.29 -7.46 -2.86
N SER A 36 -4.09 -8.41 -3.73
CA SER A 36 -3.81 -9.79 -3.27
C SER A 36 -2.31 -9.95 -3.02
N TYR A 37 -1.94 -10.35 -1.84
CA TYR A 37 -0.49 -10.52 -1.57
C TYR A 37 -0.08 -11.96 -1.87
N SER A 38 0.54 -12.19 -3.01
CA SER A 38 0.96 -13.56 -3.36
C SER A 38 2.42 -13.78 -2.97
N GLY A 39 2.69 -13.83 -1.70
CA GLY A 39 4.10 -14.03 -1.25
C GLY A 39 4.24 -15.41 -0.61
N SER A 40 5.19 -16.19 -1.06
CA SER A 40 5.38 -17.55 -0.48
C SER A 40 6.08 -17.47 0.88
N ASP A 41 6.29 -16.28 1.37
CA ASP A 41 6.97 -16.13 2.69
C ASP A 41 5.91 -15.96 3.80
N GLY A 42 4.66 -15.90 3.43
CA GLY A 42 3.59 -15.73 4.46
C GLY A 42 3.49 -14.26 4.86
N PRO A 43 3.34 -14.03 6.13
CA PRO A 43 3.22 -12.65 6.65
C PRO A 43 4.57 -11.93 6.53
N CYS A 44 4.55 -10.66 6.22
CA CYS A 44 5.83 -9.90 6.08
C CYS A 44 5.54 -8.41 5.94
N LYS A 45 6.52 -7.58 6.16
CA LYS A 45 6.28 -6.11 6.04
C LYS A 45 6.20 -5.72 4.56
N ILE A 46 5.05 -5.31 4.11
CA ILE A 46 4.92 -4.92 2.68
C ILE A 46 5.60 -3.57 2.43
N PRO A 47 6.61 -3.60 1.61
CA PRO A 47 7.37 -2.37 1.28
C PRO A 47 6.63 -1.58 0.20
N ILE A 48 5.52 -0.99 0.53
CA ILE A 48 4.76 -0.20 -0.48
C ILE A 48 4.66 1.26 -0.06
N VAL A 49 4.65 2.16 -1.00
CA VAL A 49 4.56 3.61 -0.66
C VAL A 49 3.42 4.26 -1.43
N SER A 50 2.68 5.14 -0.80
CA SER A 50 1.56 5.81 -1.50
C SER A 50 1.92 7.26 -1.80
N VAL A 51 2.32 7.55 -3.01
CA VAL A 51 2.69 8.94 -3.36
C VAL A 51 1.61 9.57 -4.25
N ALA A 52 1.53 10.86 -4.28
CA ALA A 52 0.51 11.53 -5.14
C ALA A 52 0.93 11.39 -6.61
N SER A 53 0.04 11.62 -7.53
CA SER A 53 0.44 11.50 -8.96
C SER A 53 1.38 12.65 -9.33
N LEU A 54 2.65 12.39 -9.36
CA LEU A 54 3.60 13.49 -9.71
C LEU A 54 5.05 13.05 -9.55
N ASN A 55 5.50 12.89 -8.34
CA ASN A 55 6.91 12.46 -8.13
C ASN A 55 7.03 10.94 -8.23
N ASP A 56 8.19 10.45 -8.57
CA ASP A 56 8.37 8.98 -8.68
C ASP A 56 9.18 8.45 -7.48
N MET A 57 9.95 9.31 -6.87
CA MET A 57 10.77 8.86 -5.70
C MET A 57 10.50 9.77 -4.49
N THR A 58 9.29 10.19 -4.31
CA THR A 58 8.97 11.09 -3.16
C THR A 58 7.69 10.62 -2.47
N PRO A 59 7.85 9.98 -1.35
CA PRO A 59 6.69 9.47 -0.58
C PRO A 59 5.97 10.62 0.11
N VAL A 60 4.69 10.75 -0.10
CA VAL A 60 3.93 11.86 0.56
C VAL A 60 2.61 11.32 1.12
N GLY A 61 2.07 10.29 0.53
CA GLY A 61 0.80 9.72 1.04
C GLY A 61 1.07 9.00 2.36
N ARG A 62 0.04 8.59 3.05
CA ARG A 62 0.27 7.90 4.35
C ARG A 62 -0.72 6.74 4.52
N LEU A 63 -0.37 5.76 5.32
CA LEU A 63 -1.29 4.61 5.53
C LEU A 63 -2.19 4.88 6.74
N VAL A 64 -3.48 4.99 6.54
CA VAL A 64 -4.38 5.25 7.69
C VAL A 64 -4.62 3.97 8.50
N THR A 65 -4.67 2.84 7.84
CA THR A 65 -4.89 1.57 8.58
C THR A 65 -3.56 1.07 9.16
N VAL A 66 -3.60 0.02 9.94
CA VAL A 66 -2.33 -0.50 10.53
C VAL A 66 -1.23 -0.49 9.48
N ASN A 67 0.01 -0.52 9.91
CA ASN A 67 1.12 -0.52 8.91
C ASN A 67 0.84 -1.51 7.79
N PRO A 68 1.47 -1.31 6.67
CA PRO A 68 1.27 -2.20 5.51
C PRO A 68 1.96 -3.55 5.75
N PHE A 69 1.50 -4.31 6.70
CA PHE A 69 2.12 -5.63 6.97
C PHE A 69 1.04 -6.72 6.96
N VAL A 70 1.19 -7.71 6.12
CA VAL A 70 0.17 -8.80 6.07
C VAL A 70 0.55 -9.88 7.10
N ALA A 71 0.60 -9.51 8.36
CA ALA A 71 0.95 -10.52 9.41
C ALA A 71 -0.21 -11.50 9.61
N THR A 72 -0.58 -12.20 8.58
CA THR A 72 -1.71 -13.17 8.71
C THR A 72 -1.44 -14.42 7.88
N SER A 73 -2.07 -15.51 8.21
CA SER A 73 -1.86 -16.76 7.43
C SER A 73 -2.80 -16.79 6.23
N SER A 74 -3.74 -15.88 6.19
CA SER A 74 -4.70 -15.84 5.04
C SER A 74 -4.54 -14.53 4.26
N ALA A 75 -3.46 -13.83 4.50
CA ALA A 75 -3.25 -12.54 3.77
C ALA A 75 -2.70 -12.83 2.37
N ASN A 76 -2.72 -14.06 1.95
CA ASN A 76 -2.20 -14.41 0.60
C ASN A 76 -3.33 -14.22 -0.42
N SER A 77 -4.36 -13.52 -0.05
CA SER A 77 -5.48 -13.30 -1.00
C SER A 77 -5.68 -11.81 -1.20
N LYS A 78 -6.71 -11.42 -1.89
CA LYS A 78 -6.96 -9.96 -2.10
C LYS A 78 -7.21 -9.30 -0.75
N VAL A 79 -6.17 -8.86 -0.09
CA VAL A 79 -6.33 -8.21 1.23
C VAL A 79 -6.86 -6.79 1.04
N LEU A 80 -7.15 -6.09 2.11
CA LEU A 80 -7.66 -4.70 1.96
C LEU A 80 -6.83 -3.71 2.79
N VAL A 81 -6.35 -2.67 2.16
CA VAL A 81 -5.52 -1.67 2.91
C VAL A 81 -6.21 -0.30 2.88
N GLU A 82 -5.71 0.63 3.65
CA GLU A 82 -6.33 1.99 3.67
C GLU A 82 -5.24 3.06 3.71
N MET A 83 -5.37 4.10 2.92
CA MET A 83 -4.32 5.16 2.91
C MET A 83 -4.97 6.55 2.87
N GLU A 84 -4.34 7.53 3.44
CA GLU A 84 -4.92 8.90 3.44
C GLU A 84 -4.03 9.85 2.64
N PRO A 85 -3.95 9.59 1.36
CA PRO A 85 -3.13 10.44 0.46
C PRO A 85 -3.79 11.80 0.24
N PRO A 86 -3.03 12.72 -0.27
CA PRO A 86 -3.54 14.09 -0.54
C PRO A 86 -4.51 14.06 -1.72
N PHE A 87 -5.44 14.98 -1.75
CA PHE A 87 -6.42 15.00 -2.87
C PHE A 87 -5.69 15.02 -4.22
N GLY A 88 -6.23 14.33 -5.20
CA GLY A 88 -5.56 14.30 -6.53
C GLY A 88 -5.07 12.88 -6.82
N ASP A 89 -4.79 12.57 -8.05
CA ASP A 89 -4.30 11.21 -8.38
C ASP A 89 -3.10 10.86 -7.50
N SER A 90 -2.75 9.61 -7.41
CA SER A 90 -1.59 9.23 -6.55
C SER A 90 -0.79 8.10 -7.19
N TYR A 91 0.51 8.20 -7.19
CA TYR A 91 1.35 7.13 -7.79
C TYR A 91 1.83 6.16 -6.70
N ILE A 92 1.30 4.97 -6.68
CA ILE A 92 1.71 3.99 -5.64
C ILE A 92 2.89 3.16 -6.15
N VAL A 93 3.88 2.92 -5.33
CA VAL A 93 5.05 2.13 -5.81
C VAL A 93 5.32 0.92 -4.91
N VAL A 94 5.04 -0.26 -5.37
CA VAL A 94 5.32 -1.47 -4.55
C VAL A 94 6.76 -1.89 -4.76
N GLY A 95 7.61 -1.68 -3.78
CA GLY A 95 9.04 -2.05 -3.95
C GLY A 95 9.27 -3.49 -3.47
N MET A 96 10.44 -4.02 -3.74
CA MET A 96 10.74 -5.42 -3.32
C MET A 96 12.25 -5.60 -3.13
N GLY A 97 12.97 -4.52 -3.07
CA GLY A 97 14.45 -4.62 -2.88
C GLY A 97 15.14 -3.64 -3.84
N ASP A 98 15.40 -4.05 -5.05
CA ASP A 98 16.07 -3.15 -6.02
C ASP A 98 15.03 -2.53 -6.96
N LYS A 99 14.44 -3.31 -7.81
CA LYS A 99 13.42 -2.77 -8.75
C LYS A 99 12.07 -2.63 -8.03
N GLN A 100 11.26 -1.70 -8.46
CA GLN A 100 9.94 -1.51 -7.79
C GLN A 100 8.85 -1.22 -8.83
N ILE A 101 7.64 -1.63 -8.56
CA ILE A 101 6.54 -1.38 -9.53
C ILE A 101 5.86 -0.04 -9.20
N ASN A 102 5.39 0.66 -10.18
CA ASN A 102 4.73 1.97 -9.91
C ASN A 102 3.41 2.08 -10.65
N HIS A 103 2.37 2.49 -9.98
CA HIS A 103 1.04 2.63 -10.64
C HIS A 103 0.59 4.09 -10.55
N HIS A 104 -0.22 4.54 -11.47
CA HIS A 104 -0.69 5.95 -11.43
C HIS A 104 -2.19 6.02 -11.24
N TRP A 105 -2.65 5.91 -10.03
CA TRP A 105 -4.12 5.97 -9.77
C TRP A 105 -4.68 7.30 -10.29
N HIS A 106 -5.18 7.29 -11.50
CA HIS A 106 -5.74 8.56 -12.07
C HIS A 106 -7.18 8.33 -12.55
N LYS A 107 -8.14 8.92 -11.88
CA LYS A 107 -9.56 8.74 -12.29
C LYS A 107 -10.05 9.95 -13.08
N ALA A 108 -9.26 10.99 -13.15
CA ALA A 108 -9.68 12.20 -13.91
C ALA A 108 -10.03 11.83 -15.36
N GLY A 109 -11.08 12.39 -15.88
CA GLY A 109 -11.46 12.06 -17.29
C GLY A 109 -11.37 13.33 -18.16
N SER A 110 -10.57 14.27 -17.74
CA SER A 110 -10.43 15.53 -18.54
C SER A 110 -10.32 15.19 -20.04
N THR A 111 -9.35 14.41 -20.41
CA THR A 111 -9.19 14.05 -21.85
C THR A 111 -9.98 12.78 -22.17
N ASP A 1 -6.81 4.97 24.55
CA ASP A 1 -7.24 4.95 23.11
C ASP A 1 -6.01 4.87 22.20
N LYS A 2 -5.09 4.00 22.50
CA LYS A 2 -3.87 3.88 21.66
C LYS A 2 -3.48 2.41 21.49
N LEU A 3 -2.52 2.12 20.65
CA LEU A 3 -2.10 0.71 20.45
C LEU A 3 -0.64 0.53 20.87
N ALA A 4 -0.27 -0.66 21.25
CA ALA A 4 1.15 -0.91 21.67
C ALA A 4 1.86 -1.80 20.66
N LEU A 5 2.67 -1.23 19.82
CA LEU A 5 3.39 -2.06 18.80
C LEU A 5 4.89 -2.08 19.12
N LYS A 6 5.62 -2.96 18.50
CA LYS A 6 7.08 -3.05 18.77
C LYS A 6 7.86 -3.05 17.46
N GLY A 7 9.15 -3.30 17.51
CA GLY A 7 9.96 -3.32 16.27
C GLY A 7 10.95 -4.48 16.33
N THR A 8 10.47 -5.68 16.46
CA THR A 8 11.38 -6.86 16.51
C THR A 8 11.99 -7.12 15.13
N THR A 9 13.07 -7.85 15.07
CA THR A 9 13.70 -8.14 13.75
C THR A 9 12.63 -8.51 12.73
N TYR A 10 12.47 -7.71 11.71
CA TYR A 10 11.43 -8.01 10.68
C TYR A 10 12.04 -7.96 9.27
N GLY A 11 11.47 -8.64 8.33
CA GLY A 11 12.01 -8.63 6.95
C GLY A 11 11.09 -7.81 6.04
N MET A 12 11.61 -6.79 5.42
CA MET A 12 10.76 -5.94 4.52
C MET A 12 10.66 -6.57 3.14
N CYS A 13 9.74 -7.48 2.95
CA CYS A 13 9.60 -8.12 1.61
C CYS A 13 8.14 -8.52 1.34
N THR A 14 7.46 -7.82 0.48
CA THR A 14 6.06 -8.17 0.17
C THR A 14 5.61 -7.53 -1.14
N GLU A 15 6.52 -7.30 -2.04
CA GLU A 15 6.14 -6.67 -3.34
C GLU A 15 5.10 -7.52 -4.06
N LYS A 16 4.87 -8.73 -3.60
CA LYS A 16 3.87 -9.61 -4.25
C LYS A 16 2.45 -9.09 -4.00
N PHE A 17 2.15 -7.89 -4.42
CA PHE A 17 0.78 -7.35 -4.21
C PHE A 17 0.00 -7.36 -5.53
N SER A 18 -1.26 -7.66 -5.48
CA SER A 18 -2.07 -7.70 -6.74
C SER A 18 -3.29 -6.79 -6.60
N PHE A 19 -3.41 -5.80 -7.45
CA PHE A 19 -4.58 -4.88 -7.36
C PHE A 19 -5.87 -5.66 -7.62
N ALA A 20 -6.73 -5.74 -6.65
CA ALA A 20 -8.00 -6.48 -6.83
C ALA A 20 -9.17 -5.50 -6.99
N LYS A 21 -9.05 -4.33 -6.41
CA LYS A 21 -10.14 -3.33 -6.53
C LYS A 21 -9.57 -1.92 -6.56
N ASN A 22 -10.24 -0.99 -7.19
CA ASN A 22 -9.73 0.40 -7.26
C ASN A 22 -9.86 1.08 -5.89
N PRO A 23 -9.16 2.17 -5.72
CA PRO A 23 -9.20 2.91 -4.45
C PRO A 23 -10.54 3.64 -4.30
N ALA A 24 -11.20 3.47 -3.20
CA ALA A 24 -12.53 4.14 -3.01
C ALA A 24 -12.51 4.96 -1.72
N ASP A 25 -13.29 5.99 -1.65
CA ASP A 25 -13.34 6.82 -0.41
C ASP A 25 -14.33 6.23 0.59
N THR A 26 -14.04 6.33 1.85
CA THR A 26 -14.96 5.78 2.88
C THR A 26 -15.15 6.77 4.03
N GLY A 27 -15.13 8.04 3.73
CA GLY A 27 -15.30 9.06 4.81
C GLY A 27 -14.79 10.42 4.32
N HIS A 28 -13.69 10.87 4.85
CA HIS A 28 -13.15 12.19 4.42
C HIS A 28 -11.68 12.05 4.03
N GLY A 29 -11.41 11.73 2.79
CA GLY A 29 -10.00 11.58 2.35
C GLY A 29 -9.53 10.15 2.59
N THR A 30 -10.33 9.36 3.26
CA THR A 30 -9.92 7.96 3.54
C THR A 30 -10.18 7.08 2.31
N VAL A 31 -9.14 6.56 1.70
CA VAL A 31 -9.33 5.71 0.51
C VAL A 31 -9.08 4.24 0.86
N VAL A 32 -9.86 3.35 0.31
CA VAL A 32 -9.67 1.91 0.61
C VAL A 32 -9.18 1.17 -0.63
N ILE A 33 -8.30 0.22 -0.45
CA ILE A 33 -7.78 -0.56 -1.62
C ILE A 33 -7.62 -2.03 -1.22
N GLU A 34 -7.95 -2.93 -2.11
CA GLU A 34 -7.82 -4.38 -1.78
C GLU A 34 -6.89 -5.08 -2.77
N LEU A 35 -5.78 -5.59 -2.31
CA LEU A 35 -4.85 -6.30 -3.22
C LEU A 35 -4.55 -7.69 -2.67
N SER A 36 -4.48 -8.68 -3.51
CA SER A 36 -4.21 -10.05 -3.03
C SER A 36 -2.71 -10.28 -2.97
N TYR A 37 -2.19 -10.71 -1.85
CA TYR A 37 -0.73 -10.94 -1.77
C TYR A 37 -0.41 -12.38 -2.17
N SER A 38 -0.06 -12.60 -3.40
CA SER A 38 0.25 -13.99 -3.85
C SER A 38 1.76 -14.23 -3.76
N GLY A 39 2.27 -14.32 -2.57
CA GLY A 39 3.74 -14.56 -2.41
C GLY A 39 3.96 -15.83 -1.60
N SER A 40 4.74 -16.75 -2.13
CA SER A 40 5.00 -18.01 -1.38
C SER A 40 6.17 -17.84 -0.42
N ASP A 41 6.42 -16.63 0.01
CA ASP A 41 7.54 -16.40 0.97
C ASP A 41 7.01 -16.30 2.40
N GLY A 42 5.72 -16.39 2.56
CA GLY A 42 5.13 -16.29 3.94
C GLY A 42 4.82 -14.83 4.25
N PRO A 43 4.63 -14.56 5.51
CA PRO A 43 4.32 -13.18 5.95
C PRO A 43 5.57 -12.29 5.85
N CYS A 44 5.37 -11.01 5.64
CA CYS A 44 6.55 -10.09 5.54
C CYS A 44 6.05 -8.64 5.54
N LYS A 45 6.92 -7.70 5.80
CA LYS A 45 6.49 -6.27 5.83
C LYS A 45 6.35 -5.74 4.40
N ILE A 46 5.18 -5.28 4.04
CA ILE A 46 4.98 -4.77 2.65
C ILE A 46 5.43 -3.31 2.54
N PRO A 47 6.50 -3.11 1.84
CA PRO A 47 7.05 -1.75 1.64
C PRO A 47 6.27 -1.00 0.55
N ILE A 48 5.45 -0.06 0.91
CA ILE A 48 4.68 0.69 -0.12
C ILE A 48 4.95 2.19 0.00
N VAL A 49 5.01 2.88 -1.11
CA VAL A 49 5.27 4.34 -1.08
C VAL A 49 4.10 5.08 -1.74
N SER A 50 3.18 5.56 -0.96
CA SER A 50 2.01 6.29 -1.55
C SER A 50 2.33 7.77 -1.69
N VAL A 51 2.61 8.22 -2.90
CA VAL A 51 2.93 9.65 -3.10
C VAL A 51 2.09 10.22 -4.25
N ALA A 52 1.99 11.52 -4.33
CA ALA A 52 1.18 12.13 -5.44
C ALA A 52 1.91 11.89 -6.77
N SER A 53 1.24 12.05 -7.88
CA SER A 53 1.94 11.83 -9.17
C SER A 53 3.01 12.91 -9.35
N LEU A 54 4.24 12.58 -9.06
CA LEU A 54 5.31 13.62 -9.22
C LEU A 54 6.64 13.15 -8.67
N ASN A 55 6.73 12.97 -7.39
CA ASN A 55 8.02 12.51 -6.79
C ASN A 55 7.96 11.00 -6.51
N ASP A 56 8.86 10.26 -7.07
CA ASP A 56 8.86 8.78 -6.84
C ASP A 56 10.02 8.40 -5.90
N MET A 57 10.54 9.35 -5.17
CA MET A 57 11.67 9.05 -4.25
C MET A 57 11.34 9.52 -2.83
N THR A 58 10.25 10.22 -2.67
CA THR A 58 9.87 10.70 -1.30
C THR A 58 8.39 10.45 -1.03
N PRO A 59 8.10 10.06 0.18
CA PRO A 59 6.71 9.78 0.59
C PRO A 59 5.92 11.08 0.72
N VAL A 60 4.71 11.11 0.22
CA VAL A 60 3.90 12.35 0.32
C VAL A 60 2.41 12.01 0.46
N GLY A 61 2.10 10.76 0.66
CA GLY A 61 0.67 10.36 0.80
C GLY A 61 0.41 9.95 2.25
N ARG A 62 -0.83 9.75 2.61
CA ARG A 62 -1.16 9.36 4.01
C ARG A 62 -1.56 7.88 4.06
N LEU A 63 -1.21 7.21 5.13
CA LEU A 63 -1.56 5.76 5.24
C LEU A 63 -2.50 5.55 6.44
N VAL A 64 -3.74 5.24 6.18
CA VAL A 64 -4.70 5.02 7.31
C VAL A 64 -4.88 3.52 7.56
N THR A 65 -3.81 2.78 7.55
CA THR A 65 -3.92 1.31 7.79
C THR A 65 -2.90 0.88 8.84
N VAL A 66 -3.23 -0.08 9.66
CA VAL A 66 -2.28 -0.54 10.71
C VAL A 66 -0.94 -0.90 10.06
N ASN A 67 -0.05 -1.50 10.82
CA ASN A 67 1.26 -1.87 10.24
C ASN A 67 1.07 -2.57 8.90
N PRO A 68 1.56 -1.94 7.86
CA PRO A 68 1.44 -2.51 6.49
C PRO A 68 2.37 -3.71 6.34
N PHE A 69 2.11 -4.77 7.06
CA PHE A 69 2.96 -5.99 6.97
C PHE A 69 2.10 -7.24 6.89
N VAL A 70 2.26 -8.04 5.87
CA VAL A 70 1.44 -9.27 5.76
C VAL A 70 1.90 -10.30 6.80
N ALA A 71 1.81 -9.96 8.07
CA ALA A 71 2.24 -10.91 9.13
C ALA A 71 1.07 -11.83 9.49
N THR A 72 0.54 -12.53 8.54
CA THR A 72 -0.60 -13.45 8.83
C THR A 72 -0.48 -14.72 7.99
N SER A 73 -1.28 -15.70 8.29
CA SER A 73 -1.23 -16.98 7.50
C SER A 73 -2.30 -16.96 6.41
N SER A 74 -3.16 -15.97 6.42
CA SER A 74 -4.23 -15.91 5.39
C SER A 74 -4.12 -14.60 4.60
N ALA A 75 -3.02 -13.90 4.73
CA ALA A 75 -2.87 -12.62 3.98
C ALA A 75 -2.53 -12.92 2.52
N ASN A 76 -2.54 -14.17 2.14
CA ASN A 76 -2.24 -14.53 0.73
C ASN A 76 -3.50 -14.38 -0.12
N SER A 77 -4.44 -13.61 0.35
CA SER A 77 -5.69 -13.43 -0.43
C SER A 77 -5.90 -11.94 -0.69
N LYS A 78 -7.03 -11.58 -1.24
CA LYS A 78 -7.29 -10.14 -1.52
C LYS A 78 -7.33 -9.39 -0.19
N VAL A 79 -6.20 -8.91 0.26
CA VAL A 79 -6.16 -8.17 1.54
C VAL A 79 -6.72 -6.75 1.34
N LEU A 80 -6.85 -5.98 2.39
CA LEU A 80 -7.39 -4.60 2.22
C LEU A 80 -6.51 -3.57 2.93
N VAL A 81 -6.32 -2.43 2.32
CA VAL A 81 -5.46 -1.38 2.95
C VAL A 81 -6.19 -0.03 2.91
N GLU A 82 -5.64 0.97 3.57
CA GLU A 82 -6.31 2.31 3.56
C GLU A 82 -5.25 3.41 3.32
N MET A 83 -5.61 4.42 2.58
CA MET A 83 -4.62 5.51 2.31
C MET A 83 -5.36 6.83 2.05
N GLU A 84 -4.83 7.93 2.51
CA GLU A 84 -5.49 9.24 2.29
C GLU A 84 -4.69 10.10 1.32
N PRO A 85 -4.63 9.67 0.09
CA PRO A 85 -3.88 10.41 -0.95
C PRO A 85 -4.62 11.69 -1.34
N PRO A 86 -3.87 12.63 -1.84
CA PRO A 86 -4.45 13.93 -2.26
C PRO A 86 -5.27 13.77 -3.54
N PHE A 87 -6.11 14.72 -3.84
CA PHE A 87 -6.93 14.61 -5.09
C PHE A 87 -6.06 14.85 -6.32
N GLY A 88 -6.25 14.08 -7.35
CA GLY A 88 -5.44 14.25 -8.58
C GLY A 88 -4.70 12.95 -8.90
N ASP A 89 -3.55 13.04 -9.51
CA ASP A 89 -2.78 11.80 -9.84
C ASP A 89 -1.80 11.49 -8.69
N SER A 90 -1.69 10.24 -8.32
CA SER A 90 -0.76 9.87 -7.22
C SER A 90 0.12 8.70 -7.65
N TYR A 91 1.41 8.78 -7.42
CA TYR A 91 2.30 7.66 -7.81
C TYR A 91 2.46 6.69 -6.65
N ILE A 92 1.70 5.62 -6.65
CA ILE A 92 1.80 4.64 -5.55
C ILE A 92 2.60 3.41 -6.02
N VAL A 93 3.73 3.15 -5.43
CA VAL A 93 4.54 1.98 -5.85
C VAL A 93 4.69 0.98 -4.70
N VAL A 94 4.44 -0.27 -4.96
CA VAL A 94 4.58 -1.29 -3.88
C VAL A 94 5.82 -2.15 -4.12
N GLY A 95 6.91 -1.83 -3.50
CA GLY A 95 8.16 -2.61 -3.71
C GLY A 95 9.08 -2.47 -2.49
N MET A 96 10.06 -3.32 -2.37
CA MET A 96 10.99 -3.23 -1.22
C MET A 96 12.35 -2.69 -1.65
N GLY A 97 12.77 -3.00 -2.85
CA GLY A 97 14.08 -2.52 -3.34
C GLY A 97 14.37 -3.10 -4.73
N ASP A 98 14.49 -4.40 -4.82
CA ASP A 98 14.77 -5.03 -6.14
C ASP A 98 13.60 -4.78 -7.10
N LYS A 99 12.83 -5.79 -7.40
CA LYS A 99 11.69 -5.60 -8.32
C LYS A 99 10.51 -4.95 -7.59
N GLN A 100 10.04 -3.83 -8.07
CA GLN A 100 8.90 -3.14 -7.41
C GLN A 100 7.83 -2.76 -8.43
N ILE A 101 6.60 -2.73 -8.04
CA ILE A 101 5.51 -2.38 -8.99
C ILE A 101 5.06 -0.93 -8.77
N ASN A 102 5.42 -0.04 -9.66
CA ASN A 102 5.00 1.38 -9.50
C ASN A 102 3.75 1.67 -10.33
N HIS A 103 2.77 2.28 -9.73
CA HIS A 103 1.52 2.59 -10.49
C HIS A 103 1.17 4.07 -10.36
N HIS A 104 0.37 4.58 -11.24
CA HIS A 104 -0.01 6.03 -11.17
C HIS A 104 -1.53 6.17 -11.10
N TRP A 105 -2.08 6.11 -9.92
CA TRP A 105 -3.56 6.25 -9.77
C TRP A 105 -4.04 7.51 -10.51
N HIS A 106 -4.55 7.37 -11.69
CA HIS A 106 -5.03 8.55 -12.45
C HIS A 106 -6.56 8.60 -12.44
N LYS A 107 -7.13 9.50 -11.68
CA LYS A 107 -8.61 9.60 -11.63
C LYS A 107 -9.14 10.39 -12.83
N ALA A 108 -8.26 11.01 -13.57
CA ALA A 108 -8.71 11.80 -14.75
C ALA A 108 -8.12 11.21 -16.04
N GLY A 109 -8.33 11.85 -17.15
CA GLY A 109 -7.77 11.33 -18.43
C GLY A 109 -7.67 12.47 -19.44
N SER A 110 -8.78 12.90 -19.98
CA SER A 110 -8.75 14.01 -20.98
C SER A 110 -8.91 15.36 -20.27
N THR A 111 -8.23 16.37 -20.73
CA THR A 111 -8.35 17.71 -20.09
C THR A 111 -7.57 18.75 -20.90
N ASP A 1 -5.86 -5.47 17.74
CA ASP A 1 -5.51 -6.34 18.89
C ASP A 1 -4.05 -6.10 19.31
N LYS A 2 -3.28 -5.47 18.45
CA LYS A 2 -1.87 -5.20 18.80
C LYS A 2 -1.49 -3.78 18.39
N LEU A 3 -0.55 -3.18 19.06
CA LEU A 3 -0.13 -1.79 18.69
C LEU A 3 1.23 -1.80 18.02
N ALA A 4 1.25 -1.74 16.71
CA ALA A 4 2.55 -1.75 15.99
C ALA A 4 2.80 -0.40 15.30
N LEU A 5 3.97 0.14 15.44
CA LEU A 5 4.26 1.45 14.78
C LEU A 5 5.28 1.25 13.65
N LYS A 6 5.51 2.25 12.85
CA LYS A 6 6.48 2.09 11.74
C LYS A 6 7.82 2.73 12.11
N GLY A 7 8.90 2.13 11.70
CA GLY A 7 10.24 2.70 12.03
C GLY A 7 11.06 1.66 12.79
N THR A 8 10.43 0.90 13.64
CA THR A 8 11.18 -0.14 14.41
C THR A 8 10.43 -1.48 14.35
N THR A 9 10.85 -2.37 13.49
CA THR A 9 10.17 -3.68 13.39
C THR A 9 10.93 -4.60 12.43
N TYR A 10 10.57 -5.86 12.39
CA TYR A 10 11.26 -6.81 11.48
C TYR A 10 11.37 -6.21 10.08
N GLY A 11 11.98 -6.91 9.16
CA GLY A 11 12.13 -6.38 7.78
C GLY A 11 10.76 -6.37 7.09
N MET A 12 10.66 -5.73 5.96
CA MET A 12 9.35 -5.68 5.24
C MET A 12 9.44 -6.47 3.93
N CYS A 13 8.52 -7.37 3.71
CA CYS A 13 8.57 -8.17 2.45
C CYS A 13 7.16 -8.52 1.97
N THR A 14 6.69 -7.87 0.94
CA THR A 14 5.34 -8.19 0.39
C THR A 14 5.22 -7.63 -1.03
N GLU A 15 6.32 -7.46 -1.72
CA GLU A 15 6.27 -6.92 -3.10
C GLU A 15 5.24 -7.69 -3.93
N LYS A 16 4.86 -8.86 -3.50
CA LYS A 16 3.86 -9.65 -4.27
C LYS A 16 2.45 -9.08 -4.06
N PHE A 17 2.23 -7.86 -4.44
CA PHE A 17 0.87 -7.26 -4.27
C PHE A 17 0.11 -7.32 -5.58
N SER A 18 -1.16 -7.65 -5.53
CA SER A 18 -1.96 -7.73 -6.79
C SER A 18 -3.24 -6.90 -6.66
N PHE A 19 -3.23 -5.69 -7.16
CA PHE A 19 -4.46 -4.86 -7.07
C PHE A 19 -5.64 -5.59 -7.71
N ALA A 20 -6.65 -5.89 -6.95
CA ALA A 20 -7.83 -6.62 -7.51
C ALA A 20 -9.03 -5.67 -7.64
N LYS A 21 -9.03 -4.58 -6.93
CA LYS A 21 -10.18 -3.63 -7.02
C LYS A 21 -9.70 -2.18 -6.99
N ASN A 22 -10.41 -1.30 -7.62
CA ASN A 22 -10.01 0.14 -7.63
C ASN A 22 -10.12 0.74 -6.23
N PRO A 23 -9.51 1.88 -6.06
CA PRO A 23 -9.55 2.57 -4.74
C PRO A 23 -10.93 3.15 -4.48
N ALA A 24 -11.38 3.12 -3.25
CA ALA A 24 -12.73 3.68 -2.93
C ALA A 24 -12.65 4.56 -1.69
N ASP A 25 -13.53 5.53 -1.58
CA ASP A 25 -13.50 6.42 -0.38
C ASP A 25 -14.44 5.88 0.71
N THR A 26 -13.97 5.78 1.91
CA THR A 26 -14.83 5.27 3.02
C THR A 26 -15.37 6.44 3.85
N GLY A 27 -14.58 6.95 4.75
CA GLY A 27 -15.03 8.09 5.60
C GLY A 27 -14.81 9.40 4.84
N HIS A 28 -13.87 10.19 5.28
CA HIS A 28 -13.59 11.48 4.59
C HIS A 28 -12.10 11.62 4.30
N GLY A 29 -11.69 11.29 3.09
CA GLY A 29 -10.25 11.40 2.74
C GLY A 29 -9.58 10.04 2.90
N THR A 30 -10.36 9.01 3.12
CA THR A 30 -9.75 7.65 3.29
C THR A 30 -9.96 6.83 2.02
N VAL A 31 -8.90 6.26 1.49
CA VAL A 31 -9.03 5.45 0.26
C VAL A 31 -8.81 3.96 0.59
N VAL A 32 -9.62 3.10 0.03
CA VAL A 32 -9.46 1.65 0.33
C VAL A 32 -9.10 0.88 -0.94
N ILE A 33 -8.27 -0.12 -0.83
CA ILE A 33 -7.88 -0.92 -2.02
C ILE A 33 -7.74 -2.39 -1.64
N GLU A 34 -8.08 -3.29 -2.52
CA GLU A 34 -7.97 -4.74 -2.19
C GLU A 34 -6.95 -5.43 -3.11
N LEU A 35 -5.77 -5.68 -2.61
CA LEU A 35 -4.75 -6.36 -3.45
C LEU A 35 -4.45 -7.76 -2.89
N SER A 36 -4.35 -8.74 -3.72
CA SER A 36 -4.08 -10.11 -3.21
C SER A 36 -2.58 -10.32 -3.06
N TYR A 37 -2.14 -10.79 -1.93
CA TYR A 37 -0.68 -11.00 -1.77
C TYR A 37 -0.32 -12.45 -2.08
N SER A 38 0.18 -12.72 -3.25
CA SER A 38 0.54 -14.11 -3.63
C SER A 38 2.03 -14.34 -3.38
N GLY A 39 2.43 -14.43 -2.15
CA GLY A 39 3.88 -14.65 -1.85
C GLY A 39 4.03 -15.89 -0.96
N SER A 40 4.80 -16.85 -1.39
CA SER A 40 4.99 -18.09 -0.58
C SER A 40 6.26 -17.97 0.27
N ASP A 41 6.62 -16.77 0.65
CA ASP A 41 7.84 -16.59 1.48
C ASP A 41 7.45 -16.34 2.95
N GLY A 42 6.18 -16.33 3.23
CA GLY A 42 5.74 -16.09 4.63
C GLY A 42 5.20 -14.65 4.74
N PRO A 43 4.68 -14.34 5.90
CA PRO A 43 4.13 -12.99 6.16
C PRO A 43 5.27 -11.97 6.29
N CYS A 44 5.02 -10.74 5.91
CA CYS A 44 6.07 -9.70 6.02
C CYS A 44 5.44 -8.32 5.81
N LYS A 45 6.11 -7.26 6.21
CA LYS A 45 5.53 -5.90 6.03
C LYS A 45 5.44 -5.57 4.54
N ILE A 46 4.38 -4.92 4.14
CA ILE A 46 4.23 -4.59 2.69
C ILE A 46 4.83 -3.20 2.39
N PRO A 47 5.93 -3.23 1.69
CA PRO A 47 6.65 -1.98 1.32
C PRO A 47 5.92 -1.26 0.18
N ILE A 48 5.10 -0.30 0.51
CA ILE A 48 4.38 0.45 -0.55
C ILE A 48 4.51 1.96 -0.30
N VAL A 49 5.15 2.67 -1.20
CA VAL A 49 5.30 4.14 -1.02
C VAL A 49 4.17 4.88 -1.73
N SER A 50 3.24 5.41 -1.00
CA SER A 50 2.11 6.15 -1.63
C SER A 50 2.52 7.60 -1.90
N VAL A 51 2.88 7.92 -3.11
CA VAL A 51 3.29 9.31 -3.41
C VAL A 51 2.36 9.94 -4.46
N ALA A 52 2.19 11.23 -4.40
CA ALA A 52 1.30 11.91 -5.39
C ALA A 52 1.92 11.82 -6.78
N SER A 53 1.17 12.08 -7.82
CA SER A 53 1.76 12.00 -9.19
C SER A 53 2.74 13.15 -9.38
N LEU A 54 4.02 12.89 -9.28
CA LEU A 54 5.00 14.00 -9.46
C LEU A 54 6.42 13.58 -9.09
N ASN A 55 6.66 13.25 -7.86
CA ASN A 55 8.03 12.83 -7.46
C ASN A 55 8.21 11.32 -7.67
N ASP A 56 9.43 10.86 -7.65
CA ASP A 56 9.67 9.39 -7.84
C ASP A 56 10.07 8.75 -6.51
N MET A 57 10.83 9.44 -5.71
CA MET A 57 11.24 8.87 -4.39
C MET A 57 10.84 9.81 -3.25
N THR A 58 9.77 10.54 -3.43
CA THR A 58 9.32 11.47 -2.35
C THR A 58 8.01 10.99 -1.75
N PRO A 59 8.04 10.73 -0.46
CA PRO A 59 6.84 10.26 0.25
C PRO A 59 5.81 11.40 0.41
N VAL A 60 4.59 11.15 0.04
CA VAL A 60 3.55 12.22 0.17
C VAL A 60 2.22 11.62 0.61
N GLY A 61 1.92 10.45 0.14
CA GLY A 61 0.63 9.79 0.54
C GLY A 61 0.78 9.20 1.94
N ARG A 62 -0.31 8.86 2.58
CA ARG A 62 -0.20 8.29 3.96
C ARG A 62 -1.17 7.12 4.12
N LEU A 63 -0.90 6.24 5.05
CA LEU A 63 -1.82 5.08 5.26
C LEU A 63 -2.77 5.38 6.43
N VAL A 64 -4.04 5.33 6.19
CA VAL A 64 -5.01 5.61 7.29
C VAL A 64 -4.88 4.56 8.40
N THR A 65 -4.19 3.49 8.13
CA THR A 65 -4.02 2.44 9.16
C THR A 65 -2.53 2.15 9.37
N VAL A 66 -2.18 1.51 10.46
CA VAL A 66 -0.75 1.20 10.71
C VAL A 66 -0.09 0.69 9.43
N ASN A 67 1.21 0.58 9.41
CA ASN A 67 1.91 0.09 8.19
C ASN A 67 1.20 -1.17 7.67
N PRO A 68 1.15 -1.27 6.36
CA PRO A 68 0.50 -2.43 5.72
C PRO A 68 1.41 -3.66 5.80
N PHE A 69 1.18 -4.53 6.74
CA PHE A 69 2.03 -5.74 6.86
C PHE A 69 1.18 -7.01 6.74
N VAL A 70 1.67 -7.99 6.03
CA VAL A 70 0.90 -9.25 5.86
C VAL A 70 1.27 -10.24 6.98
N ALA A 71 1.04 -9.88 8.21
CA ALA A 71 1.37 -10.81 9.33
C ALA A 71 0.18 -11.71 9.66
N THR A 72 -0.28 -12.45 8.69
CA THR A 72 -1.44 -13.37 8.94
C THR A 72 -1.28 -14.66 8.15
N SER A 73 -2.09 -15.65 8.43
CA SER A 73 -1.98 -16.93 7.68
C SER A 73 -2.95 -16.92 6.49
N SER A 74 -3.78 -15.94 6.40
CA SER A 74 -4.75 -15.87 5.27
C SER A 74 -4.54 -14.60 4.45
N ALA A 75 -3.41 -13.96 4.59
CA ALA A 75 -3.16 -12.71 3.82
C ALA A 75 -2.74 -13.06 2.39
N ASN A 76 -2.80 -14.31 2.04
CA ASN A 76 -2.40 -14.71 0.66
C ASN A 76 -3.60 -14.53 -0.27
N SER A 77 -4.56 -13.76 0.13
CA SER A 77 -5.75 -13.54 -0.73
C SER A 77 -5.91 -12.05 -1.00
N LYS A 78 -6.98 -11.67 -1.62
CA LYS A 78 -7.19 -10.22 -1.91
C LYS A 78 -7.29 -9.47 -0.59
N VAL A 79 -6.18 -9.03 -0.06
CA VAL A 79 -6.20 -8.30 1.22
C VAL A 79 -6.67 -6.86 0.98
N LEU A 80 -6.83 -6.06 2.00
CA LEU A 80 -7.29 -4.67 1.79
C LEU A 80 -6.46 -3.67 2.61
N VAL A 81 -6.05 -2.60 1.99
CA VAL A 81 -5.25 -1.57 2.71
C VAL A 81 -5.99 -0.22 2.69
N GLU A 82 -5.44 0.78 3.30
CA GLU A 82 -6.11 2.12 3.31
C GLU A 82 -5.08 3.25 3.36
N MET A 83 -5.30 4.29 2.61
CA MET A 83 -4.34 5.43 2.61
C MET A 83 -5.04 6.73 2.18
N GLU A 84 -4.73 7.82 2.83
CA GLU A 84 -5.38 9.10 2.47
C GLU A 84 -4.38 10.04 1.79
N PRO A 85 -4.11 9.75 0.55
CA PRO A 85 -3.16 10.58 -0.24
C PRO A 85 -3.80 11.92 -0.61
N PRO A 86 -3.00 12.80 -1.13
CA PRO A 86 -3.49 14.14 -1.53
C PRO A 86 -4.34 14.03 -2.80
N PHE A 87 -5.13 15.03 -3.08
CA PHE A 87 -5.99 14.98 -4.31
C PHE A 87 -5.11 15.04 -5.57
N GLY A 88 -5.52 14.35 -6.60
CA GLY A 88 -4.71 14.35 -7.86
C GLY A 88 -4.07 12.97 -8.05
N ASP A 89 -3.70 12.64 -9.26
CA ASP A 89 -3.08 11.30 -9.49
C ASP A 89 -1.92 11.08 -8.53
N SER A 90 -1.67 9.87 -8.14
CA SER A 90 -0.56 9.60 -7.20
C SER A 90 0.34 8.47 -7.71
N TYR A 91 1.64 8.61 -7.57
CA TYR A 91 2.55 7.54 -8.04
C TYR A 91 2.81 6.56 -6.90
N ILE A 92 2.21 5.40 -6.94
CA ILE A 92 2.42 4.42 -5.84
C ILE A 92 3.37 3.31 -6.30
N VAL A 93 4.32 2.95 -5.48
CA VAL A 93 5.27 1.88 -5.89
C VAL A 93 5.31 0.74 -4.84
N VAL A 94 4.87 -0.43 -5.22
CA VAL A 94 4.88 -1.57 -4.26
C VAL A 94 6.05 -2.51 -4.61
N GLY A 95 7.10 -2.47 -3.85
CA GLY A 95 8.27 -3.36 -4.16
C GLY A 95 9.10 -3.61 -2.89
N MET A 96 10.02 -4.54 -2.96
CA MET A 96 10.86 -4.84 -1.77
C MET A 96 12.30 -4.40 -1.99
N GLY A 97 12.90 -4.81 -3.09
CA GLY A 97 14.31 -4.41 -3.37
C GLY A 97 14.35 -3.36 -4.47
N ASP A 98 15.36 -3.39 -5.30
CA ASP A 98 15.46 -2.39 -6.41
C ASP A 98 14.29 -2.55 -7.38
N LYS A 99 13.86 -3.76 -7.61
CA LYS A 99 12.72 -3.98 -8.55
C LYS A 99 11.39 -3.68 -7.85
N GLN A 100 10.69 -2.69 -8.30
CA GLN A 100 9.38 -2.35 -7.67
C GLN A 100 8.34 -2.00 -8.74
N ILE A 101 7.09 -2.29 -8.47
CA ILE A 101 6.02 -1.98 -9.47
C ILE A 101 5.40 -0.61 -9.17
N ASN A 102 5.65 0.37 -9.99
CA ASN A 102 5.07 1.72 -9.74
C ASN A 102 3.85 1.95 -10.64
N HIS A 103 2.77 2.41 -10.08
CA HIS A 103 1.55 2.67 -10.90
C HIS A 103 1.15 4.14 -10.78
N HIS A 104 0.20 4.57 -11.58
CA HIS A 104 -0.25 5.99 -11.52
C HIS A 104 -1.73 6.07 -11.15
N TRP A 105 -2.04 5.94 -9.90
CA TRP A 105 -3.47 6.01 -9.47
C TRP A 105 -4.12 7.29 -10.03
N HIS A 106 -5.29 7.20 -10.57
CA HIS A 106 -5.96 8.41 -11.13
C HIS A 106 -7.17 8.79 -10.27
N LYS A 107 -7.01 9.75 -9.39
CA LYS A 107 -8.15 10.17 -8.53
C LYS A 107 -8.57 11.60 -8.88
N ALA A 108 -7.79 12.27 -9.69
CA ALA A 108 -8.14 13.67 -10.06
C ALA A 108 -9.61 13.74 -10.49
N GLY A 109 -10.21 14.89 -10.36
CA GLY A 109 -11.64 15.03 -10.76
C GLY A 109 -11.94 16.48 -11.13
N SER A 110 -12.76 16.69 -12.12
CA SER A 110 -13.09 18.08 -12.54
C SER A 110 -13.88 18.78 -11.43
N THR A 111 -14.30 20.00 -11.66
CA THR A 111 -15.08 20.72 -10.63
C THR A 111 -16.09 21.66 -11.29
N ASP A 1 -6.75 6.05 17.86
CA ASP A 1 -6.42 5.70 19.26
C ASP A 1 -5.87 4.27 19.33
N LYS A 2 -4.64 4.07 18.96
CA LYS A 2 -4.05 2.70 19.00
C LYS A 2 -2.54 2.77 19.25
N LEU A 3 -1.96 1.74 19.79
CA LEU A 3 -0.50 1.75 20.05
C LEU A 3 0.27 1.35 18.78
N ALA A 4 1.51 1.76 18.67
CA ALA A 4 2.31 1.41 17.46
C ALA A 4 3.23 0.22 17.76
N LEU A 5 3.83 -0.34 16.75
CA LEU A 5 4.73 -1.51 16.98
C LEU A 5 6.16 -1.02 17.22
N LYS A 6 6.37 -0.24 18.26
CA LYS A 6 7.75 0.27 18.54
C LYS A 6 8.43 -0.61 19.59
N GLY A 7 9.73 -0.73 19.52
CA GLY A 7 10.45 -1.57 20.52
C GLY A 7 11.41 -2.52 19.79
N THR A 8 10.92 -3.26 18.84
CA THR A 8 11.81 -4.20 18.10
C THR A 8 11.42 -4.24 16.61
N THR A 9 12.38 -4.03 15.74
CA THR A 9 12.07 -4.06 14.28
C THR A 9 11.31 -5.33 13.92
N TYR A 10 10.87 -5.44 12.70
CA TYR A 10 10.11 -6.65 12.29
C TYR A 10 10.56 -7.10 10.89
N GLY A 11 10.29 -8.33 10.53
CA GLY A 11 10.69 -8.82 9.18
C GLY A 11 9.79 -8.19 8.12
N MET A 12 10.35 -7.42 7.23
CA MET A 12 9.52 -6.76 6.18
C MET A 12 9.87 -7.36 4.80
N CYS A 13 9.02 -8.22 4.30
CA CYS A 13 9.30 -8.83 2.96
C CYS A 13 7.98 -9.14 2.24
N THR A 14 7.65 -8.39 1.23
CA THR A 14 6.38 -8.66 0.49
C THR A 14 6.41 -7.98 -0.88
N GLU A 15 7.31 -8.37 -1.73
CA GLU A 15 7.38 -7.75 -3.08
C GLU A 15 6.40 -8.45 -4.03
N LYS A 16 5.37 -9.05 -3.50
CA LYS A 16 4.38 -9.75 -4.37
C LYS A 16 2.97 -9.20 -4.16
N PHE A 17 2.76 -7.93 -4.41
CA PHE A 17 1.41 -7.35 -4.23
C PHE A 17 0.69 -7.27 -5.58
N SER A 18 -0.60 -7.43 -5.59
CA SER A 18 -1.35 -7.37 -6.88
C SER A 18 -2.52 -6.38 -6.77
N PHE A 19 -2.83 -5.68 -7.83
CA PHE A 19 -3.97 -4.72 -7.75
C PHE A 19 -5.28 -5.45 -8.04
N ALA A 20 -6.06 -5.72 -7.02
CA ALA A 20 -7.35 -6.44 -7.24
C ALA A 20 -8.49 -5.46 -7.44
N LYS A 21 -8.46 -4.34 -6.76
CA LYS A 21 -9.57 -3.35 -6.91
C LYS A 21 -9.03 -1.91 -6.82
N ASN A 22 -9.82 -0.95 -7.20
CA ASN A 22 -9.37 0.47 -7.14
C ASN A 22 -9.59 1.03 -5.72
N PRO A 23 -8.96 2.14 -5.46
CA PRO A 23 -9.10 2.80 -4.14
C PRO A 23 -10.48 3.44 -3.98
N ALA A 24 -11.10 3.28 -2.85
CA ALA A 24 -12.44 3.88 -2.64
C ALA A 24 -12.46 4.76 -1.39
N ASP A 25 -13.49 5.55 -1.21
CA ASP A 25 -13.55 6.43 -0.02
C ASP A 25 -14.56 5.89 0.99
N THR A 26 -14.19 5.81 2.24
CA THR A 26 -15.14 5.30 3.27
C THR A 26 -15.61 6.44 4.17
N GLY A 27 -14.84 7.49 4.26
CA GLY A 27 -15.24 8.63 5.12
C GLY A 27 -14.64 9.93 4.57
N HIS A 28 -13.75 10.54 5.30
CA HIS A 28 -13.13 11.80 4.81
C HIS A 28 -11.61 11.73 4.93
N GLY A 29 -10.94 11.24 3.91
CA GLY A 29 -9.46 11.14 3.97
C GLY A 29 -9.05 9.67 4.19
N THR A 30 -9.96 8.76 3.99
CA THR A 30 -9.62 7.32 4.20
C THR A 30 -9.87 6.53 2.92
N VAL A 31 -8.83 6.06 2.28
CA VAL A 31 -9.01 5.29 1.02
C VAL A 31 -8.80 3.80 1.29
N VAL A 32 -9.46 2.95 0.53
CA VAL A 32 -9.30 1.49 0.74
C VAL A 32 -8.95 0.79 -0.58
N ILE A 33 -7.99 -0.09 -0.56
CA ILE A 33 -7.60 -0.80 -1.81
C ILE A 33 -7.45 -2.30 -1.52
N GLU A 34 -7.70 -3.14 -2.48
CA GLU A 34 -7.58 -4.60 -2.24
C GLU A 34 -6.53 -5.22 -3.17
N LEU A 35 -5.37 -5.51 -2.65
CA LEU A 35 -4.31 -6.13 -3.50
C LEU A 35 -4.08 -7.58 -3.06
N SER A 36 -3.95 -8.48 -3.99
CA SER A 36 -3.72 -9.89 -3.63
C SER A 36 -2.23 -10.13 -3.38
N TYR A 37 -1.89 -10.64 -2.23
CA TYR A 37 -0.45 -10.87 -1.95
C TYR A 37 -0.09 -12.31 -2.36
N SER A 38 0.47 -12.48 -3.53
CA SER A 38 0.83 -13.84 -3.98
C SER A 38 2.30 -14.12 -3.68
N GLY A 39 2.63 -14.32 -2.43
CA GLY A 39 4.04 -14.59 -2.06
C GLY A 39 4.12 -15.89 -1.26
N SER A 40 4.95 -16.80 -1.68
CA SER A 40 5.07 -18.10 -0.93
C SER A 40 6.04 -17.94 0.24
N ASP A 41 6.32 -16.72 0.62
CA ASP A 41 7.26 -16.51 1.77
C ASP A 41 6.48 -16.40 3.08
N GLY A 42 5.22 -16.06 3.00
CA GLY A 42 4.40 -15.96 4.25
C GLY A 42 4.06 -14.48 4.50
N PRO A 43 3.65 -14.21 5.71
CA PRO A 43 3.28 -12.82 6.09
C PRO A 43 4.54 -11.96 6.25
N CYS A 44 4.41 -10.69 5.99
CA CYS A 44 5.59 -9.78 6.10
C CYS A 44 5.15 -8.32 5.98
N LYS A 45 5.97 -7.40 6.41
CA LYS A 45 5.57 -5.96 6.30
C LYS A 45 5.56 -5.55 4.82
N ILE A 46 4.42 -5.16 4.31
CA ILE A 46 4.36 -4.77 2.87
C ILE A 46 5.07 -3.42 2.67
N PRO A 47 6.16 -3.47 1.95
CA PRO A 47 6.96 -2.25 1.67
C PRO A 47 6.32 -1.48 0.51
N ILE A 48 5.44 -0.55 0.81
CA ILE A 48 4.79 0.23 -0.28
C ILE A 48 4.82 1.73 0.05
N VAL A 49 4.87 2.56 -0.97
CA VAL A 49 4.89 4.03 -0.73
C VAL A 49 3.73 4.69 -1.48
N SER A 50 3.34 5.87 -1.08
CA SER A 50 2.22 6.55 -1.77
C SER A 50 2.57 8.02 -2.03
N VAL A 51 2.84 8.36 -3.26
CA VAL A 51 3.20 9.77 -3.58
C VAL A 51 2.27 10.33 -4.66
N ALA A 52 2.13 11.62 -4.73
CA ALA A 52 1.24 12.21 -5.76
C ALA A 52 1.67 11.76 -7.15
N SER A 53 0.83 11.92 -8.13
CA SER A 53 1.20 11.48 -9.51
C SER A 53 2.45 12.22 -9.99
N LEU A 54 3.49 11.48 -10.32
CA LEU A 54 4.74 12.13 -10.82
C LEU A 54 5.55 12.69 -9.65
N ASN A 55 5.47 12.07 -8.49
CA ASN A 55 6.26 12.58 -7.33
C ASN A 55 7.06 11.43 -6.71
N ASP A 56 8.21 11.15 -7.24
CA ASP A 56 9.04 10.03 -6.69
C ASP A 56 10.24 10.61 -5.91
N MET A 57 10.25 11.90 -5.70
CA MET A 57 11.39 12.51 -4.95
C MET A 57 10.91 13.07 -3.62
N THR A 58 9.62 13.22 -3.46
CA THR A 58 9.07 13.75 -2.18
C THR A 58 7.85 12.93 -1.75
N PRO A 59 7.94 12.36 -0.57
CA PRO A 59 6.83 11.55 -0.04
C PRO A 59 5.68 12.46 0.41
N VAL A 60 4.47 12.13 0.05
CA VAL A 60 3.32 12.99 0.46
C VAL A 60 2.11 12.13 0.80
N GLY A 61 1.97 11.00 0.15
CA GLY A 61 0.83 10.11 0.45
C GLY A 61 1.05 9.48 1.82
N ARG A 62 0.00 9.26 2.57
CA ARG A 62 0.18 8.67 3.93
C ARG A 62 -0.64 7.39 4.08
N LEU A 63 -0.25 6.54 4.98
CA LEU A 63 -1.02 5.28 5.19
C LEU A 63 -1.99 5.44 6.35
N VAL A 64 -3.26 5.19 6.12
CA VAL A 64 -4.26 5.34 7.21
C VAL A 64 -3.79 4.59 8.47
N THR A 65 -2.91 3.63 8.31
CA THR A 65 -2.43 2.86 9.49
C THR A 65 -0.91 2.68 9.40
N VAL A 66 -0.30 2.19 10.45
CA VAL A 66 1.16 1.98 10.43
C VAL A 66 1.57 1.17 9.20
N ASN A 67 2.81 0.77 9.11
CA ASN A 67 3.26 -0.03 7.94
C ASN A 67 2.24 -1.16 7.66
N PRO A 68 1.86 -1.26 6.41
CA PRO A 68 0.88 -2.29 6.00
C PRO A 68 1.54 -3.68 6.00
N PHE A 69 0.99 -4.60 6.73
CA PHE A 69 1.57 -5.98 6.78
C PHE A 69 0.47 -7.02 6.66
N VAL A 70 0.80 -8.21 6.23
CA VAL A 70 -0.24 -9.27 6.11
C VAL A 70 0.08 -10.42 7.07
N ALA A 71 0.13 -10.14 8.34
CA ALA A 71 0.44 -11.21 9.34
C ALA A 71 -0.76 -12.15 9.50
N THR A 72 -1.18 -12.77 8.43
CA THR A 72 -2.35 -13.69 8.53
C THR A 72 -2.13 -14.90 7.61
N SER A 73 -2.76 -16.01 7.92
CA SER A 73 -2.60 -17.21 7.06
C SER A 73 -3.49 -17.10 5.82
N SER A 74 -4.29 -16.06 5.75
CA SER A 74 -5.19 -15.88 4.58
C SER A 74 -4.80 -14.62 3.80
N ALA A 75 -3.62 -14.11 4.03
CA ALA A 75 -3.18 -12.87 3.30
C ALA A 75 -2.71 -13.24 1.89
N ASN A 76 -2.90 -14.47 1.49
CA ASN A 76 -2.47 -14.88 0.13
C ASN A 76 -3.60 -14.58 -0.86
N SER A 77 -4.50 -13.73 -0.50
CA SER A 77 -5.62 -13.38 -1.40
C SER A 77 -5.72 -11.87 -1.56
N LYS A 78 -6.74 -11.39 -2.21
CA LYS A 78 -6.89 -9.92 -2.36
C LYS A 78 -7.06 -9.28 -0.98
N VAL A 79 -5.98 -8.93 -0.34
CA VAL A 79 -6.09 -8.31 1.00
C VAL A 79 -6.53 -6.85 0.84
N LEU A 80 -6.75 -6.15 1.92
CA LEU A 80 -7.20 -4.73 1.79
C LEU A 80 -6.40 -3.80 2.74
N VAL A 81 -5.93 -2.70 2.23
CA VAL A 81 -5.16 -1.75 3.09
C VAL A 81 -5.83 -0.38 3.06
N GLU A 82 -5.30 0.57 3.78
CA GLU A 82 -5.93 1.94 3.79
C GLU A 82 -4.85 3.01 3.60
N MET A 83 -5.16 4.05 2.88
CA MET A 83 -4.17 5.14 2.66
C MET A 83 -4.88 6.50 2.54
N GLU A 84 -4.29 7.54 3.08
CA GLU A 84 -4.92 8.87 2.99
C GLU A 84 -4.06 9.82 2.16
N PRO A 85 -3.97 9.51 0.88
CA PRO A 85 -3.16 10.35 -0.04
C PRO A 85 -3.89 11.67 -0.33
N PRO A 86 -3.15 12.60 -0.87
CA PRO A 86 -3.74 13.92 -1.21
C PRO A 86 -4.67 13.81 -2.41
N PHE A 87 -5.77 14.50 -2.41
CA PHE A 87 -6.72 14.42 -3.55
C PHE A 87 -5.98 14.70 -4.86
N GLY A 88 -6.26 13.94 -5.88
CA GLY A 88 -5.58 14.16 -7.18
C GLY A 88 -4.82 12.88 -7.58
N ASP A 89 -4.38 12.80 -8.80
CA ASP A 89 -3.64 11.58 -9.25
C ASP A 89 -2.48 11.30 -8.29
N SER A 90 -2.16 10.05 -8.07
CA SER A 90 -1.05 9.71 -7.14
C SER A 90 -0.24 8.53 -7.68
N TYR A 91 1.06 8.57 -7.52
CA TYR A 91 1.91 7.45 -8.00
C TYR A 91 2.23 6.50 -6.85
N ILE A 92 1.70 5.31 -6.88
CA ILE A 92 1.96 4.35 -5.77
C ILE A 92 3.00 3.30 -6.21
N VAL A 93 3.94 2.99 -5.36
CA VAL A 93 4.97 1.98 -5.73
C VAL A 93 5.02 0.87 -4.68
N VAL A 94 4.63 -0.33 -5.05
CA VAL A 94 4.66 -1.45 -4.07
C VAL A 94 5.83 -2.39 -4.39
N GLY A 95 6.90 -2.27 -3.65
CA GLY A 95 8.07 -3.15 -3.90
C GLY A 95 8.86 -3.37 -2.60
N MET A 96 9.73 -4.34 -2.58
CA MET A 96 10.51 -4.60 -1.33
C MET A 96 11.95 -4.08 -1.50
N GLY A 97 12.45 -4.06 -2.70
CA GLY A 97 13.84 -3.56 -2.92
C GLY A 97 14.18 -3.65 -4.40
N ASP A 98 14.78 -4.74 -4.82
CA ASP A 98 15.16 -4.88 -6.25
C ASP A 98 13.89 -4.92 -7.13
N LYS A 99 13.11 -5.96 -7.02
CA LYS A 99 11.88 -6.05 -7.85
C LYS A 99 10.77 -5.20 -7.25
N GLN A 100 10.43 -4.11 -7.88
CA GLN A 100 9.36 -3.23 -7.33
C GLN A 100 8.39 -2.82 -8.45
N ILE A 101 7.16 -2.60 -8.12
CA ILE A 101 6.17 -2.20 -9.16
C ILE A 101 5.58 -0.82 -8.82
N ASN A 102 5.12 -0.10 -9.81
CA ASN A 102 4.56 1.25 -9.54
C ASN A 102 3.35 1.52 -10.45
N HIS A 103 2.30 2.06 -9.90
CA HIS A 103 1.09 2.36 -10.74
C HIS A 103 0.78 3.85 -10.69
N HIS A 104 -0.11 4.30 -11.55
CA HIS A 104 -0.47 5.74 -11.57
C HIS A 104 -1.99 5.90 -11.57
N TRP A 105 -2.56 6.29 -10.47
CA TRP A 105 -4.04 6.46 -10.40
C TRP A 105 -4.45 7.85 -10.86
N HIS A 106 -5.12 7.96 -11.97
CA HIS A 106 -5.56 9.30 -12.46
C HIS A 106 -6.71 9.14 -13.45
N LYS A 107 -7.92 9.40 -13.02
CA LYS A 107 -9.09 9.27 -13.93
C LYS A 107 -9.57 10.64 -14.39
N ALA A 108 -9.07 11.69 -13.79
CA ALA A 108 -9.50 13.06 -14.21
C ALA A 108 -8.76 13.49 -15.47
N GLY A 109 -9.48 13.85 -16.50
CA GLY A 109 -8.82 14.27 -17.77
C GLY A 109 -9.67 15.34 -18.45
N SER A 110 -9.72 16.52 -17.88
CA SER A 110 -10.53 17.61 -18.50
C SER A 110 -9.88 18.97 -18.21
N THR A 111 -9.14 19.49 -19.15
CA THR A 111 -8.48 20.82 -18.93
C THR A 111 -8.58 21.67 -20.20
#